data_2OQK
# 
_entry.id   2OQK 
# 
_audit_conform.dict_name       mmcif_pdbx.dic 
_audit_conform.dict_version    5.399 
_audit_conform.dict_location   http://mmcif.pdb.org/dictionaries/ascii/mmcif_pdbx.dic 
# 
loop_
_database_2.database_id 
_database_2.database_code 
_database_2.pdbx_database_accession 
_database_2.pdbx_DOI 
PDB   2OQK         pdb_00002oqk 10.2210/pdb2oqk/pdb 
RCSB  RCSB041464   ?            ?                   
WWPDB D_1000041464 ?            ?                   
# 
loop_
_pdbx_audit_revision_history.ordinal 
_pdbx_audit_revision_history.data_content_type 
_pdbx_audit_revision_history.major_revision 
_pdbx_audit_revision_history.minor_revision 
_pdbx_audit_revision_history.revision_date 
1 'Structure model' 1 0 2007-02-13 
2 'Structure model' 1 1 2008-05-01 
3 'Structure model' 1 2 2011-07-13 
4 'Structure model' 1 3 2023-12-27 
5 'Structure model' 1 4 2024-11-20 
# 
_pdbx_audit_revision_details.ordinal             1 
_pdbx_audit_revision_details.revision_ordinal    1 
_pdbx_audit_revision_details.data_content_type   'Structure model' 
_pdbx_audit_revision_details.provider            repository 
_pdbx_audit_revision_details.type                'Initial release' 
_pdbx_audit_revision_details.description         ? 
_pdbx_audit_revision_details.details             ? 
# 
loop_
_pdbx_audit_revision_group.ordinal 
_pdbx_audit_revision_group.revision_ordinal 
_pdbx_audit_revision_group.data_content_type 
_pdbx_audit_revision_group.group 
1 2 'Structure model' 'Version format compliance' 
2 3 'Structure model' 'Derived calculations'      
3 3 'Structure model' 'Version format compliance' 
4 4 'Structure model' 'Data collection'           
5 4 'Structure model' 'Database references'       
6 4 'Structure model' 'Derived calculations'      
7 5 'Structure model' 'Structure summary'         
# 
loop_
_pdbx_audit_revision_category.ordinal 
_pdbx_audit_revision_category.revision_ordinal 
_pdbx_audit_revision_category.data_content_type 
_pdbx_audit_revision_category.category 
1 4 'Structure model' chem_comp_atom            
2 4 'Structure model' chem_comp_bond            
3 4 'Structure model' database_2                
4 4 'Structure model' struct_conn               
5 4 'Structure model' struct_ref_seq_dif        
6 4 'Structure model' struct_site               
7 5 'Structure model' pdbx_entry_details        
8 5 'Structure model' pdbx_modification_feature 
# 
loop_
_pdbx_audit_revision_item.ordinal 
_pdbx_audit_revision_item.revision_ordinal 
_pdbx_audit_revision_item.data_content_type 
_pdbx_audit_revision_item.item 
1 4 'Structure model' '_database_2.pdbx_DOI'                
2 4 'Structure model' '_database_2.pdbx_database_accession' 
3 4 'Structure model' '_struct_conn.pdbx_leaving_atom_flag' 
4 4 'Structure model' '_struct_ref_seq_dif.details'         
5 4 'Structure model' '_struct_site.pdbx_auth_asym_id'      
6 4 'Structure model' '_struct_site.pdbx_auth_comp_id'      
7 4 'Structure model' '_struct_site.pdbx_auth_seq_id'       
# 
_pdbx_database_status.status_code                     REL 
_pdbx_database_status.entry_id                        2OQK 
_pdbx_database_status.recvd_initial_deposition_date   2007-01-31 
_pdbx_database_status.deposit_site                    RCSB 
_pdbx_database_status.process_site                    RCSB 
_pdbx_database_status.status_code_sf                  REL 
_pdbx_database_status.status_code_mr                  ? 
_pdbx_database_status.SG_entry                        Y 
_pdbx_database_status.pdb_format_compatible           Y 
_pdbx_database_status.status_code_cs                  ? 
_pdbx_database_status.status_code_nmr_data            ? 
_pdbx_database_status.methods_development_category    ? 
# 
loop_
_audit_author.name 
_audit_author.pdbx_ordinal 
'Dong, A.'                             1  
'Lew, J.'                              2  
'Zhao, Y.'                             3  
'Hassanali, A.'                        4  
'Lin, L.'                              5  
'Qiu, W.'                              6  
'Brokx, S.J.'                          7  
'Wasney, G.'                           8  
'Vedadi, M.'                           9  
'Kozieradzki, I.'                      10 
'Bochkarev, A.'                        11 
'Edwards, A.M.'                        12 
'Arrowsmith, C.H.'                     13 
'Weigelt, J.'                          14 
'Sundstrom, M.'                        15 
'Hui, R.'                              16 
'Altamentova, S.'                      17 
'Structural Genomics Consortium (SGC)' 18 
# 
_citation.id                        primary 
_citation.title                     'Crystal structure of putative Cryptosporidium parvum translation initiation factor eIF-1A' 
_citation.journal_abbrev            'To be Published' 
_citation.journal_volume            ? 
_citation.page_first                ? 
_citation.page_last                 ? 
_citation.year                      ? 
_citation.journal_id_ASTM           ? 
_citation.country                   ? 
_citation.journal_id_ISSN           ? 
_citation.journal_id_CSD            0353 
_citation.book_publisher            ? 
_citation.pdbx_database_id_PubMed   ? 
_citation.pdbx_database_id_DOI      ? 
# 
loop_
_citation_author.citation_id 
_citation_author.name 
_citation_author.ordinal 
_citation_author.identifier_ORCID 
primary 'Dong, A.'         1  ? 
primary 'Lew, J.'          2  ? 
primary 'Zhao, Y.'         3  ? 
primary 'Hassanali, A.'    4  ? 
primary 'Lin, L.'          5  ? 
primary 'Qiu, W.'          6  ? 
primary 'Brokx, S.J.'      7  ? 
primary 'Wasney, G.'       8  ? 
primary 'Vedadi, M.'       9  ? 
primary 'Kozieradzki, I.'  10 ? 
primary 'Bochkarev, A.'    11 ? 
primary 'Edwards, A.M.'    12 ? 
primary 'Arrowsmith, C.H.' 13 ? 
primary 'Weigelt, J.'      14 ? 
primary 'Sundstrom, M.'    15 ? 
primary 'Hui, R.'          16 ? 
primary 'Altamentova, S.'  17 ? 
# 
loop_
_entity.id 
_entity.type 
_entity.src_method 
_entity.pdbx_description 
_entity.formula_weight 
_entity.pdbx_number_of_molecules 
_entity.pdbx_ec 
_entity.pdbx_mutation 
_entity.pdbx_fragment 
_entity.details 
1 polymer     man 'Putative translation initiation factor eIF-1A' 13564.092 1   ? ? ? ? 
2 non-polymer syn 'SULFATE ION'                                   96.063    1   ? ? ? ? 
3 water       nat water                                           18.015    148 ? ? ? ? 
# 
_entity_poly.entity_id                      1 
_entity_poly.type                           'polypeptide(L)' 
_entity_poly.nstd_linkage                   no 
_entity_poly.nstd_monomer                   yes 
_entity_poly.pdbx_seq_one_letter_code       
;(MSE)PKNKGKGGKNRRRGKNDSEGDKRELVFKEEGQEYGQVQR(MSE)LGNGRLDAYCFDGQKRLCHIRGK(MSE)RKK
VWVNPGDIVLVSLRDFQDSKGDIILKYTPDEARALKSKGEIPETTKINE
;
_entity_poly.pdbx_seq_one_letter_code_can   
;MPKNKGKGGKNRRRGKNDSEGDKRELVFKEEGQEYGQVQRMLGNGRLDAYCFDGQKRLCHIRGKMRKKVWVNPGDIVLVS
LRDFQDSKGDIILKYTPDEARALKSKGEIPETTKINE
;
_entity_poly.pdbx_strand_id                 A 
_entity_poly.pdbx_target_identifier         ? 
# 
loop_
_pdbx_entity_nonpoly.entity_id 
_pdbx_entity_nonpoly.name 
_pdbx_entity_nonpoly.comp_id 
2 'SULFATE ION' SO4 
3 water         HOH 
# 
loop_
_entity_poly_seq.entity_id 
_entity_poly_seq.num 
_entity_poly_seq.mon_id 
_entity_poly_seq.hetero 
1 1   MSE n 
1 2   PRO n 
1 3   LYS n 
1 4   ASN n 
1 5   LYS n 
1 6   GLY n 
1 7   LYS n 
1 8   GLY n 
1 9   GLY n 
1 10  LYS n 
1 11  ASN n 
1 12  ARG n 
1 13  ARG n 
1 14  ARG n 
1 15  GLY n 
1 16  LYS n 
1 17  ASN n 
1 18  ASP n 
1 19  SER n 
1 20  GLU n 
1 21  GLY n 
1 22  ASP n 
1 23  LYS n 
1 24  ARG n 
1 25  GLU n 
1 26  LEU n 
1 27  VAL n 
1 28  PHE n 
1 29  LYS n 
1 30  GLU n 
1 31  GLU n 
1 32  GLY n 
1 33  GLN n 
1 34  GLU n 
1 35  TYR n 
1 36  GLY n 
1 37  GLN n 
1 38  VAL n 
1 39  GLN n 
1 40  ARG n 
1 41  MSE n 
1 42  LEU n 
1 43  GLY n 
1 44  ASN n 
1 45  GLY n 
1 46  ARG n 
1 47  LEU n 
1 48  ASP n 
1 49  ALA n 
1 50  TYR n 
1 51  CYS n 
1 52  PHE n 
1 53  ASP n 
1 54  GLY n 
1 55  GLN n 
1 56  LYS n 
1 57  ARG n 
1 58  LEU n 
1 59  CYS n 
1 60  HIS n 
1 61  ILE n 
1 62  ARG n 
1 63  GLY n 
1 64  LYS n 
1 65  MSE n 
1 66  ARG n 
1 67  LYS n 
1 68  LYS n 
1 69  VAL n 
1 70  TRP n 
1 71  VAL n 
1 72  ASN n 
1 73  PRO n 
1 74  GLY n 
1 75  ASP n 
1 76  ILE n 
1 77  VAL n 
1 78  LEU n 
1 79  VAL n 
1 80  SER n 
1 81  LEU n 
1 82  ARG n 
1 83  ASP n 
1 84  PHE n 
1 85  GLN n 
1 86  ASP n 
1 87  SER n 
1 88  LYS n 
1 89  GLY n 
1 90  ASP n 
1 91  ILE n 
1 92  ILE n 
1 93  LEU n 
1 94  LYS n 
1 95  TYR n 
1 96  THR n 
1 97  PRO n 
1 98  ASP n 
1 99  GLU n 
1 100 ALA n 
1 101 ARG n 
1 102 ALA n 
1 103 LEU n 
1 104 LYS n 
1 105 SER n 
1 106 LYS n 
1 107 GLY n 
1 108 GLU n 
1 109 ILE n 
1 110 PRO n 
1 111 GLU n 
1 112 THR n 
1 113 THR n 
1 114 LYS n 
1 115 ILE n 
1 116 ASN n 
1 117 GLU n 
# 
_entity_src_gen.entity_id                          1 
_entity_src_gen.pdbx_src_id                        1 
_entity_src_gen.pdbx_alt_source_flag               sample 
_entity_src_gen.pdbx_seq_type                      ? 
_entity_src_gen.pdbx_beg_seq_num                   ? 
_entity_src_gen.pdbx_end_seq_num                   ? 
_entity_src_gen.gene_src_common_name               ? 
_entity_src_gen.gene_src_genus                     Cryptosporidium 
_entity_src_gen.pdbx_gene_src_gene                 cgd8_3330 
_entity_src_gen.gene_src_species                   'Cryptosporidium parvum' 
_entity_src_gen.gene_src_strain                    'Iowa type II' 
_entity_src_gen.gene_src_tissue                    ? 
_entity_src_gen.gene_src_tissue_fraction           ? 
_entity_src_gen.gene_src_details                   ? 
_entity_src_gen.pdbx_gene_src_fragment             ? 
_entity_src_gen.pdbx_gene_src_scientific_name      'Cryptosporidium parvum Iowa II' 
_entity_src_gen.pdbx_gene_src_ncbi_taxonomy_id     353152 
_entity_src_gen.pdbx_gene_src_variant              ? 
_entity_src_gen.pdbx_gene_src_cell_line            ? 
_entity_src_gen.pdbx_gene_src_atcc                 ? 
_entity_src_gen.pdbx_gene_src_organ                ? 
_entity_src_gen.pdbx_gene_src_organelle            ? 
_entity_src_gen.pdbx_gene_src_cell                 ? 
_entity_src_gen.pdbx_gene_src_cellular_location    ? 
_entity_src_gen.host_org_common_name               ? 
_entity_src_gen.pdbx_host_org_scientific_name      'Escherichia coli' 
_entity_src_gen.pdbx_host_org_ncbi_taxonomy_id     562 
_entity_src_gen.host_org_genus                     Escherichia 
_entity_src_gen.pdbx_host_org_gene                 ? 
_entity_src_gen.pdbx_host_org_organ                ? 
_entity_src_gen.host_org_species                   ? 
_entity_src_gen.pdbx_host_org_tissue               ? 
_entity_src_gen.pdbx_host_org_tissue_fraction      ? 
_entity_src_gen.pdbx_host_org_strain               'BL21 Rosetta-R3' 
_entity_src_gen.pdbx_host_org_variant              ? 
_entity_src_gen.pdbx_host_org_cell_line            ? 
_entity_src_gen.pdbx_host_org_atcc                 ? 
_entity_src_gen.pdbx_host_org_culture_collection   ? 
_entity_src_gen.pdbx_host_org_cell                 ? 
_entity_src_gen.pdbx_host_org_organelle            ? 
_entity_src_gen.pdbx_host_org_cellular_location    ? 
_entity_src_gen.pdbx_host_org_vector_type          PLASMID 
_entity_src_gen.pdbx_host_org_vector               ? 
_entity_src_gen.host_org_details                   ? 
_entity_src_gen.expression_system_id               ? 
_entity_src_gen.plasmid_name                       'p15-tev-lic DERIVED FROM PET15' 
_entity_src_gen.plasmid_details                    ? 
_entity_src_gen.pdbx_description                   ? 
# 
loop_
_chem_comp.id 
_chem_comp.type 
_chem_comp.mon_nstd_flag 
_chem_comp.name 
_chem_comp.pdbx_synonyms 
_chem_comp.formula 
_chem_comp.formula_weight 
ALA 'L-peptide linking' y ALANINE          ? 'C3 H7 N O2'     89.093  
ARG 'L-peptide linking' y ARGININE         ? 'C6 H15 N4 O2 1' 175.209 
ASN 'L-peptide linking' y ASPARAGINE       ? 'C4 H8 N2 O3'    132.118 
ASP 'L-peptide linking' y 'ASPARTIC ACID'  ? 'C4 H7 N O4'     133.103 
CYS 'L-peptide linking' y CYSTEINE         ? 'C3 H7 N O2 S'   121.158 
GLN 'L-peptide linking' y GLUTAMINE        ? 'C5 H10 N2 O3'   146.144 
GLU 'L-peptide linking' y 'GLUTAMIC ACID'  ? 'C5 H9 N O4'     147.129 
GLY 'peptide linking'   y GLYCINE          ? 'C2 H5 N O2'     75.067  
HIS 'L-peptide linking' y HISTIDINE        ? 'C6 H10 N3 O2 1' 156.162 
HOH non-polymer         . WATER            ? 'H2 O'           18.015  
ILE 'L-peptide linking' y ISOLEUCINE       ? 'C6 H13 N O2'    131.173 
LEU 'L-peptide linking' y LEUCINE          ? 'C6 H13 N O2'    131.173 
LYS 'L-peptide linking' y LYSINE           ? 'C6 H15 N2 O2 1' 147.195 
MET 'L-peptide linking' y METHIONINE       ? 'C5 H11 N O2 S'  149.211 
MSE 'L-peptide linking' n SELENOMETHIONINE ? 'C5 H11 N O2 Se' 196.106 
PHE 'L-peptide linking' y PHENYLALANINE    ? 'C9 H11 N O2'    165.189 
PRO 'L-peptide linking' y PROLINE          ? 'C5 H9 N O2'     115.130 
SER 'L-peptide linking' y SERINE           ? 'C3 H7 N O3'     105.093 
SO4 non-polymer         . 'SULFATE ION'    ? 'O4 S -2'        96.063  
THR 'L-peptide linking' y THREONINE        ? 'C4 H9 N O3'     119.119 
TRP 'L-peptide linking' y TRYPTOPHAN       ? 'C11 H12 N2 O2'  204.225 
TYR 'L-peptide linking' y TYROSINE         ? 'C9 H11 N O3'    181.189 
VAL 'L-peptide linking' y VALINE           ? 'C5 H11 N O2'    117.146 
# 
loop_
_pdbx_poly_seq_scheme.asym_id 
_pdbx_poly_seq_scheme.entity_id 
_pdbx_poly_seq_scheme.seq_id 
_pdbx_poly_seq_scheme.mon_id 
_pdbx_poly_seq_scheme.ndb_seq_num 
_pdbx_poly_seq_scheme.pdb_seq_num 
_pdbx_poly_seq_scheme.auth_seq_num 
_pdbx_poly_seq_scheme.pdb_mon_id 
_pdbx_poly_seq_scheme.auth_mon_id 
_pdbx_poly_seq_scheme.pdb_strand_id 
_pdbx_poly_seq_scheme.pdb_ins_code 
_pdbx_poly_seq_scheme.hetero 
A 1 1   MSE 1   1   ?   ?   ?   A . n 
A 1 2   PRO 2   2   ?   ?   ?   A . n 
A 1 3   LYS 3   3   ?   ?   ?   A . n 
A 1 4   ASN 4   4   ?   ?   ?   A . n 
A 1 5   LYS 5   5   ?   ?   ?   A . n 
A 1 6   GLY 6   6   ?   ?   ?   A . n 
A 1 7   LYS 7   7   ?   ?   ?   A . n 
A 1 8   GLY 8   8   ?   ?   ?   A . n 
A 1 9   GLY 9   9   ?   ?   ?   A . n 
A 1 10  LYS 10  10  ?   ?   ?   A . n 
A 1 11  ASN 11  11  ?   ?   ?   A . n 
A 1 12  ARG 12  12  ?   ?   ?   A . n 
A 1 13  ARG 13  13  ?   ?   ?   A . n 
A 1 14  ARG 14  14  ?   ?   ?   A . n 
A 1 15  GLY 15  15  ?   ?   ?   A . n 
A 1 16  LYS 16  16  ?   ?   ?   A . n 
A 1 17  ASN 17  17  ?   ?   ?   A . n 
A 1 18  ASP 18  18  ?   ?   ?   A . n 
A 1 19  SER 19  19  ?   ?   ?   A . n 
A 1 20  GLU 20  20  ?   ?   ?   A . n 
A 1 21  GLY 21  21  ?   ?   ?   A . n 
A 1 22  ASP 22  22  22  ASP ASP A . n 
A 1 23  LYS 23  23  23  LYS LYS A . n 
A 1 24  ARG 24  24  24  ARG ARG A . n 
A 1 25  GLU 25  25  25  GLU GLU A . n 
A 1 26  LEU 26  26  26  LEU LEU A . n 
A 1 27  VAL 27  27  27  VAL VAL A . n 
A 1 28  PHE 28  28  28  PHE PHE A . n 
A 1 29  LYS 29  29  29  LYS LYS A . n 
A 1 30  GLU 30  30  30  GLU GLU A . n 
A 1 31  GLU 31  31  31  GLU GLU A . n 
A 1 32  GLY 32  32  32  GLY GLY A . n 
A 1 33  GLN 33  33  33  GLN GLN A . n 
A 1 34  GLU 34  34  34  GLU GLU A . n 
A 1 35  TYR 35  35  35  TYR TYR A . n 
A 1 36  GLY 36  36  36  GLY GLY A . n 
A 1 37  GLN 37  37  37  GLN GLN A . n 
A 1 38  VAL 38  38  38  VAL VAL A . n 
A 1 39  GLN 39  39  39  GLN GLN A . n 
A 1 40  ARG 40  40  40  ARG ARG A . n 
A 1 41  MSE 41  41  41  MSE MSE A . n 
A 1 42  LEU 42  42  42  LEU LEU A . n 
A 1 43  GLY 43  43  43  GLY GLY A . n 
A 1 44  ASN 44  44  44  ASN ASN A . n 
A 1 45  GLY 45  45  45  GLY GLY A . n 
A 1 46  ARG 46  46  46  ARG ARG A . n 
A 1 47  LEU 47  47  47  LEU LEU A . n 
A 1 48  ASP 48  48  48  ASP ASP A . n 
A 1 49  ALA 49  49  49  ALA ALA A . n 
A 1 50  TYR 50  50  50  TYR TYR A . n 
A 1 51  CYS 51  51  51  CYS CYS A . n 
A 1 52  PHE 52  52  52  PHE PHE A . n 
A 1 53  ASP 53  53  53  ASP ASP A . n 
A 1 54  GLY 54  54  54  GLY GLY A . n 
A 1 55  GLN 55  55  55  GLN GLN A . n 
A 1 56  LYS 56  56  56  LYS LYS A . n 
A 1 57  ARG 57  57  57  ARG ARG A . n 
A 1 58  LEU 58  58  58  LEU LEU A . n 
A 1 59  CYS 59  59  59  CYS CYS A . n 
A 1 60  HIS 60  60  60  HIS HIS A . n 
A 1 61  ILE 61  61  61  ILE ILE A . n 
A 1 62  ARG 62  62  62  ARG ARG A . n 
A 1 63  GLY 63  63  63  GLY GLY A . n 
A 1 64  LYS 64  64  64  LYS LYS A . n 
A 1 65  MSE 65  65  65  MSE MSE A . n 
A 1 66  ARG 66  66  66  ARG ARG A . n 
A 1 67  LYS 67  67  67  LYS LYS A . n 
A 1 68  LYS 68  68  68  LYS LYS A . n 
A 1 69  VAL 69  69  69  VAL VAL A . n 
A 1 70  TRP 70  70  70  TRP TRP A . n 
A 1 71  VAL 71  71  71  VAL VAL A . n 
A 1 72  ASN 72  72  72  ASN ASN A . n 
A 1 73  PRO 73  73  73  PRO PRO A . n 
A 1 74  GLY 74  74  74  GLY GLY A . n 
A 1 75  ASP 75  75  75  ASP ASP A . n 
A 1 76  ILE 76  76  76  ILE ILE A . n 
A 1 77  VAL 77  77  77  VAL VAL A . n 
A 1 78  LEU 78  78  78  LEU LEU A . n 
A 1 79  VAL 79  79  79  VAL VAL A . n 
A 1 80  SER 80  80  80  SER SER A . n 
A 1 81  LEU 81  81  81  LEU LEU A . n 
A 1 82  ARG 82  82  82  ARG ARG A . n 
A 1 83  ASP 83  83  83  ASP ASP A . n 
A 1 84  PHE 84  84  84  PHE PHE A . n 
A 1 85  GLN 85  85  85  GLN GLN A . n 
A 1 86  ASP 86  86  86  ASP ASP A . n 
A 1 87  SER 87  87  87  SER SER A . n 
A 1 88  LYS 88  88  88  LYS LYS A . n 
A 1 89  GLY 89  89  89  GLY GLY A . n 
A 1 90  ASP 90  90  90  ASP ASP A . n 
A 1 91  ILE 91  91  91  ILE ILE A . n 
A 1 92  ILE 92  92  92  ILE ILE A . n 
A 1 93  LEU 93  93  93  LEU LEU A . n 
A 1 94  LYS 94  94  94  LYS LYS A . n 
A 1 95  TYR 95  95  95  TYR TYR A . n 
A 1 96  THR 96  96  96  THR THR A . n 
A 1 97  PRO 97  97  97  PRO PRO A . n 
A 1 98  ASP 98  98  98  ASP ASP A . n 
A 1 99  GLU 99  99  99  GLU GLU A . n 
A 1 100 ALA 100 100 100 ALA ALA A . n 
A 1 101 ARG 101 101 101 ARG ARG A . n 
A 1 102 ALA 102 102 102 ALA ALA A . n 
A 1 103 LEU 103 103 103 LEU LEU A . n 
A 1 104 LYS 104 104 104 LYS LYS A . n 
A 1 105 SER 105 105 105 SER SER A . n 
A 1 106 LYS 106 106 106 LYS LYS A . n 
A 1 107 GLY 107 107 107 GLY GLY A . n 
A 1 108 GLU 108 108 108 GLU GLU A . n 
A 1 109 ILE 109 109 109 ILE ILE A . n 
A 1 110 PRO 110 110 110 PRO PRO A . n 
A 1 111 GLU 111 111 111 GLU GLU A . n 
A 1 112 THR 112 112 112 THR THR A . n 
A 1 113 THR 113 113 113 THR THR A . n 
A 1 114 LYS 114 114 114 LYS LYS A . n 
A 1 115 ILE 115 115 115 ILE ILE A . n 
A 1 116 ASN 116 116 ?   ?   ?   A . n 
A 1 117 GLU 117 117 ?   ?   ?   A . n 
# 
loop_
_pdbx_nonpoly_scheme.asym_id 
_pdbx_nonpoly_scheme.entity_id 
_pdbx_nonpoly_scheme.mon_id 
_pdbx_nonpoly_scheme.ndb_seq_num 
_pdbx_nonpoly_scheme.pdb_seq_num 
_pdbx_nonpoly_scheme.auth_seq_num 
_pdbx_nonpoly_scheme.pdb_mon_id 
_pdbx_nonpoly_scheme.auth_mon_id 
_pdbx_nonpoly_scheme.pdb_strand_id 
_pdbx_nonpoly_scheme.pdb_ins_code 
B 2 SO4 1   201 2003 SO4 SO4 A . 
C 3 HOH 1   202 1    HOH HOH A . 
C 3 HOH 2   203 2    HOH HOH A . 
C 3 HOH 3   204 3    HOH HOH A . 
C 3 HOH 4   205 4    HOH HOH A . 
C 3 HOH 5   206 5    HOH HOH A . 
C 3 HOH 6   207 6    HOH HOH A . 
C 3 HOH 7   208 7    HOH HOH A . 
C 3 HOH 8   209 8    HOH HOH A . 
C 3 HOH 9   210 9    HOH HOH A . 
C 3 HOH 10  211 10   HOH HOH A . 
C 3 HOH 11  212 11   HOH HOH A . 
C 3 HOH 12  213 12   HOH HOH A . 
C 3 HOH 13  214 13   HOH HOH A . 
C 3 HOH 14  215 14   HOH HOH A . 
C 3 HOH 15  216 15   HOH HOH A . 
C 3 HOH 16  217 16   HOH HOH A . 
C 3 HOH 17  218 17   HOH HOH A . 
C 3 HOH 18  219 18   HOH HOH A . 
C 3 HOH 19  220 19   HOH HOH A . 
C 3 HOH 20  221 20   HOH HOH A . 
C 3 HOH 21  222 21   HOH HOH A . 
C 3 HOH 22  223 22   HOH HOH A . 
C 3 HOH 23  224 23   HOH HOH A . 
C 3 HOH 24  225 24   HOH HOH A . 
C 3 HOH 25  226 25   HOH HOH A . 
C 3 HOH 26  227 26   HOH HOH A . 
C 3 HOH 27  228 27   HOH HOH A . 
C 3 HOH 28  229 28   HOH HOH A . 
C 3 HOH 29  230 29   HOH HOH A . 
C 3 HOH 30  231 30   HOH HOH A . 
C 3 HOH 31  232 31   HOH HOH A . 
C 3 HOH 32  233 32   HOH HOH A . 
C 3 HOH 33  234 33   HOH HOH A . 
C 3 HOH 34  235 34   HOH HOH A . 
C 3 HOH 35  236 35   HOH HOH A . 
C 3 HOH 36  237 36   HOH HOH A . 
C 3 HOH 37  238 37   HOH HOH A . 
C 3 HOH 38  239 38   HOH HOH A . 
C 3 HOH 39  240 39   HOH HOH A . 
C 3 HOH 40  241 40   HOH HOH A . 
C 3 HOH 41  242 41   HOH HOH A . 
C 3 HOH 42  243 42   HOH HOH A . 
C 3 HOH 43  244 43   HOH HOH A . 
C 3 HOH 44  245 44   HOH HOH A . 
C 3 HOH 45  246 45   HOH HOH A . 
C 3 HOH 46  247 46   HOH HOH A . 
C 3 HOH 47  248 47   HOH HOH A . 
C 3 HOH 48  249 48   HOH HOH A . 
C 3 HOH 49  250 49   HOH HOH A . 
C 3 HOH 50  251 50   HOH HOH A . 
C 3 HOH 51  252 51   HOH HOH A . 
C 3 HOH 52  253 52   HOH HOH A . 
C 3 HOH 53  254 53   HOH HOH A . 
C 3 HOH 54  255 54   HOH HOH A . 
C 3 HOH 55  256 55   HOH HOH A . 
C 3 HOH 56  257 56   HOH HOH A . 
C 3 HOH 57  258 57   HOH HOH A . 
C 3 HOH 58  259 58   HOH HOH A . 
C 3 HOH 59  260 59   HOH HOH A . 
C 3 HOH 60  261 60   HOH HOH A . 
C 3 HOH 61  262 61   HOH HOH A . 
C 3 HOH 62  263 62   HOH HOH A . 
C 3 HOH 63  264 63   HOH HOH A . 
C 3 HOH 64  265 64   HOH HOH A . 
C 3 HOH 65  266 65   HOH HOH A . 
C 3 HOH 66  267 66   HOH HOH A . 
C 3 HOH 67  268 67   HOH HOH A . 
C 3 HOH 68  269 68   HOH HOH A . 
C 3 HOH 69  270 69   HOH HOH A . 
C 3 HOH 70  271 70   HOH HOH A . 
C 3 HOH 71  272 71   HOH HOH A . 
C 3 HOH 72  273 72   HOH HOH A . 
C 3 HOH 73  274 73   HOH HOH A . 
C 3 HOH 74  275 74   HOH HOH A . 
C 3 HOH 75  276 75   HOH HOH A . 
C 3 HOH 76  277 76   HOH HOH A . 
C 3 HOH 77  278 77   HOH HOH A . 
C 3 HOH 78  279 78   HOH HOH A . 
C 3 HOH 79  280 79   HOH HOH A . 
C 3 HOH 80  281 80   HOH HOH A . 
C 3 HOH 81  282 81   HOH HOH A . 
C 3 HOH 82  283 82   HOH HOH A . 
C 3 HOH 83  284 83   HOH HOH A . 
C 3 HOH 84  285 84   HOH HOH A . 
C 3 HOH 85  286 85   HOH HOH A . 
C 3 HOH 86  287 86   HOH HOH A . 
C 3 HOH 87  288 87   HOH HOH A . 
C 3 HOH 88  289 88   HOH HOH A . 
C 3 HOH 89  290 89   HOH HOH A . 
C 3 HOH 90  291 90   HOH HOH A . 
C 3 HOH 91  292 91   HOH HOH A . 
C 3 HOH 92  293 92   HOH HOH A . 
C 3 HOH 93  294 93   HOH HOH A . 
C 3 HOH 94  295 94   HOH HOH A . 
C 3 HOH 95  296 95   HOH HOH A . 
C 3 HOH 96  297 96   HOH HOH A . 
C 3 HOH 97  298 97   HOH HOH A . 
C 3 HOH 98  299 98   HOH HOH A . 
C 3 HOH 99  300 99   HOH HOH A . 
C 3 HOH 100 301 100  HOH HOH A . 
C 3 HOH 101 302 101  HOH HOH A . 
C 3 HOH 102 303 102  HOH HOH A . 
C 3 HOH 103 304 103  HOH HOH A . 
C 3 HOH 104 305 104  HOH HOH A . 
C 3 HOH 105 306 105  HOH HOH A . 
C 3 HOH 106 307 106  HOH HOH A . 
C 3 HOH 107 308 107  HOH HOH A . 
C 3 HOH 108 309 108  HOH HOH A . 
C 3 HOH 109 310 109  HOH HOH A . 
C 3 HOH 110 311 110  HOH HOH A . 
C 3 HOH 111 312 111  HOH HOH A . 
C 3 HOH 112 313 112  HOH HOH A . 
C 3 HOH 113 314 113  HOH HOH A . 
C 3 HOH 114 315 114  HOH HOH A . 
C 3 HOH 115 316 115  HOH HOH A . 
C 3 HOH 116 317 116  HOH HOH A . 
C 3 HOH 117 318 117  HOH HOH A . 
C 3 HOH 118 319 118  HOH HOH A . 
C 3 HOH 119 320 119  HOH HOH A . 
C 3 HOH 120 321 120  HOH HOH A . 
C 3 HOH 121 322 121  HOH HOH A . 
C 3 HOH 122 323 122  HOH HOH A . 
C 3 HOH 123 324 123  HOH HOH A . 
C 3 HOH 124 325 124  HOH HOH A . 
C 3 HOH 125 326 125  HOH HOH A . 
C 3 HOH 126 327 126  HOH HOH A . 
C 3 HOH 127 328 127  HOH HOH A . 
C 3 HOH 128 329 128  HOH HOH A . 
C 3 HOH 129 330 129  HOH HOH A . 
C 3 HOH 130 331 130  HOH HOH A . 
C 3 HOH 131 332 131  HOH HOH A . 
C 3 HOH 132 333 133  HOH HOH A . 
C 3 HOH 133 334 134  HOH HOH A . 
C 3 HOH 134 335 135  HOH HOH A . 
C 3 HOH 135 336 136  HOH HOH A . 
C 3 HOH 136 337 137  HOH HOH A . 
C 3 HOH 137 338 138  HOH HOH A . 
C 3 HOH 138 339 140  HOH HOH A . 
C 3 HOH 139 340 141  HOH HOH A . 
C 3 HOH 140 341 142  HOH HOH A . 
C 3 HOH 141 342 143  HOH HOH A . 
C 3 HOH 142 343 144  HOH HOH A . 
C 3 HOH 143 344 145  HOH HOH A . 
C 3 HOH 144 345 146  HOH HOH A . 
C 3 HOH 145 346 147  HOH HOH A . 
C 3 HOH 146 347 148  HOH HOH A . 
C 3 HOH 147 348 149  HOH HOH A . 
C 3 HOH 148 349 150  HOH HOH A . 
# 
loop_
_pdbx_unobs_or_zero_occ_atoms.id 
_pdbx_unobs_or_zero_occ_atoms.PDB_model_num 
_pdbx_unobs_or_zero_occ_atoms.polymer_flag 
_pdbx_unobs_or_zero_occ_atoms.occupancy_flag 
_pdbx_unobs_or_zero_occ_atoms.auth_asym_id 
_pdbx_unobs_or_zero_occ_atoms.auth_comp_id 
_pdbx_unobs_or_zero_occ_atoms.auth_seq_id 
_pdbx_unobs_or_zero_occ_atoms.PDB_ins_code 
_pdbx_unobs_or_zero_occ_atoms.auth_atom_id 
_pdbx_unobs_or_zero_occ_atoms.label_alt_id 
_pdbx_unobs_or_zero_occ_atoms.label_asym_id 
_pdbx_unobs_or_zero_occ_atoms.label_comp_id 
_pdbx_unobs_or_zero_occ_atoms.label_seq_id 
_pdbx_unobs_or_zero_occ_atoms.label_atom_id 
1  1 Y 1 A GLU 25 ? CG  ? A GLU 25 CG  
2  1 Y 1 A GLU 25 ? CD  ? A GLU 25 CD  
3  1 Y 1 A GLU 25 ? OE1 ? A GLU 25 OE1 
4  1 Y 1 A GLU 25 ? OE2 ? A GLU 25 OE2 
5  1 Y 1 A GLU 31 ? CD  ? A GLU 31 CD  
6  1 Y 1 A GLU 31 ? OE1 ? A GLU 31 OE1 
7  1 Y 1 A GLU 31 ? OE2 ? A GLU 31 OE2 
8  1 Y 1 A ASN 44 ? CG  ? A ASN 44 CG  
9  1 Y 1 A ASN 44 ? OD1 ? A ASN 44 OD1 
10 1 Y 1 A ASN 44 ? ND2 ? A ASN 44 ND2 
11 1 Y 1 A LYS 56 ? CE  ? A LYS 56 CE  
12 1 Y 1 A LYS 56 ? NZ  ? A LYS 56 NZ  
13 1 Y 1 A LYS 64 ? CE  ? A LYS 64 CE  
14 1 Y 1 A LYS 64 ? NZ  ? A LYS 64 NZ  
15 1 Y 1 A ARG 66 ? CZ  ? A ARG 66 CZ  
16 1 Y 1 A ARG 66 ? NH1 ? A ARG 66 NH1 
17 1 Y 1 A ARG 66 ? NH2 ? A ARG 66 NH2 
18 1 Y 1 A LYS 67 ? CD  ? A LYS 67 CD  
19 1 Y 1 A LYS 67 ? CE  ? A LYS 67 CE  
20 1 Y 1 A LYS 67 ? NZ  ? A LYS 67 NZ  
# 
loop_
_software.name 
_software.classification 
_software.version 
_software.citation_id 
_software.pdbx_ordinal 
REFMAC   refinement        5.2.0019 ? 1 
CBASS    'data collection' .        ? 2 
HKL-2000 'data reduction'  .        ? 3 
HKL-2000 'data scaling'    .        ? 4 
SOLVE    phasing           .        ? 5 
RESOLVE  phasing           .        ? 6 
# 
_cell.entry_id           2OQK 
_cell.length_a           94.769 
_cell.length_b           94.769 
_cell.length_c           113.883 
_cell.angle_alpha        90.00 
_cell.angle_beta         90.00 
_cell.angle_gamma        120.00 
_cell.Z_PDB              18 
_cell.pdbx_unique_axis   ? 
_cell.length_a_esd       ? 
_cell.length_b_esd       ? 
_cell.length_c_esd       ? 
_cell.angle_alpha_esd    ? 
_cell.angle_beta_esd     ? 
_cell.angle_gamma_esd    ? 
# 
_symmetry.entry_id                         2OQK 
_symmetry.space_group_name_H-M             'H 3 2' 
_symmetry.pdbx_full_space_group_name_H-M   ? 
_symmetry.cell_setting                     ? 
_symmetry.Int_Tables_number                155 
_symmetry.space_group_name_Hall            ? 
# 
_exptl.entry_id          2OQK 
_exptl.method            'X-RAY DIFFRACTION' 
_exptl.crystals_number   1 
# 
_exptl_crystal.id                    1 
_exptl_crystal.density_meas          ? 
_exptl_crystal.density_Matthews      3.63 
_exptl_crystal.density_percent_sol   66.09 
_exptl_crystal.description           ? 
_exptl_crystal.F_000                 ? 
_exptl_crystal.preparation           ? 
# 
_exptl_crystal_grow.crystal_id      1 
_exptl_crystal_grow.method          'VAPOR DIFFUSION, HANGING DROP' 
_exptl_crystal_grow.temp            297 
_exptl_crystal_grow.temp_details    ? 
_exptl_crystal_grow.pH              4.6 
_exptl_crystal_grow.pdbx_details    
'2.5 M Ammonium sulfate, 0.1M Sodium acetate, pH 4.6, VAPOR DIFFUSION, HANGING DROP, temperature 297K' 
_exptl_crystal_grow.pdbx_pH_range   . 
# 
_diffrn.id                     1 
_diffrn.ambient_temp           100 
_diffrn.ambient_temp_details   ? 
_diffrn.crystal_id             1 
# 
_diffrn_detector.diffrn_id              1 
_diffrn_detector.detector               CCD 
_diffrn_detector.type                   'ADSC QUANTUM 4' 
_diffrn_detector.pdbx_collection_date   2007-01-27 
_diffrn_detector.details                'Si(111)' 
# 
_diffrn_radiation.diffrn_id                        1 
_diffrn_radiation.wavelength_id                    1 
_diffrn_radiation.pdbx_monochromatic_or_laue_m_l   M 
_diffrn_radiation.monochromator                    ? 
_diffrn_radiation.pdbx_diffrn_protocol             'SINGLE WAVELENGTH' 
_diffrn_radiation.pdbx_scattering_type             x-ray 
# 
_diffrn_radiation_wavelength.id           1 
_diffrn_radiation_wavelength.wavelength   0.97970 
_diffrn_radiation_wavelength.wt           1.0 
# 
_diffrn_source.diffrn_id                   1 
_diffrn_source.source                      SYNCHROTRON 
_diffrn_source.type                        'NSLS BEAMLINE X8C' 
_diffrn_source.pdbx_synchrotron_site       NSLS 
_diffrn_source.pdbx_synchrotron_beamline   X8C 
_diffrn_source.pdbx_wavelength             ? 
_diffrn_source.pdbx_wavelength_list        0.97970 
# 
_reflns.entry_id                     2OQK 
_reflns.observed_criterion_sigma_F   0 
_reflns.observed_criterion_sigma_I   0 
_reflns.d_resolution_high            1.8 
_reflns.d_resolution_low             50 
_reflns.number_all                   18459 
_reflns.number_obs                   18459 
_reflns.percent_possible_obs         100 
_reflns.pdbx_Rmerge_I_obs            0.074 
_reflns.pdbx_Rsym_value              0.074 
_reflns.pdbx_netI_over_sigmaI        12.3 
_reflns.B_iso_Wilson_estimate        25.5 
_reflns.pdbx_redundancy              10.6 
_reflns.R_free_details               ? 
_reflns.limit_h_max                  ? 
_reflns.limit_h_min                  ? 
_reflns.limit_k_max                  ? 
_reflns.limit_k_min                  ? 
_reflns.limit_l_max                  ? 
_reflns.limit_l_min                  ? 
_reflns.observed_criterion_F_max     ? 
_reflns.observed_criterion_F_min     ? 
_reflns.pdbx_chi_squared             ? 
_reflns.pdbx_scaling_rejects         ? 
_reflns.pdbx_ordinal                 1 
_reflns.pdbx_diffrn_id               1 
# 
_reflns_shell.d_res_high             1.8 
_reflns_shell.d_res_low              1.84 
_reflns_shell.percent_possible_all   99.6 
_reflns_shell.Rmerge_I_obs           0.78 
_reflns_shell.pdbx_Rsym_value        0.78 
_reflns_shell.meanI_over_sigI_obs    2.11 
_reflns_shell.pdbx_redundancy        7.4 
_reflns_shell.percent_possible_obs   ? 
_reflns_shell.number_unique_all      1801 
_reflns_shell.number_measured_all    ? 
_reflns_shell.number_measured_obs    ? 
_reflns_shell.number_unique_obs      ? 
_reflns_shell.pdbx_chi_squared       ? 
_reflns_shell.pdbx_ordinal           1 
_reflns_shell.pdbx_diffrn_id         1 
# 
_refine.entry_id                                 2OQK 
_refine.ls_number_reflns_obs                     17497 
_refine.ls_number_reflns_all                     17497 
_refine.pdbx_ls_sigma_I                          0 
_refine.pdbx_ls_sigma_F                          0 
_refine.pdbx_data_cutoff_high_absF               ? 
_refine.pdbx_data_cutoff_low_absF                ? 
_refine.pdbx_data_cutoff_high_rms_absF           ? 
_refine.ls_d_res_low                             29.93 
_refine.ls_d_res_high                            1.80 
_refine.ls_percent_reflns_obs                    99.83 
_refine.ls_R_factor_obs                          0.20709 
_refine.ls_R_factor_all                          0.20709 
_refine.ls_R_factor_R_work                       0.20537 
_refine.ls_R_factor_R_free                       0.24099 
_refine.ls_R_factor_R_free_error                 ? 
_refine.ls_R_factor_R_free_error_details         ? 
_refine.ls_percent_reflns_R_free                 5.1 
_refine.ls_number_reflns_R_free                  943 
_refine.ls_number_parameters                     ? 
_refine.ls_number_restraints                     ? 
_refine.occupancy_min                            ? 
_refine.occupancy_max                            ? 
_refine.correlation_coeff_Fo_to_Fc               0.951 
_refine.correlation_coeff_Fo_to_Fc_free          0.927 
_refine.B_iso_mean                               26.668 
_refine.aniso_B[1][1]                            -0.15 
_refine.aniso_B[2][2]                            -0.15 
_refine.aniso_B[3][3]                            0.23 
_refine.aniso_B[1][2]                            -0.08 
_refine.aniso_B[1][3]                            0.00 
_refine.aniso_B[2][3]                            0.00 
_refine.solvent_model_details                    MASK 
_refine.solvent_model_param_ksol                 ? 
_refine.solvent_model_param_bsol                 ? 
_refine.pdbx_solvent_vdw_probe_radii             1.40 
_refine.pdbx_solvent_ion_probe_radii             0.80 
_refine.pdbx_solvent_shrinkage_radii             0.80 
_refine.pdbx_ls_cross_valid_method               THROUGHOUT 
_refine.details                                  
'HYDROGENS HAVE BEEN ADDED IN THE RIDING POSITIONS. SOLVE/RESOLVE 2.12, COOT 0.1.2 PROGRAMS WERE ALSO USED IN REFINEMENT' 
_refine.pdbx_starting_model                      ? 
_refine.pdbx_method_to_determine_struct          SAD 
_refine.pdbx_isotropic_thermal_model             ? 
_refine.pdbx_stereochemistry_target_values       'MAXIMUM LIKELIHOOD' 
_refine.pdbx_stereochem_target_val_spec_case     ? 
_refine.pdbx_R_Free_selection_details            RANDOM 
_refine.pdbx_overall_ESU_R                       0.096 
_refine.pdbx_overall_ESU_R_Free                  0.100 
_refine.overall_SU_ML                            0.070 
_refine.overall_SU_B                             2.217 
_refine.ls_redundancy_reflns_obs                 ? 
_refine.B_iso_min                                ? 
_refine.B_iso_max                                ? 
_refine.overall_SU_R_Cruickshank_DPI             ? 
_refine.overall_SU_R_free                        ? 
_refine.ls_wR_factor_R_free                      ? 
_refine.ls_wR_factor_R_work                      ? 
_refine.overall_FOM_free_R_set                   ? 
_refine.overall_FOM_work_R_set                   ? 
_refine.pdbx_refine_id                           'X-RAY DIFFRACTION' 
_refine.pdbx_diffrn_id                           1 
_refine.pdbx_TLS_residual_ADP_flag               ? 
_refine.pdbx_overall_phase_error                 ? 
_refine.pdbx_overall_SU_R_free_Cruickshank_DPI   ? 
_refine.pdbx_overall_SU_R_Blow_DPI               ? 
_refine.pdbx_overall_SU_R_free_Blow_DPI          ? 
# 
_refine_hist.pdbx_refine_id                   'X-RAY DIFFRACTION' 
_refine_hist.cycle_id                         LAST 
_refine_hist.pdbx_number_atoms_protein        741 
_refine_hist.pdbx_number_atoms_nucleic_acid   0 
_refine_hist.pdbx_number_atoms_ligand         5 
_refine_hist.number_atoms_solvent             148 
_refine_hist.number_atoms_total               894 
_refine_hist.d_res_high                       1.80 
_refine_hist.d_res_low                        29.93 
# 
loop_
_refine_ls_restr.type 
_refine_ls_restr.dev_ideal 
_refine_ls_restr.dev_ideal_target 
_refine_ls_restr.weight 
_refine_ls_restr.number 
_refine_ls_restr.pdbx_refine_id 
_refine_ls_restr.pdbx_restraint_function 
r_bond_refined_d             0.014  0.022  ? 765  'X-RAY DIFFRACTION' ? 
r_bond_other_d               ?      ?      ? ?    'X-RAY DIFFRACTION' ? 
r_angle_refined_deg          1.464  1.984  ? 1026 'X-RAY DIFFRACTION' ? 
r_angle_other_deg            ?      ?      ? ?    'X-RAY DIFFRACTION' ? 
r_dihedral_angle_1_deg       5.678  5.000  ? 95   'X-RAY DIFFRACTION' ? 
r_dihedral_angle_2_deg       37.315 23.529 ? 34   'X-RAY DIFFRACTION' ? 
r_dihedral_angle_3_deg       13.363 15.000 ? 149  'X-RAY DIFFRACTION' ? 
r_dihedral_angle_4_deg       14.751 15.000 ? 7    'X-RAY DIFFRACTION' ? 
r_chiral_restr               0.113  0.200  ? 110  'X-RAY DIFFRACTION' ? 
r_gen_planes_refined         0.006  0.020  ? 564  'X-RAY DIFFRACTION' ? 
r_gen_planes_other           ?      ?      ? ?    'X-RAY DIFFRACTION' ? 
r_nbd_refined                0.206  0.200  ? 305  'X-RAY DIFFRACTION' ? 
r_nbd_other                  ?      ?      ? ?    'X-RAY DIFFRACTION' ? 
r_nbtor_refined              0.305  0.200  ? 523  'X-RAY DIFFRACTION' ? 
r_nbtor_other                ?      ?      ? ?    'X-RAY DIFFRACTION' ? 
r_xyhbond_nbd_refined        0.132  0.200  ? 90   'X-RAY DIFFRACTION' ? 
r_xyhbond_nbd_other          ?      ?      ? ?    'X-RAY DIFFRACTION' ? 
r_metal_ion_refined          ?      ?      ? ?    'X-RAY DIFFRACTION' ? 
r_metal_ion_other            ?      ?      ? ?    'X-RAY DIFFRACTION' ? 
r_symmetry_vdw_refined       0.177  0.200  ? 24   'X-RAY DIFFRACTION' ? 
r_symmetry_vdw_other         ?      ?      ? ?    'X-RAY DIFFRACTION' ? 
r_symmetry_hbond_refined     0.268  0.200  ? 20   'X-RAY DIFFRACTION' ? 
r_symmetry_hbond_other       ?      ?      ? ?    'X-RAY DIFFRACTION' ? 
r_symmetry_metal_ion_refined ?      ?      ? ?    'X-RAY DIFFRACTION' ? 
r_symmetry_metal_ion_other   ?      ?      ? ?    'X-RAY DIFFRACTION' ? 
r_mcbond_it                  1.082  1.500  ? 482  'X-RAY DIFFRACTION' ? 
r_mcbond_other               ?      ?      ? ?    'X-RAY DIFFRACTION' ? 
r_mcangle_it                 1.812  2.000  ? 753  'X-RAY DIFFRACTION' ? 
r_scbond_it                  2.756  3.000  ? 316  'X-RAY DIFFRACTION' ? 
r_scangle_it                 4.213  4.500  ? 273  'X-RAY DIFFRACTION' ? 
r_rigid_bond_restr           ?      ?      ? ?    'X-RAY DIFFRACTION' ? 
r_sphericity_free            ?      ?      ? ?    'X-RAY DIFFRACTION' ? 
r_sphericity_bonded          ?      ?      ? ?    'X-RAY DIFFRACTION' ? 
# 
_refine_ls_shell.pdbx_total_number_of_bins_used   20 
_refine_ls_shell.d_res_high                       1.80 
_refine_ls_shell.d_res_low                        1.85 
_refine_ls_shell.number_reflns_R_work             1253 
_refine_ls_shell.R_factor_R_work                  0.321 
_refine_ls_shell.percent_reflns_obs               99.33 
_refine_ls_shell.R_factor_R_free                  0.32 
_refine_ls_shell.R_factor_R_free_error            ? 
_refine_ls_shell.percent_reflns_R_free            ? 
_refine_ls_shell.number_reflns_R_free             80 
_refine_ls_shell.number_reflns_all                ? 
_refine_ls_shell.R_factor_all                     ? 
_refine_ls_shell.number_reflns_obs                ? 
_refine_ls_shell.redundancy_reflns_obs            ? 
_refine_ls_shell.pdbx_refine_id                   'X-RAY DIFFRACTION' 
# 
_struct.entry_id                  2OQK 
_struct.title                     'Crystal structure of putative Cryptosporidium parvum translation initiation factor eIF-1A' 
_struct.pdbx_model_details        ? 
_struct.pdbx_CASP_flag            ? 
_struct.pdbx_model_type_details   ? 
# 
_struct_keywords.entry_id        2OQK 
_struct_keywords.pdbx_keywords   TRANSLATION 
_struct_keywords.text            
;Malaria, cryptosporidium parvum, eukaryotic initiation factor (eIF), SGC, Structural Genomics, Structural Genomics Consortium, TRANSLATION
;
# 
loop_
_struct_asym.id 
_struct_asym.pdbx_blank_PDB_chainid_flag 
_struct_asym.pdbx_modified 
_struct_asym.entity_id 
_struct_asym.details 
A N N 1 ? 
B N N 2 ? 
C N N 3 ? 
# 
_struct_ref.id                         1 
_struct_ref.db_name                    UNP 
_struct_ref.db_code                    Q5CVP1_CRYPV 
_struct_ref.pdbx_db_accession          Q5CVP1 
_struct_ref.entity_id                  1 
_struct_ref.pdbx_seq_one_letter_code   
;MPKNKGKGGKNRRRGKNDSEGDKRELVFKEEGQEYGQVQRMLGNGRLDAYCFDGQKRLCHIRGKMRKKVWVNPGDIVLVS
LRDFQDSKGDIILKYTPDEARALKSKGEIPETTKINESDIFEDGYDEVGIEFDETEGVDIEDI
;
_struct_ref.pdbx_align_begin           1 
_struct_ref.pdbx_db_isoform            ? 
# 
_struct_ref_seq.align_id                      1 
_struct_ref_seq.ref_id                        1 
_struct_ref_seq.pdbx_PDB_id_code              2OQK 
_struct_ref_seq.pdbx_strand_id                A 
_struct_ref_seq.seq_align_beg                 1 
_struct_ref_seq.pdbx_seq_align_beg_ins_code   ? 
_struct_ref_seq.seq_align_end                 117 
_struct_ref_seq.pdbx_seq_align_end_ins_code   ? 
_struct_ref_seq.pdbx_db_accession             Q5CVP1 
_struct_ref_seq.db_align_beg                  1 
_struct_ref_seq.pdbx_db_align_beg_ins_code    ? 
_struct_ref_seq.db_align_end                  117 
_struct_ref_seq.pdbx_db_align_end_ins_code    ? 
_struct_ref_seq.pdbx_auth_seq_align_beg       1 
_struct_ref_seq.pdbx_auth_seq_align_end       117 
# 
loop_
_struct_ref_seq_dif.align_id 
_struct_ref_seq_dif.pdbx_pdb_id_code 
_struct_ref_seq_dif.mon_id 
_struct_ref_seq_dif.pdbx_pdb_strand_id 
_struct_ref_seq_dif.seq_num 
_struct_ref_seq_dif.pdbx_pdb_ins_code 
_struct_ref_seq_dif.pdbx_seq_db_name 
_struct_ref_seq_dif.pdbx_seq_db_accession_code 
_struct_ref_seq_dif.db_mon_id 
_struct_ref_seq_dif.pdbx_seq_db_seq_num 
_struct_ref_seq_dif.details 
_struct_ref_seq_dif.pdbx_auth_seq_num 
_struct_ref_seq_dif.pdbx_ordinal 
1 2OQK MSE A 1  ? UNP Q5CVP1 MET 1  'modified residue' 1  1 
1 2OQK MSE A 41 ? UNP Q5CVP1 MET 41 'modified residue' 41 2 
1 2OQK MSE A 65 ? UNP Q5CVP1 MET 65 'modified residue' 65 3 
# 
loop_
_pdbx_struct_assembly.id 
_pdbx_struct_assembly.details 
_pdbx_struct_assembly.method_details 
_pdbx_struct_assembly.oligomeric_details 
_pdbx_struct_assembly.oligomeric_count 
1 author_and_software_defined_assembly PQS  monomeric 1 
2 software_defined_assembly            PISA dimeric   2 
# 
loop_
_pdbx_struct_assembly_prop.biol_id 
_pdbx_struct_assembly_prop.type 
_pdbx_struct_assembly_prop.value 
_pdbx_struct_assembly_prop.details 
2 'ABSA (A^2)' 1540  ? 
2 MORE         -42   ? 
2 'SSA (A^2)'  10770 ? 
# 
loop_
_pdbx_struct_assembly_gen.assembly_id 
_pdbx_struct_assembly_gen.oper_expression 
_pdbx_struct_assembly_gen.asym_id_list 
1 1   A,B,C 
2 1,2 A,B,C 
# 
loop_
_pdbx_struct_oper_list.id 
_pdbx_struct_oper_list.type 
_pdbx_struct_oper_list.name 
_pdbx_struct_oper_list.symmetry_operation 
_pdbx_struct_oper_list.matrix[1][1] 
_pdbx_struct_oper_list.matrix[1][2] 
_pdbx_struct_oper_list.matrix[1][3] 
_pdbx_struct_oper_list.vector[1] 
_pdbx_struct_oper_list.matrix[2][1] 
_pdbx_struct_oper_list.matrix[2][2] 
_pdbx_struct_oper_list.matrix[2][3] 
_pdbx_struct_oper_list.vector[2] 
_pdbx_struct_oper_list.matrix[3][1] 
_pdbx_struct_oper_list.matrix[3][2] 
_pdbx_struct_oper_list.matrix[3][3] 
_pdbx_struct_oper_list.vector[3] 
1 'identity operation'         1_555  x,y,z                  1.0000000000 0.0000000000 0.0000000000 0.0000000000   0.0000000000 1.0000000000  0.0000000000 0.0000000000  0.0000000000 0.0000000000 1.0000000000  0.0000000000 
2 'crystal symmetry operation' 12_555 -x+2/3,-x+y+1/3,-z+1/3 0.2213507230 0.9011827903 0.3726572633 -16.4652125652 0.9011827903 -0.3350555199 0.2749679564 19.2470810601 0.3726572633 0.2749679564 -0.8862952031 7.4187767896 
# 
_struct_biol.id   1 
# 
loop_
_struct_conf.conf_type_id 
_struct_conf.id 
_struct_conf.pdbx_PDB_helix_id 
_struct_conf.beg_label_comp_id 
_struct_conf.beg_label_asym_id 
_struct_conf.beg_label_seq_id 
_struct_conf.pdbx_beg_PDB_ins_code 
_struct_conf.end_label_comp_id 
_struct_conf.end_label_asym_id 
_struct_conf.end_label_seq_id 
_struct_conf.pdbx_end_PDB_ins_code 
_struct_conf.beg_auth_comp_id 
_struct_conf.beg_auth_asym_id 
_struct_conf.beg_auth_seq_id 
_struct_conf.end_auth_comp_id 
_struct_conf.end_auth_asym_id 
_struct_conf.end_auth_seq_id 
_struct_conf.pdbx_PDB_helix_class 
_struct_conf.details 
_struct_conf.pdbx_PDB_helix_length 
HELX_P HELX_P1 1 ARG A 62 ? VAL A 69  ? ARG A 62 VAL A 69  1 ? 8  
HELX_P HELX_P2 2 THR A 96 ? LYS A 106 ? THR A 96 LYS A 106 1 ? 11 
# 
_struct_conf_type.id          HELX_P 
_struct_conf_type.criteria    ? 
_struct_conf_type.reference   ? 
# 
loop_
_struct_conn.id 
_struct_conn.conn_type_id 
_struct_conn.pdbx_leaving_atom_flag 
_struct_conn.pdbx_PDB_id 
_struct_conn.ptnr1_label_asym_id 
_struct_conn.ptnr1_label_comp_id 
_struct_conn.ptnr1_label_seq_id 
_struct_conn.ptnr1_label_atom_id 
_struct_conn.pdbx_ptnr1_label_alt_id 
_struct_conn.pdbx_ptnr1_PDB_ins_code 
_struct_conn.pdbx_ptnr1_standard_comp_id 
_struct_conn.ptnr1_symmetry 
_struct_conn.ptnr2_label_asym_id 
_struct_conn.ptnr2_label_comp_id 
_struct_conn.ptnr2_label_seq_id 
_struct_conn.ptnr2_label_atom_id 
_struct_conn.pdbx_ptnr2_label_alt_id 
_struct_conn.pdbx_ptnr2_PDB_ins_code 
_struct_conn.ptnr1_auth_asym_id 
_struct_conn.ptnr1_auth_comp_id 
_struct_conn.ptnr1_auth_seq_id 
_struct_conn.ptnr2_auth_asym_id 
_struct_conn.ptnr2_auth_comp_id 
_struct_conn.ptnr2_auth_seq_id 
_struct_conn.ptnr2_symmetry 
_struct_conn.pdbx_ptnr3_label_atom_id 
_struct_conn.pdbx_ptnr3_label_seq_id 
_struct_conn.pdbx_ptnr3_label_comp_id 
_struct_conn.pdbx_ptnr3_label_asym_id 
_struct_conn.pdbx_ptnr3_label_alt_id 
_struct_conn.pdbx_ptnr3_PDB_ins_code 
_struct_conn.details 
_struct_conn.pdbx_dist_value 
_struct_conn.pdbx_value_order 
_struct_conn.pdbx_role 
covale1 covale both ? A ARG 40 C ? ? ? 1_555 A MSE 41 N ? ? A ARG 40 A MSE 41 1_555 ? ? ? ? ? ? ? 1.330 ? ? 
covale2 covale both ? A MSE 41 C ? ? ? 1_555 A LEU 42 N ? ? A MSE 41 A LEU 42 1_555 ? ? ? ? ? ? ? 1.330 ? ? 
covale3 covale both ? A LYS 64 C ? ? ? 1_555 A MSE 65 N ? ? A LYS 64 A MSE 65 1_555 ? ? ? ? ? ? ? 1.331 ? ? 
covale4 covale both ? A MSE 65 C ? ? ? 1_555 A ARG 66 N ? ? A MSE 65 A ARG 66 1_555 ? ? ? ? ? ? ? 1.333 ? ? 
# 
_struct_conn_type.id          covale 
_struct_conn_type.criteria    ? 
_struct_conn_type.reference   ? 
# 
loop_
_pdbx_modification_feature.ordinal 
_pdbx_modification_feature.label_comp_id 
_pdbx_modification_feature.label_asym_id 
_pdbx_modification_feature.label_seq_id 
_pdbx_modification_feature.label_alt_id 
_pdbx_modification_feature.modified_residue_label_comp_id 
_pdbx_modification_feature.modified_residue_label_asym_id 
_pdbx_modification_feature.modified_residue_label_seq_id 
_pdbx_modification_feature.modified_residue_label_alt_id 
_pdbx_modification_feature.auth_comp_id 
_pdbx_modification_feature.auth_asym_id 
_pdbx_modification_feature.auth_seq_id 
_pdbx_modification_feature.PDB_ins_code 
_pdbx_modification_feature.symmetry 
_pdbx_modification_feature.modified_residue_auth_comp_id 
_pdbx_modification_feature.modified_residue_auth_asym_id 
_pdbx_modification_feature.modified_residue_auth_seq_id 
_pdbx_modification_feature.modified_residue_PDB_ins_code 
_pdbx_modification_feature.modified_residue_symmetry 
_pdbx_modification_feature.comp_id_linking_atom 
_pdbx_modification_feature.modified_residue_id_linking_atom 
_pdbx_modification_feature.modified_residue_id 
_pdbx_modification_feature.ref_pcm_id 
_pdbx_modification_feature.ref_comp_id 
_pdbx_modification_feature.type 
_pdbx_modification_feature.category 
1 MSE A 41 ? . . . . MSE A 41 ? 1_555 . . . . . . . MET 1 MSE Selenomethionine 'Named protein modification' 
2 MSE A 65 ? . . . . MSE A 65 ? 1_555 . . . . . . . MET 1 MSE Selenomethionine 'Named protein modification' 
# 
_struct_sheet.id               A 
_struct_sheet.type             ? 
_struct_sheet.number_strands   6 
_struct_sheet.details          ? 
# 
loop_
_struct_sheet_order.sheet_id 
_struct_sheet_order.range_id_1 
_struct_sheet_order.range_id_2 
_struct_sheet_order.offset 
_struct_sheet_order.sense 
A 1 2 ? anti-parallel 
A 2 3 ? anti-parallel 
A 3 4 ? parallel      
A 4 5 ? anti-parallel 
A 5 6 ? anti-parallel 
# 
loop_
_struct_sheet_range.sheet_id 
_struct_sheet_range.id 
_struct_sheet_range.beg_label_comp_id 
_struct_sheet_range.beg_label_asym_id 
_struct_sheet_range.beg_label_seq_id 
_struct_sheet_range.pdbx_beg_PDB_ins_code 
_struct_sheet_range.end_label_comp_id 
_struct_sheet_range.end_label_asym_id 
_struct_sheet_range.end_label_seq_id 
_struct_sheet_range.pdbx_end_PDB_ins_code 
_struct_sheet_range.beg_auth_comp_id 
_struct_sheet_range.beg_auth_asym_id 
_struct_sheet_range.beg_auth_seq_id 
_struct_sheet_range.end_auth_comp_id 
_struct_sheet_range.end_auth_asym_id 
_struct_sheet_range.end_auth_seq_id 
A 1 GLN A 33 ? GLY A 43 ? GLN A 33 GLY A 43 
A 2 ARG A 46 ? CYS A 51 ? ARG A 46 CYS A 51 
A 3 LYS A 56 ? HIS A 60 ? LYS A 56 HIS A 60 
A 4 LYS A 88 ? LYS A 94 ? LYS A 88 LYS A 94 
A 5 ILE A 76 ? LEU A 81 ? ILE A 76 LEU A 81 
A 6 GLN A 33 ? GLY A 43 ? GLN A 33 GLY A 43 
# 
loop_
_pdbx_struct_sheet_hbond.sheet_id 
_pdbx_struct_sheet_hbond.range_id_1 
_pdbx_struct_sheet_hbond.range_id_2 
_pdbx_struct_sheet_hbond.range_1_label_atom_id 
_pdbx_struct_sheet_hbond.range_1_label_comp_id 
_pdbx_struct_sheet_hbond.range_1_label_asym_id 
_pdbx_struct_sheet_hbond.range_1_label_seq_id 
_pdbx_struct_sheet_hbond.range_1_PDB_ins_code 
_pdbx_struct_sheet_hbond.range_1_auth_atom_id 
_pdbx_struct_sheet_hbond.range_1_auth_comp_id 
_pdbx_struct_sheet_hbond.range_1_auth_asym_id 
_pdbx_struct_sheet_hbond.range_1_auth_seq_id 
_pdbx_struct_sheet_hbond.range_2_label_atom_id 
_pdbx_struct_sheet_hbond.range_2_label_comp_id 
_pdbx_struct_sheet_hbond.range_2_label_asym_id 
_pdbx_struct_sheet_hbond.range_2_label_seq_id 
_pdbx_struct_sheet_hbond.range_2_PDB_ins_code 
_pdbx_struct_sheet_hbond.range_2_auth_atom_id 
_pdbx_struct_sheet_hbond.range_2_auth_comp_id 
_pdbx_struct_sheet_hbond.range_2_auth_asym_id 
_pdbx_struct_sheet_hbond.range_2_auth_seq_id 
A 1 2 N GLN A 39 ? N GLN A 39 O ASP A 48 ? O ASP A 48 
A 2 3 N LEU A 47 ? N LEU A 47 O CYS A 59 ? O CYS A 59 
A 3 4 N HIS A 60 ? N HIS A 60 O ILE A 91 ? O ILE A 91 
A 4 5 O ASP A 90 ? O ASP A 90 N SER A 80 ? N SER A 80 
A 5 6 O VAL A 79 ? O VAL A 79 N GLU A 34 ? N GLU A 34 
# 
_struct_site.id                   AC1 
_struct_site.pdbx_evidence_code   Software 
_struct_site.pdbx_auth_asym_id    A 
_struct_site.pdbx_auth_comp_id    SO4 
_struct_site.pdbx_auth_seq_id     201 
_struct_site.pdbx_auth_ins_code   ? 
_struct_site.pdbx_num_residues    9 
_struct_site.details              'BINDING SITE FOR RESIDUE SO4 A 201' 
# 
loop_
_struct_site_gen.id 
_struct_site_gen.site_id 
_struct_site_gen.pdbx_num_res 
_struct_site_gen.label_comp_id 
_struct_site_gen.label_asym_id 
_struct_site_gen.label_seq_id 
_struct_site_gen.pdbx_auth_ins_code 
_struct_site_gen.auth_comp_id 
_struct_site_gen.auth_asym_id 
_struct_site_gen.auth_seq_id 
_struct_site_gen.label_atom_id 
_struct_site_gen.label_alt_id 
_struct_site_gen.symmetry 
_struct_site_gen.details 
1 AC1 9 ARG A 46 ? ARG A 46  . ? 1_555  ? 
2 AC1 9 HIS A 60 ? HIS A 60  . ? 12_555 ? 
3 AC1 9 HIS A 60 ? HIS A 60  . ? 1_555  ? 
4 AC1 9 GLY A 63 ? GLY A 63  . ? 12_555 ? 
5 AC1 9 ARG A 82 ? ARG A 82  . ? 1_555  ? 
6 AC1 9 HOH C .  ? HOH A 213 . ? 1_555  ? 
7 AC1 9 HOH C .  ? HOH A 224 . ? 1_555  ? 
8 AC1 9 HOH C .  ? HOH A 243 . ? 1_555  ? 
9 AC1 9 HOH C .  ? HOH A 281 . ? 1_555  ? 
# 
_pdbx_entry_details.entry_id                   2OQK 
_pdbx_entry_details.compound_details           ? 
_pdbx_entry_details.source_details             ? 
_pdbx_entry_details.nonpolymer_details         ? 
_pdbx_entry_details.sequence_details           ? 
_pdbx_entry_details.has_ligand_of_interest     ? 
_pdbx_entry_details.has_protein_modification   Y 
# 
_pdbx_validate_symm_contact.id                1 
_pdbx_validate_symm_contact.PDB_model_num     1 
_pdbx_validate_symm_contact.auth_atom_id_1    O 
_pdbx_validate_symm_contact.auth_asym_id_1    A 
_pdbx_validate_symm_contact.auth_comp_id_1    HOH 
_pdbx_validate_symm_contact.auth_seq_id_1     225 
_pdbx_validate_symm_contact.PDB_ins_code_1    ? 
_pdbx_validate_symm_contact.label_alt_id_1    ? 
_pdbx_validate_symm_contact.site_symmetry_1   1_555 
_pdbx_validate_symm_contact.auth_atom_id_2    O 
_pdbx_validate_symm_contact.auth_asym_id_2    A 
_pdbx_validate_symm_contact.auth_comp_id_2    HOH 
_pdbx_validate_symm_contact.auth_seq_id_2     346 
_pdbx_validate_symm_contact.PDB_ins_code_2    ? 
_pdbx_validate_symm_contact.label_alt_id_2    ? 
_pdbx_validate_symm_contact.site_symmetry_2   2_555 
_pdbx_validate_symm_contact.dist              2.09 
# 
_pdbx_SG_project.id                    1 
_pdbx_SG_project.project_name          ? 
_pdbx_SG_project.full_name_of_center   'Structural Genomics Consortium' 
_pdbx_SG_project.initial_of_center     SGC 
# 
loop_
_pdbx_struct_mod_residue.id 
_pdbx_struct_mod_residue.label_asym_id 
_pdbx_struct_mod_residue.label_comp_id 
_pdbx_struct_mod_residue.label_seq_id 
_pdbx_struct_mod_residue.auth_asym_id 
_pdbx_struct_mod_residue.auth_comp_id 
_pdbx_struct_mod_residue.auth_seq_id 
_pdbx_struct_mod_residue.PDB_ins_code 
_pdbx_struct_mod_residue.parent_comp_id 
_pdbx_struct_mod_residue.details 
1 A MSE 41 A MSE 41 ? MET SELENOMETHIONINE 
2 A MSE 65 A MSE 65 ? MET SELENOMETHIONINE 
# 
_pdbx_struct_special_symmetry.id              1 
_pdbx_struct_special_symmetry.PDB_model_num   1 
_pdbx_struct_special_symmetry.auth_asym_id    A 
_pdbx_struct_special_symmetry.auth_comp_id    HOH 
_pdbx_struct_special_symmetry.auth_seq_id     272 
_pdbx_struct_special_symmetry.PDB_ins_code    ? 
_pdbx_struct_special_symmetry.label_asym_id   C 
_pdbx_struct_special_symmetry.label_comp_id   HOH 
_pdbx_struct_special_symmetry.label_seq_id    . 
# 
_pdbx_database_remark.id     300 
_pdbx_database_remark.text   
;
BIOMOLECULE: 1
THIS ENTRY CONTAINS THE CRYSTALLOGRAPHIC ASYMMETRIC UNIT
WHICH CONSISTS OF 1 CHAIN(S). AUTHORS STATE THAT THE
BIOLOGICAL UNIT OF THIS PROTEIN IS UNKNOWN AT THE TIME
OF DEPOSITION.
;
# 
loop_
_pdbx_unobs_or_zero_occ_residues.id 
_pdbx_unobs_or_zero_occ_residues.PDB_model_num 
_pdbx_unobs_or_zero_occ_residues.polymer_flag 
_pdbx_unobs_or_zero_occ_residues.occupancy_flag 
_pdbx_unobs_or_zero_occ_residues.auth_asym_id 
_pdbx_unobs_or_zero_occ_residues.auth_comp_id 
_pdbx_unobs_or_zero_occ_residues.auth_seq_id 
_pdbx_unobs_or_zero_occ_residues.PDB_ins_code 
_pdbx_unobs_or_zero_occ_residues.label_asym_id 
_pdbx_unobs_or_zero_occ_residues.label_comp_id 
_pdbx_unobs_or_zero_occ_residues.label_seq_id 
1  1 Y 1 A MSE 1   ? A MSE 1   
2  1 Y 1 A PRO 2   ? A PRO 2   
3  1 Y 1 A LYS 3   ? A LYS 3   
4  1 Y 1 A ASN 4   ? A ASN 4   
5  1 Y 1 A LYS 5   ? A LYS 5   
6  1 Y 1 A GLY 6   ? A GLY 6   
7  1 Y 1 A LYS 7   ? A LYS 7   
8  1 Y 1 A GLY 8   ? A GLY 8   
9  1 Y 1 A GLY 9   ? A GLY 9   
10 1 Y 1 A LYS 10  ? A LYS 10  
11 1 Y 1 A ASN 11  ? A ASN 11  
12 1 Y 1 A ARG 12  ? A ARG 12  
13 1 Y 1 A ARG 13  ? A ARG 13  
14 1 Y 1 A ARG 14  ? A ARG 14  
15 1 Y 1 A GLY 15  ? A GLY 15  
16 1 Y 1 A LYS 16  ? A LYS 16  
17 1 Y 1 A ASN 17  ? A ASN 17  
18 1 Y 1 A ASP 18  ? A ASP 18  
19 1 Y 1 A SER 19  ? A SER 19  
20 1 Y 1 A GLU 20  ? A GLU 20  
21 1 Y 1 A GLY 21  ? A GLY 21  
22 1 Y 1 A ASN 116 ? A ASN 116 
23 1 Y 1 A GLU 117 ? A GLU 117 
# 
loop_
_chem_comp_atom.comp_id 
_chem_comp_atom.atom_id 
_chem_comp_atom.type_symbol 
_chem_comp_atom.pdbx_aromatic_flag 
_chem_comp_atom.pdbx_stereo_config 
_chem_comp_atom.pdbx_ordinal 
ALA N    N  N N 1   
ALA CA   C  N S 2   
ALA C    C  N N 3   
ALA O    O  N N 4   
ALA CB   C  N N 5   
ALA OXT  O  N N 6   
ALA H    H  N N 7   
ALA H2   H  N N 8   
ALA HA   H  N N 9   
ALA HB1  H  N N 10  
ALA HB2  H  N N 11  
ALA HB3  H  N N 12  
ALA HXT  H  N N 13  
ARG N    N  N N 14  
ARG CA   C  N S 15  
ARG C    C  N N 16  
ARG O    O  N N 17  
ARG CB   C  N N 18  
ARG CG   C  N N 19  
ARG CD   C  N N 20  
ARG NE   N  N N 21  
ARG CZ   C  N N 22  
ARG NH1  N  N N 23  
ARG NH2  N  N N 24  
ARG OXT  O  N N 25  
ARG H    H  N N 26  
ARG H2   H  N N 27  
ARG HA   H  N N 28  
ARG HB2  H  N N 29  
ARG HB3  H  N N 30  
ARG HG2  H  N N 31  
ARG HG3  H  N N 32  
ARG HD2  H  N N 33  
ARG HD3  H  N N 34  
ARG HE   H  N N 35  
ARG HH11 H  N N 36  
ARG HH12 H  N N 37  
ARG HH21 H  N N 38  
ARG HH22 H  N N 39  
ARG HXT  H  N N 40  
ASN N    N  N N 41  
ASN CA   C  N S 42  
ASN C    C  N N 43  
ASN O    O  N N 44  
ASN CB   C  N N 45  
ASN CG   C  N N 46  
ASN OD1  O  N N 47  
ASN ND2  N  N N 48  
ASN OXT  O  N N 49  
ASN H    H  N N 50  
ASN H2   H  N N 51  
ASN HA   H  N N 52  
ASN HB2  H  N N 53  
ASN HB3  H  N N 54  
ASN HD21 H  N N 55  
ASN HD22 H  N N 56  
ASN HXT  H  N N 57  
ASP N    N  N N 58  
ASP CA   C  N S 59  
ASP C    C  N N 60  
ASP O    O  N N 61  
ASP CB   C  N N 62  
ASP CG   C  N N 63  
ASP OD1  O  N N 64  
ASP OD2  O  N N 65  
ASP OXT  O  N N 66  
ASP H    H  N N 67  
ASP H2   H  N N 68  
ASP HA   H  N N 69  
ASP HB2  H  N N 70  
ASP HB3  H  N N 71  
ASP HD2  H  N N 72  
ASP HXT  H  N N 73  
CYS N    N  N N 74  
CYS CA   C  N R 75  
CYS C    C  N N 76  
CYS O    O  N N 77  
CYS CB   C  N N 78  
CYS SG   S  N N 79  
CYS OXT  O  N N 80  
CYS H    H  N N 81  
CYS H2   H  N N 82  
CYS HA   H  N N 83  
CYS HB2  H  N N 84  
CYS HB3  H  N N 85  
CYS HG   H  N N 86  
CYS HXT  H  N N 87  
GLN N    N  N N 88  
GLN CA   C  N S 89  
GLN C    C  N N 90  
GLN O    O  N N 91  
GLN CB   C  N N 92  
GLN CG   C  N N 93  
GLN CD   C  N N 94  
GLN OE1  O  N N 95  
GLN NE2  N  N N 96  
GLN OXT  O  N N 97  
GLN H    H  N N 98  
GLN H2   H  N N 99  
GLN HA   H  N N 100 
GLN HB2  H  N N 101 
GLN HB3  H  N N 102 
GLN HG2  H  N N 103 
GLN HG3  H  N N 104 
GLN HE21 H  N N 105 
GLN HE22 H  N N 106 
GLN HXT  H  N N 107 
GLU N    N  N N 108 
GLU CA   C  N S 109 
GLU C    C  N N 110 
GLU O    O  N N 111 
GLU CB   C  N N 112 
GLU CG   C  N N 113 
GLU CD   C  N N 114 
GLU OE1  O  N N 115 
GLU OE2  O  N N 116 
GLU OXT  O  N N 117 
GLU H    H  N N 118 
GLU H2   H  N N 119 
GLU HA   H  N N 120 
GLU HB2  H  N N 121 
GLU HB3  H  N N 122 
GLU HG2  H  N N 123 
GLU HG3  H  N N 124 
GLU HE2  H  N N 125 
GLU HXT  H  N N 126 
GLY N    N  N N 127 
GLY CA   C  N N 128 
GLY C    C  N N 129 
GLY O    O  N N 130 
GLY OXT  O  N N 131 
GLY H    H  N N 132 
GLY H2   H  N N 133 
GLY HA2  H  N N 134 
GLY HA3  H  N N 135 
GLY HXT  H  N N 136 
HIS N    N  N N 137 
HIS CA   C  N S 138 
HIS C    C  N N 139 
HIS O    O  N N 140 
HIS CB   C  N N 141 
HIS CG   C  Y N 142 
HIS ND1  N  Y N 143 
HIS CD2  C  Y N 144 
HIS CE1  C  Y N 145 
HIS NE2  N  Y N 146 
HIS OXT  O  N N 147 
HIS H    H  N N 148 
HIS H2   H  N N 149 
HIS HA   H  N N 150 
HIS HB2  H  N N 151 
HIS HB3  H  N N 152 
HIS HD1  H  N N 153 
HIS HD2  H  N N 154 
HIS HE1  H  N N 155 
HIS HE2  H  N N 156 
HIS HXT  H  N N 157 
HOH O    O  N N 158 
HOH H1   H  N N 159 
HOH H2   H  N N 160 
ILE N    N  N N 161 
ILE CA   C  N S 162 
ILE C    C  N N 163 
ILE O    O  N N 164 
ILE CB   C  N S 165 
ILE CG1  C  N N 166 
ILE CG2  C  N N 167 
ILE CD1  C  N N 168 
ILE OXT  O  N N 169 
ILE H    H  N N 170 
ILE H2   H  N N 171 
ILE HA   H  N N 172 
ILE HB   H  N N 173 
ILE HG12 H  N N 174 
ILE HG13 H  N N 175 
ILE HG21 H  N N 176 
ILE HG22 H  N N 177 
ILE HG23 H  N N 178 
ILE HD11 H  N N 179 
ILE HD12 H  N N 180 
ILE HD13 H  N N 181 
ILE HXT  H  N N 182 
LEU N    N  N N 183 
LEU CA   C  N S 184 
LEU C    C  N N 185 
LEU O    O  N N 186 
LEU CB   C  N N 187 
LEU CG   C  N N 188 
LEU CD1  C  N N 189 
LEU CD2  C  N N 190 
LEU OXT  O  N N 191 
LEU H    H  N N 192 
LEU H2   H  N N 193 
LEU HA   H  N N 194 
LEU HB2  H  N N 195 
LEU HB3  H  N N 196 
LEU HG   H  N N 197 
LEU HD11 H  N N 198 
LEU HD12 H  N N 199 
LEU HD13 H  N N 200 
LEU HD21 H  N N 201 
LEU HD22 H  N N 202 
LEU HD23 H  N N 203 
LEU HXT  H  N N 204 
LYS N    N  N N 205 
LYS CA   C  N S 206 
LYS C    C  N N 207 
LYS O    O  N N 208 
LYS CB   C  N N 209 
LYS CG   C  N N 210 
LYS CD   C  N N 211 
LYS CE   C  N N 212 
LYS NZ   N  N N 213 
LYS OXT  O  N N 214 
LYS H    H  N N 215 
LYS H2   H  N N 216 
LYS HA   H  N N 217 
LYS HB2  H  N N 218 
LYS HB3  H  N N 219 
LYS HG2  H  N N 220 
LYS HG3  H  N N 221 
LYS HD2  H  N N 222 
LYS HD3  H  N N 223 
LYS HE2  H  N N 224 
LYS HE3  H  N N 225 
LYS HZ1  H  N N 226 
LYS HZ2  H  N N 227 
LYS HZ3  H  N N 228 
LYS HXT  H  N N 229 
MET N    N  N N 230 
MET CA   C  N S 231 
MET C    C  N N 232 
MET O    O  N N 233 
MET CB   C  N N 234 
MET CG   C  N N 235 
MET SD   S  N N 236 
MET CE   C  N N 237 
MET OXT  O  N N 238 
MET H    H  N N 239 
MET H2   H  N N 240 
MET HA   H  N N 241 
MET HB2  H  N N 242 
MET HB3  H  N N 243 
MET HG2  H  N N 244 
MET HG3  H  N N 245 
MET HE1  H  N N 246 
MET HE2  H  N N 247 
MET HE3  H  N N 248 
MET HXT  H  N N 249 
MSE N    N  N N 250 
MSE CA   C  N S 251 
MSE C    C  N N 252 
MSE O    O  N N 253 
MSE OXT  O  N N 254 
MSE CB   C  N N 255 
MSE CG   C  N N 256 
MSE SE   SE N N 257 
MSE CE   C  N N 258 
MSE H    H  N N 259 
MSE H2   H  N N 260 
MSE HA   H  N N 261 
MSE HXT  H  N N 262 
MSE HB2  H  N N 263 
MSE HB3  H  N N 264 
MSE HG2  H  N N 265 
MSE HG3  H  N N 266 
MSE HE1  H  N N 267 
MSE HE2  H  N N 268 
MSE HE3  H  N N 269 
PHE N    N  N N 270 
PHE CA   C  N S 271 
PHE C    C  N N 272 
PHE O    O  N N 273 
PHE CB   C  N N 274 
PHE CG   C  Y N 275 
PHE CD1  C  Y N 276 
PHE CD2  C  Y N 277 
PHE CE1  C  Y N 278 
PHE CE2  C  Y N 279 
PHE CZ   C  Y N 280 
PHE OXT  O  N N 281 
PHE H    H  N N 282 
PHE H2   H  N N 283 
PHE HA   H  N N 284 
PHE HB2  H  N N 285 
PHE HB3  H  N N 286 
PHE HD1  H  N N 287 
PHE HD2  H  N N 288 
PHE HE1  H  N N 289 
PHE HE2  H  N N 290 
PHE HZ   H  N N 291 
PHE HXT  H  N N 292 
PRO N    N  N N 293 
PRO CA   C  N S 294 
PRO C    C  N N 295 
PRO O    O  N N 296 
PRO CB   C  N N 297 
PRO CG   C  N N 298 
PRO CD   C  N N 299 
PRO OXT  O  N N 300 
PRO H    H  N N 301 
PRO HA   H  N N 302 
PRO HB2  H  N N 303 
PRO HB3  H  N N 304 
PRO HG2  H  N N 305 
PRO HG3  H  N N 306 
PRO HD2  H  N N 307 
PRO HD3  H  N N 308 
PRO HXT  H  N N 309 
SER N    N  N N 310 
SER CA   C  N S 311 
SER C    C  N N 312 
SER O    O  N N 313 
SER CB   C  N N 314 
SER OG   O  N N 315 
SER OXT  O  N N 316 
SER H    H  N N 317 
SER H2   H  N N 318 
SER HA   H  N N 319 
SER HB2  H  N N 320 
SER HB3  H  N N 321 
SER HG   H  N N 322 
SER HXT  H  N N 323 
SO4 S    S  N N 324 
SO4 O1   O  N N 325 
SO4 O2   O  N N 326 
SO4 O3   O  N N 327 
SO4 O4   O  N N 328 
THR N    N  N N 329 
THR CA   C  N S 330 
THR C    C  N N 331 
THR O    O  N N 332 
THR CB   C  N R 333 
THR OG1  O  N N 334 
THR CG2  C  N N 335 
THR OXT  O  N N 336 
THR H    H  N N 337 
THR H2   H  N N 338 
THR HA   H  N N 339 
THR HB   H  N N 340 
THR HG1  H  N N 341 
THR HG21 H  N N 342 
THR HG22 H  N N 343 
THR HG23 H  N N 344 
THR HXT  H  N N 345 
TRP N    N  N N 346 
TRP CA   C  N S 347 
TRP C    C  N N 348 
TRP O    O  N N 349 
TRP CB   C  N N 350 
TRP CG   C  Y N 351 
TRP CD1  C  Y N 352 
TRP CD2  C  Y N 353 
TRP NE1  N  Y N 354 
TRP CE2  C  Y N 355 
TRP CE3  C  Y N 356 
TRP CZ2  C  Y N 357 
TRP CZ3  C  Y N 358 
TRP CH2  C  Y N 359 
TRP OXT  O  N N 360 
TRP H    H  N N 361 
TRP H2   H  N N 362 
TRP HA   H  N N 363 
TRP HB2  H  N N 364 
TRP HB3  H  N N 365 
TRP HD1  H  N N 366 
TRP HE1  H  N N 367 
TRP HE3  H  N N 368 
TRP HZ2  H  N N 369 
TRP HZ3  H  N N 370 
TRP HH2  H  N N 371 
TRP HXT  H  N N 372 
TYR N    N  N N 373 
TYR CA   C  N S 374 
TYR C    C  N N 375 
TYR O    O  N N 376 
TYR CB   C  N N 377 
TYR CG   C  Y N 378 
TYR CD1  C  Y N 379 
TYR CD2  C  Y N 380 
TYR CE1  C  Y N 381 
TYR CE2  C  Y N 382 
TYR CZ   C  Y N 383 
TYR OH   O  N N 384 
TYR OXT  O  N N 385 
TYR H    H  N N 386 
TYR H2   H  N N 387 
TYR HA   H  N N 388 
TYR HB2  H  N N 389 
TYR HB3  H  N N 390 
TYR HD1  H  N N 391 
TYR HD2  H  N N 392 
TYR HE1  H  N N 393 
TYR HE2  H  N N 394 
TYR HH   H  N N 395 
TYR HXT  H  N N 396 
VAL N    N  N N 397 
VAL CA   C  N S 398 
VAL C    C  N N 399 
VAL O    O  N N 400 
VAL CB   C  N N 401 
VAL CG1  C  N N 402 
VAL CG2  C  N N 403 
VAL OXT  O  N N 404 
VAL H    H  N N 405 
VAL H2   H  N N 406 
VAL HA   H  N N 407 
VAL HB   H  N N 408 
VAL HG11 H  N N 409 
VAL HG12 H  N N 410 
VAL HG13 H  N N 411 
VAL HG21 H  N N 412 
VAL HG22 H  N N 413 
VAL HG23 H  N N 414 
VAL HXT  H  N N 415 
# 
loop_
_chem_comp_bond.comp_id 
_chem_comp_bond.atom_id_1 
_chem_comp_bond.atom_id_2 
_chem_comp_bond.value_order 
_chem_comp_bond.pdbx_aromatic_flag 
_chem_comp_bond.pdbx_stereo_config 
_chem_comp_bond.pdbx_ordinal 
ALA N   CA   sing N N 1   
ALA N   H    sing N N 2   
ALA N   H2   sing N N 3   
ALA CA  C    sing N N 4   
ALA CA  CB   sing N N 5   
ALA CA  HA   sing N N 6   
ALA C   O    doub N N 7   
ALA C   OXT  sing N N 8   
ALA CB  HB1  sing N N 9   
ALA CB  HB2  sing N N 10  
ALA CB  HB3  sing N N 11  
ALA OXT HXT  sing N N 12  
ARG N   CA   sing N N 13  
ARG N   H    sing N N 14  
ARG N   H2   sing N N 15  
ARG CA  C    sing N N 16  
ARG CA  CB   sing N N 17  
ARG CA  HA   sing N N 18  
ARG C   O    doub N N 19  
ARG C   OXT  sing N N 20  
ARG CB  CG   sing N N 21  
ARG CB  HB2  sing N N 22  
ARG CB  HB3  sing N N 23  
ARG CG  CD   sing N N 24  
ARG CG  HG2  sing N N 25  
ARG CG  HG3  sing N N 26  
ARG CD  NE   sing N N 27  
ARG CD  HD2  sing N N 28  
ARG CD  HD3  sing N N 29  
ARG NE  CZ   sing N N 30  
ARG NE  HE   sing N N 31  
ARG CZ  NH1  sing N N 32  
ARG CZ  NH2  doub N N 33  
ARG NH1 HH11 sing N N 34  
ARG NH1 HH12 sing N N 35  
ARG NH2 HH21 sing N N 36  
ARG NH2 HH22 sing N N 37  
ARG OXT HXT  sing N N 38  
ASN N   CA   sing N N 39  
ASN N   H    sing N N 40  
ASN N   H2   sing N N 41  
ASN CA  C    sing N N 42  
ASN CA  CB   sing N N 43  
ASN CA  HA   sing N N 44  
ASN C   O    doub N N 45  
ASN C   OXT  sing N N 46  
ASN CB  CG   sing N N 47  
ASN CB  HB2  sing N N 48  
ASN CB  HB3  sing N N 49  
ASN CG  OD1  doub N N 50  
ASN CG  ND2  sing N N 51  
ASN ND2 HD21 sing N N 52  
ASN ND2 HD22 sing N N 53  
ASN OXT HXT  sing N N 54  
ASP N   CA   sing N N 55  
ASP N   H    sing N N 56  
ASP N   H2   sing N N 57  
ASP CA  C    sing N N 58  
ASP CA  CB   sing N N 59  
ASP CA  HA   sing N N 60  
ASP C   O    doub N N 61  
ASP C   OXT  sing N N 62  
ASP CB  CG   sing N N 63  
ASP CB  HB2  sing N N 64  
ASP CB  HB3  sing N N 65  
ASP CG  OD1  doub N N 66  
ASP CG  OD2  sing N N 67  
ASP OD2 HD2  sing N N 68  
ASP OXT HXT  sing N N 69  
CYS N   CA   sing N N 70  
CYS N   H    sing N N 71  
CYS N   H2   sing N N 72  
CYS CA  C    sing N N 73  
CYS CA  CB   sing N N 74  
CYS CA  HA   sing N N 75  
CYS C   O    doub N N 76  
CYS C   OXT  sing N N 77  
CYS CB  SG   sing N N 78  
CYS CB  HB2  sing N N 79  
CYS CB  HB3  sing N N 80  
CYS SG  HG   sing N N 81  
CYS OXT HXT  sing N N 82  
GLN N   CA   sing N N 83  
GLN N   H    sing N N 84  
GLN N   H2   sing N N 85  
GLN CA  C    sing N N 86  
GLN CA  CB   sing N N 87  
GLN CA  HA   sing N N 88  
GLN C   O    doub N N 89  
GLN C   OXT  sing N N 90  
GLN CB  CG   sing N N 91  
GLN CB  HB2  sing N N 92  
GLN CB  HB3  sing N N 93  
GLN CG  CD   sing N N 94  
GLN CG  HG2  sing N N 95  
GLN CG  HG3  sing N N 96  
GLN CD  OE1  doub N N 97  
GLN CD  NE2  sing N N 98  
GLN NE2 HE21 sing N N 99  
GLN NE2 HE22 sing N N 100 
GLN OXT HXT  sing N N 101 
GLU N   CA   sing N N 102 
GLU N   H    sing N N 103 
GLU N   H2   sing N N 104 
GLU CA  C    sing N N 105 
GLU CA  CB   sing N N 106 
GLU CA  HA   sing N N 107 
GLU C   O    doub N N 108 
GLU C   OXT  sing N N 109 
GLU CB  CG   sing N N 110 
GLU CB  HB2  sing N N 111 
GLU CB  HB3  sing N N 112 
GLU CG  CD   sing N N 113 
GLU CG  HG2  sing N N 114 
GLU CG  HG3  sing N N 115 
GLU CD  OE1  doub N N 116 
GLU CD  OE2  sing N N 117 
GLU OE2 HE2  sing N N 118 
GLU OXT HXT  sing N N 119 
GLY N   CA   sing N N 120 
GLY N   H    sing N N 121 
GLY N   H2   sing N N 122 
GLY CA  C    sing N N 123 
GLY CA  HA2  sing N N 124 
GLY CA  HA3  sing N N 125 
GLY C   O    doub N N 126 
GLY C   OXT  sing N N 127 
GLY OXT HXT  sing N N 128 
HIS N   CA   sing N N 129 
HIS N   H    sing N N 130 
HIS N   H2   sing N N 131 
HIS CA  C    sing N N 132 
HIS CA  CB   sing N N 133 
HIS CA  HA   sing N N 134 
HIS C   O    doub N N 135 
HIS C   OXT  sing N N 136 
HIS CB  CG   sing N N 137 
HIS CB  HB2  sing N N 138 
HIS CB  HB3  sing N N 139 
HIS CG  ND1  sing Y N 140 
HIS CG  CD2  doub Y N 141 
HIS ND1 CE1  doub Y N 142 
HIS ND1 HD1  sing N N 143 
HIS CD2 NE2  sing Y N 144 
HIS CD2 HD2  sing N N 145 
HIS CE1 NE2  sing Y N 146 
HIS CE1 HE1  sing N N 147 
HIS NE2 HE2  sing N N 148 
HIS OXT HXT  sing N N 149 
HOH O   H1   sing N N 150 
HOH O   H2   sing N N 151 
ILE N   CA   sing N N 152 
ILE N   H    sing N N 153 
ILE N   H2   sing N N 154 
ILE CA  C    sing N N 155 
ILE CA  CB   sing N N 156 
ILE CA  HA   sing N N 157 
ILE C   O    doub N N 158 
ILE C   OXT  sing N N 159 
ILE CB  CG1  sing N N 160 
ILE CB  CG2  sing N N 161 
ILE CB  HB   sing N N 162 
ILE CG1 CD1  sing N N 163 
ILE CG1 HG12 sing N N 164 
ILE CG1 HG13 sing N N 165 
ILE CG2 HG21 sing N N 166 
ILE CG2 HG22 sing N N 167 
ILE CG2 HG23 sing N N 168 
ILE CD1 HD11 sing N N 169 
ILE CD1 HD12 sing N N 170 
ILE CD1 HD13 sing N N 171 
ILE OXT HXT  sing N N 172 
LEU N   CA   sing N N 173 
LEU N   H    sing N N 174 
LEU N   H2   sing N N 175 
LEU CA  C    sing N N 176 
LEU CA  CB   sing N N 177 
LEU CA  HA   sing N N 178 
LEU C   O    doub N N 179 
LEU C   OXT  sing N N 180 
LEU CB  CG   sing N N 181 
LEU CB  HB2  sing N N 182 
LEU CB  HB3  sing N N 183 
LEU CG  CD1  sing N N 184 
LEU CG  CD2  sing N N 185 
LEU CG  HG   sing N N 186 
LEU CD1 HD11 sing N N 187 
LEU CD1 HD12 sing N N 188 
LEU CD1 HD13 sing N N 189 
LEU CD2 HD21 sing N N 190 
LEU CD2 HD22 sing N N 191 
LEU CD2 HD23 sing N N 192 
LEU OXT HXT  sing N N 193 
LYS N   CA   sing N N 194 
LYS N   H    sing N N 195 
LYS N   H2   sing N N 196 
LYS CA  C    sing N N 197 
LYS CA  CB   sing N N 198 
LYS CA  HA   sing N N 199 
LYS C   O    doub N N 200 
LYS C   OXT  sing N N 201 
LYS CB  CG   sing N N 202 
LYS CB  HB2  sing N N 203 
LYS CB  HB3  sing N N 204 
LYS CG  CD   sing N N 205 
LYS CG  HG2  sing N N 206 
LYS CG  HG3  sing N N 207 
LYS CD  CE   sing N N 208 
LYS CD  HD2  sing N N 209 
LYS CD  HD3  sing N N 210 
LYS CE  NZ   sing N N 211 
LYS CE  HE2  sing N N 212 
LYS CE  HE3  sing N N 213 
LYS NZ  HZ1  sing N N 214 
LYS NZ  HZ2  sing N N 215 
LYS NZ  HZ3  sing N N 216 
LYS OXT HXT  sing N N 217 
MET N   CA   sing N N 218 
MET N   H    sing N N 219 
MET N   H2   sing N N 220 
MET CA  C    sing N N 221 
MET CA  CB   sing N N 222 
MET CA  HA   sing N N 223 
MET C   O    doub N N 224 
MET C   OXT  sing N N 225 
MET CB  CG   sing N N 226 
MET CB  HB2  sing N N 227 
MET CB  HB3  sing N N 228 
MET CG  SD   sing N N 229 
MET CG  HG2  sing N N 230 
MET CG  HG3  sing N N 231 
MET SD  CE   sing N N 232 
MET CE  HE1  sing N N 233 
MET CE  HE2  sing N N 234 
MET CE  HE3  sing N N 235 
MET OXT HXT  sing N N 236 
MSE N   CA   sing N N 237 
MSE N   H    sing N N 238 
MSE N   H2   sing N N 239 
MSE CA  C    sing N N 240 
MSE CA  CB   sing N N 241 
MSE CA  HA   sing N N 242 
MSE C   O    doub N N 243 
MSE C   OXT  sing N N 244 
MSE OXT HXT  sing N N 245 
MSE CB  CG   sing N N 246 
MSE CB  HB2  sing N N 247 
MSE CB  HB3  sing N N 248 
MSE CG  SE   sing N N 249 
MSE CG  HG2  sing N N 250 
MSE CG  HG3  sing N N 251 
MSE SE  CE   sing N N 252 
MSE CE  HE1  sing N N 253 
MSE CE  HE2  sing N N 254 
MSE CE  HE3  sing N N 255 
PHE N   CA   sing N N 256 
PHE N   H    sing N N 257 
PHE N   H2   sing N N 258 
PHE CA  C    sing N N 259 
PHE CA  CB   sing N N 260 
PHE CA  HA   sing N N 261 
PHE C   O    doub N N 262 
PHE C   OXT  sing N N 263 
PHE CB  CG   sing N N 264 
PHE CB  HB2  sing N N 265 
PHE CB  HB3  sing N N 266 
PHE CG  CD1  doub Y N 267 
PHE CG  CD2  sing Y N 268 
PHE CD1 CE1  sing Y N 269 
PHE CD1 HD1  sing N N 270 
PHE CD2 CE2  doub Y N 271 
PHE CD2 HD2  sing N N 272 
PHE CE1 CZ   doub Y N 273 
PHE CE1 HE1  sing N N 274 
PHE CE2 CZ   sing Y N 275 
PHE CE2 HE2  sing N N 276 
PHE CZ  HZ   sing N N 277 
PHE OXT HXT  sing N N 278 
PRO N   CA   sing N N 279 
PRO N   CD   sing N N 280 
PRO N   H    sing N N 281 
PRO CA  C    sing N N 282 
PRO CA  CB   sing N N 283 
PRO CA  HA   sing N N 284 
PRO C   O    doub N N 285 
PRO C   OXT  sing N N 286 
PRO CB  CG   sing N N 287 
PRO CB  HB2  sing N N 288 
PRO CB  HB3  sing N N 289 
PRO CG  CD   sing N N 290 
PRO CG  HG2  sing N N 291 
PRO CG  HG3  sing N N 292 
PRO CD  HD2  sing N N 293 
PRO CD  HD3  sing N N 294 
PRO OXT HXT  sing N N 295 
SER N   CA   sing N N 296 
SER N   H    sing N N 297 
SER N   H2   sing N N 298 
SER CA  C    sing N N 299 
SER CA  CB   sing N N 300 
SER CA  HA   sing N N 301 
SER C   O    doub N N 302 
SER C   OXT  sing N N 303 
SER CB  OG   sing N N 304 
SER CB  HB2  sing N N 305 
SER CB  HB3  sing N N 306 
SER OG  HG   sing N N 307 
SER OXT HXT  sing N N 308 
SO4 S   O1   doub N N 309 
SO4 S   O2   doub N N 310 
SO4 S   O3   sing N N 311 
SO4 S   O4   sing N N 312 
THR N   CA   sing N N 313 
THR N   H    sing N N 314 
THR N   H2   sing N N 315 
THR CA  C    sing N N 316 
THR CA  CB   sing N N 317 
THR CA  HA   sing N N 318 
THR C   O    doub N N 319 
THR C   OXT  sing N N 320 
THR CB  OG1  sing N N 321 
THR CB  CG2  sing N N 322 
THR CB  HB   sing N N 323 
THR OG1 HG1  sing N N 324 
THR CG2 HG21 sing N N 325 
THR CG2 HG22 sing N N 326 
THR CG2 HG23 sing N N 327 
THR OXT HXT  sing N N 328 
TRP N   CA   sing N N 329 
TRP N   H    sing N N 330 
TRP N   H2   sing N N 331 
TRP CA  C    sing N N 332 
TRP CA  CB   sing N N 333 
TRP CA  HA   sing N N 334 
TRP C   O    doub N N 335 
TRP C   OXT  sing N N 336 
TRP CB  CG   sing N N 337 
TRP CB  HB2  sing N N 338 
TRP CB  HB3  sing N N 339 
TRP CG  CD1  doub Y N 340 
TRP CG  CD2  sing Y N 341 
TRP CD1 NE1  sing Y N 342 
TRP CD1 HD1  sing N N 343 
TRP CD2 CE2  doub Y N 344 
TRP CD2 CE3  sing Y N 345 
TRP NE1 CE2  sing Y N 346 
TRP NE1 HE1  sing N N 347 
TRP CE2 CZ2  sing Y N 348 
TRP CE3 CZ3  doub Y N 349 
TRP CE3 HE3  sing N N 350 
TRP CZ2 CH2  doub Y N 351 
TRP CZ2 HZ2  sing N N 352 
TRP CZ3 CH2  sing Y N 353 
TRP CZ3 HZ3  sing N N 354 
TRP CH2 HH2  sing N N 355 
TRP OXT HXT  sing N N 356 
TYR N   CA   sing N N 357 
TYR N   H    sing N N 358 
TYR N   H2   sing N N 359 
TYR CA  C    sing N N 360 
TYR CA  CB   sing N N 361 
TYR CA  HA   sing N N 362 
TYR C   O    doub N N 363 
TYR C   OXT  sing N N 364 
TYR CB  CG   sing N N 365 
TYR CB  HB2  sing N N 366 
TYR CB  HB3  sing N N 367 
TYR CG  CD1  doub Y N 368 
TYR CG  CD2  sing Y N 369 
TYR CD1 CE1  sing Y N 370 
TYR CD1 HD1  sing N N 371 
TYR CD2 CE2  doub Y N 372 
TYR CD2 HD2  sing N N 373 
TYR CE1 CZ   doub Y N 374 
TYR CE1 HE1  sing N N 375 
TYR CE2 CZ   sing Y N 376 
TYR CE2 HE2  sing N N 377 
TYR CZ  OH   sing N N 378 
TYR OH  HH   sing N N 379 
TYR OXT HXT  sing N N 380 
VAL N   CA   sing N N 381 
VAL N   H    sing N N 382 
VAL N   H2   sing N N 383 
VAL CA  C    sing N N 384 
VAL CA  CB   sing N N 385 
VAL CA  HA   sing N N 386 
VAL C   O    doub N N 387 
VAL C   OXT  sing N N 388 
VAL CB  CG1  sing N N 389 
VAL CB  CG2  sing N N 390 
VAL CB  HB   sing N N 391 
VAL CG1 HG11 sing N N 392 
VAL CG1 HG12 sing N N 393 
VAL CG1 HG13 sing N N 394 
VAL CG2 HG21 sing N N 395 
VAL CG2 HG22 sing N N 396 
VAL CG2 HG23 sing N N 397 
VAL OXT HXT  sing N N 398 
# 
_atom_sites.entry_id                    2OQK 
_atom_sites.fract_transf_matrix[1][1]   -0.00634304 
_atom_sites.fract_transf_matrix[1][2]   0.00990804 
_atom_sites.fract_transf_matrix[1][3]   -0.00317077 
_atom_sites.fract_transf_matrix[2][1]   -0.01141717 
_atom_sites.fract_transf_matrix[2][2]   -0.00113028 
_atom_sites.fract_transf_matrix[2][3]   -0.00410127 
_atom_sites.fract_transf_matrix[3][1]   -0.00302018 
_atom_sites.fract_transf_matrix[3][2]   0.00069575 
_atom_sites.fract_transf_matrix[3][3]   0.00821586 
_atom_sites.fract_transf_vector[1]      0.197522 
_atom_sites.fract_transf_vector[2]      0.155338 
_atom_sites.fract_transf_vector[3]      0.104632 
# 
loop_
_atom_type.symbol 
C  
N  
O  
S  
SE 
# 
loop_
_atom_site.group_PDB 
_atom_site.id 
_atom_site.type_symbol 
_atom_site.label_atom_id 
_atom_site.label_alt_id 
_atom_site.label_comp_id 
_atom_site.label_asym_id 
_atom_site.label_entity_id 
_atom_site.label_seq_id 
_atom_site.pdbx_PDB_ins_code 
_atom_site.Cartn_x 
_atom_site.Cartn_y 
_atom_site.Cartn_z 
_atom_site.occupancy 
_atom_site.B_iso_or_equiv 
_atom_site.pdbx_formal_charge 
_atom_site.auth_seq_id 
_atom_site.auth_comp_id 
_atom_site.auth_asym_id 
_atom_site.auth_atom_id 
_atom_site.pdbx_PDB_model_num 
ATOM   1   N  N   . ASP A 1 22  ? -2.106  -15.306 18.368  1.00 44.56 ? 22  ASP A N   1 
ATOM   2   C  CA  . ASP A 1 22  ? -1.580  -15.643 17.010  1.00 43.94 ? 22  ASP A CA  1 
ATOM   3   C  C   . ASP A 1 22  ? -1.476  -14.442 16.049  1.00 42.64 ? 22  ASP A C   1 
ATOM   4   O  O   . ASP A 1 22  ? -1.568  -13.284 16.475  1.00 42.35 ? 22  ASP A O   1 
ATOM   5   C  CB  . ASP A 1 22  ? -2.347  -16.816 16.377  1.00 45.20 ? 22  ASP A CB  1 
ATOM   6   C  CG  . ASP A 1 22  ? -3.791  -16.941 16.866  1.00 47.68 ? 22  ASP A CG  1 
ATOM   7   O  OD1 . ASP A 1 22  ? -4.648  -16.118 16.457  1.00 49.96 ? 22  ASP A OD1 1 
ATOM   8   O  OD2 . ASP A 1 22  ? -4.067  -17.909 17.621  1.00 48.88 ? 22  ASP A OD2 1 
ATOM   9   N  N   . LYS A 1 23  ? -1.287  -14.733 14.759  1.00 40.61 ? 23  LYS A N   1 
ATOM   10  C  CA  . LYS A 1 23  ? -1.055  -13.701 13.728  1.00 38.69 ? 23  LYS A CA  1 
ATOM   11  C  C   . LYS A 1 23  ? -2.318  -12.877 13.440  1.00 37.59 ? 23  LYS A C   1 
ATOM   12  O  O   . LYS A 1 23  ? -3.430  -13.413 13.456  1.00 37.74 ? 23  LYS A O   1 
ATOM   13  C  CB  . LYS A 1 23  ? -0.519  -14.355 12.442  1.00 37.91 ? 23  LYS A CB  1 
ATOM   14  C  CG  . LYS A 1 23  ? -1.571  -15.113 11.668  1.00 36.15 ? 23  LYS A CG  1 
ATOM   15  C  CD  . LYS A 1 23  ? -0.984  -16.072 10.657  1.00 31.87 ? 23  LYS A CD  1 
ATOM   16  C  CE  . LYS A 1 23  ? -2.107  -16.673 9.854   1.00 31.91 ? 23  LYS A CE  1 
ATOM   17  N  NZ  . LYS A 1 23  ? -1.716  -17.892 9.135   1.00 31.61 ? 23  LYS A NZ  1 
ATOM   18  N  N   . ARG A 1 24  ? -2.147  -11.582 13.173  1.00 37.08 ? 24  ARG A N   1 
ATOM   19  C  CA  . ARG A 1 24  ? -3.276  -10.713 12.820  1.00 36.33 ? 24  ARG A CA  1 
ATOM   20  C  C   . ARG A 1 24  ? -3.949  -11.176 11.522  1.00 35.50 ? 24  ARG A C   1 
ATOM   21  O  O   . ARG A 1 24  ? -3.297  -11.757 10.650  1.00 34.95 ? 24  ARG A O   1 
ATOM   22  C  CB  . ARG A 1 24  ? -2.854  -9.233  12.742  1.00 36.94 ? 24  ARG A CB  1 
ATOM   23  C  CG  . ARG A 1 24  ? -1.910  -8.872  11.610  1.00 36.17 ? 24  ARG A CG  1 
ATOM   24  C  CD  . ARG A 1 24  ? -1.619  -7.366  11.578  1.00 37.66 ? 24  ARG A CD  1 
ATOM   25  N  NE  . ARG A 1 24  ? -1.194  -6.898  10.252  1.00 40.01 ? 24  ARG A NE  1 
ATOM   26  C  CZ  . ARG A 1 24  ? -0.422  -5.829  10.034  1.00 41.34 ? 24  ARG A CZ  1 
ATOM   27  N  NH1 . ARG A 1 24  ? 0.032   -5.113  11.065  1.00 42.24 ? 24  ARG A NH1 1 
ATOM   28  N  NH2 . ARG A 1 24  ? -0.099  -5.471  8.786   1.00 36.88 ? 24  ARG A NH2 1 
ATOM   29  N  N   . GLU A 1 25  ? -5.255  -10.945 11.417  1.00 34.47 ? 25  GLU A N   1 
ATOM   30  C  CA  . GLU A 1 25  ? -6.001  -11.335 10.231  1.00 33.57 ? 25  GLU A CA  1 
ATOM   31  C  C   . GLU A 1 25  ? -5.458  -10.555 9.035   1.00 32.56 ? 25  GLU A C   1 
ATOM   32  O  O   . GLU A 1 25  ? -5.127  -9.361  9.154   1.00 32.46 ? 25  GLU A O   1 
ATOM   33  C  CB  . GLU A 1 25  ? -7.496  -11.062 10.408  1.00 34.32 ? 25  GLU A CB  1 
ATOM   34  N  N   . LEU A 1 26  ? -5.350  -11.237 7.901   1.00 31.05 ? 26  LEU A N   1 
ATOM   35  C  CA  . LEU A 1 26  ? -4.891  -10.608 6.662   1.00 30.12 ? 26  LEU A CA  1 
ATOM   36  C  C   . LEU A 1 26  ? -6.009  -9.750  6.102   1.00 29.83 ? 26  LEU A C   1 
ATOM   37  O  O   . LEU A 1 26  ? -7.077  -10.264 5.774   1.00 29.10 ? 26  LEU A O   1 
ATOM   38  C  CB  . LEU A 1 26  ? -4.498  -11.669 5.626   1.00 29.99 ? 26  LEU A CB  1 
ATOM   39  C  CG  . LEU A 1 26  ? -3.946  -11.194 4.274   1.00 29.58 ? 26  LEU A CG  1 
ATOM   40  C  CD1 . LEU A 1 26  ? -2.675  -10.351 4.450   1.00 26.33 ? 26  LEU A CD1 1 
ATOM   41  C  CD2 . LEU A 1 26  ? -3.693  -12.387 3.359   1.00 28.60 ? 26  LEU A CD2 1 
ATOM   42  N  N   . VAL A 1 27  ? -5.744  -8.450  5.979   1.00 29.18 ? 27  VAL A N   1 
ATOM   43  C  CA  . VAL A 1 27  ? -6.718  -7.501  5.439   1.00 28.44 ? 27  VAL A CA  1 
ATOM   44  C  C   . VAL A 1 27  ? -6.680  -7.442  3.914   1.00 28.19 ? 27  VAL A C   1 
ATOM   45  O  O   . VAL A 1 27  ? -5.653  -7.118  3.314   1.00 27.20 ? 27  VAL A O   1 
ATOM   46  C  CB  . VAL A 1 27  ? -6.525  -6.113  6.080   1.00 28.84 ? 27  VAL A CB  1 
ATOM   47  C  CG1 . VAL A 1 27  ? -7.365  -5.016  5.373   1.00 28.51 ? 27  VAL A CG1 1 
ATOM   48  C  CG2 . VAL A 1 27  ? -6.825  -6.195  7.603   1.00 29.49 ? 27  VAL A CG2 1 
ATOM   49  N  N   . PHE A 1 28  ? -7.815  -7.749  3.291   1.00 27.46 ? 28  PHE A N   1 
ATOM   50  C  CA  . PHE A 1 28  ? -7.963  -7.642  1.846   1.00 27.74 ? 28  PHE A CA  1 
ATOM   51  C  C   . PHE A 1 28  ? -8.520  -6.288  1.453   1.00 27.23 ? 28  PHE A C   1 
ATOM   52  O  O   . PHE A 1 28  ? -9.137  -5.622  2.280   1.00 27.40 ? 28  PHE A O   1 
ATOM   53  C  CB  . PHE A 1 28  ? -8.872  -8.753  1.324   1.00 28.69 ? 28  PHE A CB  1 
ATOM   54  C  CG  . PHE A 1 28  ? -8.368  -10.130 1.658   1.00 30.17 ? 28  PHE A CG  1 
ATOM   55  C  CD1 . PHE A 1 28  ? -7.427  -10.749 0.844   1.00 31.78 ? 28  PHE A CD1 1 
ATOM   56  C  CD2 . PHE A 1 28  ? -8.796  -10.782 2.818   1.00 32.31 ? 28  PHE A CD2 1 
ATOM   57  C  CE1 . PHE A 1 28  ? -6.930  -12.019 1.162   1.00 32.96 ? 28  PHE A CE1 1 
ATOM   58  C  CE2 . PHE A 1 28  ? -8.304  -12.047 3.155   1.00 32.43 ? 28  PHE A CE2 1 
ATOM   59  C  CZ  . PHE A 1 28  ? -7.370  -12.670 2.311   1.00 32.27 ? 28  PHE A CZ  1 
ATOM   60  N  N   . LYS A 1 29  ? -8.305  -5.879  0.204   1.00 27.19 ? 29  LYS A N   1 
ATOM   61  C  CA  . LYS A 1 29  ? -8.853  -4.594  -0.251  1.00 27.41 ? 29  LYS A CA  1 
ATOM   62  C  C   . LYS A 1 29  ? -10.370 -4.685  -0.330  1.00 28.31 ? 29  LYS A C   1 
ATOM   63  O  O   . LYS A 1 29  ? -10.910 -5.771  -0.533  1.00 27.76 ? 29  LYS A O   1 
ATOM   64  C  CB  . LYS A 1 29  ? -8.278  -4.147  -1.593  1.00 27.30 ? 29  LYS A CB  1 
ATOM   65  C  CG  . LYS A 1 29  ? -8.624  -4.982  -2.823  1.00 27.47 ? 29  LYS A CG  1 
ATOM   66  C  CD  . LYS A 1 29  ? -8.034  -4.296  -4.051  1.00 30.23 ? 29  LYS A CD  1 
ATOM   67  C  CE  . LYS A 1 29  ? -8.059  -5.159  -5.299  1.00 31.03 ? 29  LYS A CE  1 
ATOM   68  N  NZ  . LYS A 1 29  ? -9.438  -5.399  -5.783  1.00 36.08 ? 29  LYS A NZ  1 
ATOM   69  N  N   . GLU A 1 30  ? -11.037 -3.551  -0.140  1.00 29.06 ? 30  GLU A N   1 
ATOM   70  C  CA  . GLU A 1 30  ? -12.484 -3.477  -0.294  1.00 29.70 ? 30  GLU A CA  1 
ATOM   71  C  C   . GLU A 1 30  ? -12.763 -2.347  -1.267  1.00 29.05 ? 30  GLU A C   1 
ATOM   72  O  O   . GLU A 1 30  ? -11.834 -1.773  -1.811  1.00 26.90 ? 30  GLU A O   1 
ATOM   73  C  CB  . GLU A 1 30  ? -13.133 -3.218  1.061   1.00 30.69 ? 30  GLU A CB  1 
ATOM   74  C  CG  . GLU A 1 30  ? -13.053 -4.409  1.999   1.00 34.83 ? 30  GLU A CG  1 
ATOM   75  C  CD  . GLU A 1 30  ? -13.299 -4.032  3.439   1.00 40.90 ? 30  GLU A CD  1 
ATOM   76  O  OE1 . GLU A 1 30  ? -13.431 -2.816  3.721   1.00 44.33 ? 30  GLU A OE1 1 
ATOM   77  O  OE2 . GLU A 1 30  ? -13.363 -4.952  4.288   1.00 43.11 ? 30  GLU A OE2 1 
ATOM   78  N  N   . GLU A 1 31  ? -14.040 -2.016  -1.488  1.00 28.48 ? 31  GLU A N   1 
ATOM   79  C  CA  . GLU A 1 31  ? -14.388 -0.987  -2.457  1.00 28.62 ? 31  GLU A CA  1 
ATOM   80  C  C   . GLU A 1 31  ? -13.669 0.319   -2.133  1.00 26.94 ? 31  GLU A C   1 
ATOM   81  O  O   . GLU A 1 31  ? -13.564 0.696   -0.964  1.00 27.80 ? 31  GLU A O   1 
ATOM   82  C  CB  . GLU A 1 31  ? -15.918 -0.783  -2.502  1.00 29.04 ? 31  GLU A CB  1 
ATOM   83  C  CG  . GLU A 1 31  ? -16.369 0.072   -3.671  1.00 31.74 ? 31  GLU A CG  1 
ATOM   84  N  N   . GLY A 1 32  ? -13.143 0.981   -3.167  1.00 26.70 ? 32  GLY A N   1 
ATOM   85  C  CA  . GLY A 1 32  ? -12.479 2.273   -3.019  1.00 24.98 ? 32  GLY A CA  1 
ATOM   86  C  C   . GLY A 1 32  ? -11.058 2.181   -2.481  1.00 24.40 ? 32  GLY A C   1 
ATOM   87  O  O   . GLY A 1 32  ? -10.502 3.181   -2.014  1.00 24.75 ? 32  GLY A O   1 
ATOM   88  N  N   . GLN A 1 33  ? -10.503 0.967   -2.507  1.00 23.33 ? 33  GLN A N   1 
ATOM   89  C  CA  . GLN A 1 33  ? -9.108  0.732   -2.063  1.00 22.11 ? 33  GLN A CA  1 
ATOM   90  C  C   . GLN A 1 33  ? -8.394  -0.128  -3.111  1.00 21.34 ? 33  GLN A C   1 
ATOM   91  O  O   . GLN A 1 33  ? -9.039  -0.889  -3.844  1.00 21.44 ? 33  GLN A O   1 
ATOM   92  C  CB  . GLN A 1 33  ? -9.053  0.028   -0.710  1.00 21.55 ? 33  GLN A CB  1 
ATOM   93  C  CG  . GLN A 1 33  ? -9.888  0.648   0.413   1.00 22.95 ? 33  GLN A CG  1 
ATOM   94  C  CD  . GLN A 1 33  ? -10.053 -0.263  1.615   1.00 23.44 ? 33  GLN A CD  1 
ATOM   95  O  OE1 . GLN A 1 33  ? -9.863  -1.480  1.540   1.00 25.41 ? 33  GLN A OE1 1 
ATOM   96  N  NE2 . GLN A 1 33  ? -10.441 0.324   2.734   1.00 26.95 ? 33  GLN A NE2 1 
ATOM   97  N  N   . GLU A 1 34  ? -7.064  -0.008  -3.181  1.00 19.86 ? 34  GLU A N   1 
ATOM   98  C  CA  . GLU A 1 34  ? -6.264  -0.768  -4.154  1.00 19.21 ? 34  GLU A CA  1 
ATOM   99  C  C   . GLU A 1 34  ? -4.984  -1.178  -3.434  1.00 18.36 ? 34  GLU A C   1 
ATOM   100 O  O   . GLU A 1 34  ? -4.556  -0.481  -2.512  1.00 17.36 ? 34  GLU A O   1 
ATOM   101 C  CB  . GLU A 1 34  ? -5.855  0.103   -5.352  1.00 19.42 ? 34  GLU A CB  1 
ATOM   102 C  CG  . GLU A 1 34  ? -7.007  0.525   -6.286  1.00 24.70 ? 34  GLU A CG  1 
ATOM   103 C  CD  . GLU A 1 34  ? -7.668  -0.648  -7.000  1.00 29.51 ? 34  GLU A CD  1 
ATOM   104 O  OE1 . GLU A 1 34  ? -7.067  -1.759  -7.108  1.00 30.11 ? 34  GLU A OE1 1 
ATOM   105 O  OE2 . GLU A 1 34  ? -8.808  -0.431  -7.477  1.00 34.17 ? 34  GLU A OE2 1 
ATOM   106 N  N   . TYR A 1 35  ? -4.386  -2.304  -3.850  1.00 17.29 ? 35  TYR A N   1 
ATOM   107 C  CA  . TYR A 1 35  ? -3.038  -2.623  -3.378  1.00 17.10 ? 35  TYR A CA  1 
ATOM   108 C  C   . TYR A 1 35  ? -2.035  -1.773  -4.130  1.00 15.71 ? 35  TYR A C   1 
ATOM   109 O  O   . TYR A 1 35  ? -2.273  -1.379  -5.275  1.00 15.94 ? 35  TYR A O   1 
ATOM   110 C  CB  . TYR A 1 35  ? -2.708  -4.112  -3.617  1.00 16.73 ? 35  TYR A CB  1 
ATOM   111 C  CG  . TYR A 1 35  ? -3.676  -5.041  -2.941  1.00 17.70 ? 35  TYR A CG  1 
ATOM   112 C  CD1 . TYR A 1 35  ? -3.762  -5.106  -1.523  1.00 17.84 ? 35  TYR A CD1 1 
ATOM   113 C  CD2 . TYR A 1 35  ? -4.532  -5.830  -3.696  1.00 18.09 ? 35  TYR A CD2 1 
ATOM   114 C  CE1 . TYR A 1 35  ? -4.654  -5.990  -0.903  1.00 17.73 ? 35  TYR A CE1 1 
ATOM   115 C  CE2 . TYR A 1 35  ? -5.420  -6.703  -3.084  1.00 20.20 ? 35  TYR A CE2 1 
ATOM   116 C  CZ  . TYR A 1 35  ? -5.479  -6.768  -1.704  1.00 18.76 ? 35  TYR A CZ  1 
ATOM   117 O  OH  . TYR A 1 35  ? -6.405  -7.633  -1.126  1.00 22.26 ? 35  TYR A OH  1 
ATOM   118 N  N   . GLY A 1 36  ? -0.924  -1.449  -3.481  1.00 14.91 ? 36  GLY A N   1 
ATOM   119 C  CA  . GLY A 1 36  ? 0.116   -0.720  -4.155  1.00 15.61 ? 36  GLY A CA  1 
ATOM   120 C  C   . GLY A 1 36  ? 1.474   -1.168  -3.651  1.00 14.27 ? 36  GLY A C   1 
ATOM   121 O  O   . GLY A 1 36  ? 1.588   -1.783  -2.590  1.00 15.07 ? 36  GLY A O   1 
ATOM   122 N  N   . GLN A 1 37  ? 2.488   -0.746  -4.381  1.00 14.75 ? 37  GLN A N   1 
ATOM   123 C  CA  . GLN A 1 37  ? 3.880   -0.995  -4.028  1.00 13.49 ? 37  GLN A CA  1 
ATOM   124 C  C   . GLN A 1 37  ? 4.603   0.335   -4.019  1.00 12.74 ? 37  GLN A C   1 
ATOM   125 O  O   . GLN A 1 37  ? 4.526   1.103   -4.978  1.00 13.75 ? 37  GLN A O   1 
ATOM   126 C  CB  . GLN A 1 37  ? 4.528   -1.958  -5.025  1.00 13.52 ? 37  GLN A CB  1 
ATOM   127 C  CG  . GLN A 1 37  ? 5.986   -2.315  -4.593  1.00 13.38 ? 37  GLN A CG  1 
ATOM   128 C  CD  . GLN A 1 37  ? 6.479   -3.581  -5.215  1.00 14.96 ? 37  GLN A CD  1 
ATOM   129 O  OE1 . GLN A 1 37  ? 6.145   -3.890  -6.376  1.00 15.89 ? 37  GLN A OE1 1 
ATOM   130 N  NE2 . GLN A 1 37  ? 7.284   -4.358  -4.433  1.00 12.52 ? 37  GLN A NE2 1 
ATOM   131 N  N   . VAL A 1 38  ? 5.252   0.641   -2.899  1.00 12.81 ? 38  VAL A N   1 
ATOM   132 C  CA  . VAL A 1 38  ? 5.903   1.932   -2.714  1.00 13.15 ? 38  VAL A CA  1 
ATOM   133 C  C   . VAL A 1 38  ? 7.061   2.089   -3.687  1.00 13.97 ? 38  VAL A C   1 
ATOM   134 O  O   . VAL A 1 38  ? 7.912   1.206   -3.779  1.00 13.83 ? 38  VAL A O   1 
ATOM   135 C  CB  . VAL A 1 38  ? 6.388   2.100   -1.238  1.00 13.78 ? 38  VAL A CB  1 
ATOM   136 C  CG1 . VAL A 1 38  ? 7.110   3.408   -1.068  1.00 13.47 ? 38  VAL A CG1 1 
ATOM   137 C  CG2 . VAL A 1 38  ? 5.181   2.014   -0.311  1.00 13.84 ? 38  VAL A CG2 1 
ATOM   138 N  N   . GLN A 1 39  ? 7.082   3.194   -4.423  1.00 14.19 ? 39  GLN A N   1 
ATOM   139 C  CA  . GLN A 1 39  ? 8.151   3.469   -5.399  1.00 15.97 ? 39  GLN A CA  1 
ATOM   140 C  C   . GLN A 1 39  ? 9.236   4.343   -4.778  1.00 18.07 ? 39  GLN A C   1 
ATOM   141 O  O   . GLN A 1 39  ? 10.428  4.077   -4.911  1.00 17.51 ? 39  GLN A O   1 
ATOM   142 C  CB  . GLN A 1 39  ? 7.587   4.132   -6.665  1.00 16.13 ? 39  GLN A CB  1 
ATOM   143 C  CG  . GLN A 1 39  ? 6.541   3.296   -7.404  1.00 16.09 ? 39  GLN A CG  1 
ATOM   144 C  CD  . GLN A 1 39  ? 7.080   1.922   -7.751  1.00 17.22 ? 39  GLN A CD  1 
ATOM   145 O  OE1 . GLN A 1 39  ? 8.045   1.832   -8.489  1.00 18.88 ? 39  GLN A OE1 1 
ATOM   146 N  NE2 . GLN A 1 39  ? 6.456   0.862   -7.250  1.00 15.69 ? 39  GLN A NE2 1 
ATOM   147 N  N   . ARG A 1 40  ? 8.830   5.406   -4.089  1.00 19.76 ? 40  ARG A N   1 
ATOM   148 C  CA  . ARG A 1 40  ? 9.803   6.278   -3.444  1.00 22.64 ? 40  ARG A CA  1 
ATOM   149 C  C   . ARG A 1 40  ? 9.120   7.113   -2.362  1.00 23.37 ? 40  ARG A C   1 
ATOM   150 O  O   . ARG A 1 40  ? 7.905   7.363   -2.423  1.00 21.78 ? 40  ARG A O   1 
ATOM   151 C  CB  . ARG A 1 40  ? 10.503  7.199   -4.462  1.00 22.59 ? 40  ARG A CB  1 
ATOM   152 C  CG  . ARG A 1 40  ? 9.580   8.117   -5.213  1.00 24.42 ? 40  ARG A CG  1 
ATOM   153 C  CD  . ARG A 1 40  ? 10.198  8.664   -6.518  1.00 26.51 ? 40  ARG A CD  1 
ATOM   154 N  NE  . ARG A 1 40  ? 10.481  7.594   -7.494  1.00 31.68 ? 40  ARG A NE  1 
ATOM   155 C  CZ  . ARG A 1 40  ? 9.570   6.995   -8.262  1.00 31.47 ? 40  ARG A CZ  1 
ATOM   156 N  NH1 . ARG A 1 40  ? 8.283   7.351   -8.177  1.00 30.58 ? 40  ARG A NH1 1 
ATOM   157 N  NH2 . ARG A 1 40  ? 9.951   6.038   -9.119  1.00 29.77 ? 40  ARG A NH2 1 
HETATM 158 N  N   . MSE A 1 41  ? 9.914   7.508   -1.369  1.00 25.21 ? 41  MSE A N   1 
HETATM 159 C  CA  . MSE A 1 41  ? 9.475   8.435   -0.319  1.00 26.73 ? 41  MSE A CA  1 
HETATM 160 C  C   . MSE A 1 41  ? 9.656   9.875   -0.805  1.00 28.61 ? 41  MSE A C   1 
HETATM 161 O  O   . MSE A 1 41  ? 10.681  10.208  -1.414  1.00 29.23 ? 41  MSE A O   1 
HETATM 162 C  CB  . MSE A 1 41  ? 10.301  8.221   0.947   1.00 27.67 ? 41  MSE A CB  1 
HETATM 163 C  CG  . MSE A 1 41  ? 10.385  6.786   1.397   1.00 28.04 ? 41  MSE A CG  1 
HETATM 164 SE SE  . MSE A 1 41  ? 8.649   5.964   1.454   1.00 38.89 ? 41  MSE A SE  1 
HETATM 165 C  CE  . MSE A 1 41  ? 7.945   6.798   3.048   1.00 25.92 ? 41  MSE A CE  1 
ATOM   166 N  N   . LEU A 1 42  ? 8.681   10.740  -0.540  1.00 29.52 ? 42  LEU A N   1 
ATOM   167 C  CA  . LEU A 1 42  ? 8.786   12.127  -1.016  1.00 31.86 ? 42  LEU A CA  1 
ATOM   168 C  C   . LEU A 1 42  ? 8.962   13.138  0.121   1.00 33.31 ? 42  LEU A C   1 
ATOM   169 O  O   . LEU A 1 42  ? 9.268   14.311  -0.119  1.00 34.12 ? 42  LEU A O   1 
ATOM   170 C  CB  . LEU A 1 42  ? 7.597   12.503  -1.900  1.00 31.53 ? 42  LEU A CB  1 
ATOM   171 C  CG  . LEU A 1 42  ? 7.374   11.689  -3.178  1.00 32.89 ? 42  LEU A CG  1 
ATOM   172 C  CD1 . LEU A 1 42  ? 6.057   12.064  -3.797  1.00 32.46 ? 42  LEU A CD1 1 
ATOM   173 C  CD2 . LEU A 1 42  ? 8.492   11.886  -4.199  1.00 34.53 ? 42  LEU A CD2 1 
ATOM   174 N  N   . GLY A 1 43  ? 8.798   12.685  1.358   1.00 34.76 ? 43  GLY A N   1 
ATOM   175 C  CA  . GLY A 1 43  ? 8.872   13.602  2.503   1.00 36.58 ? 43  GLY A CA  1 
ATOM   176 C  C   . GLY A 1 43  ? 7.605   14.439  2.586   1.00 37.15 ? 43  GLY A C   1 
ATOM   177 O  O   . GLY A 1 43  ? 6.723   14.347  1.713   1.00 38.06 ? 43  GLY A O   1 
ATOM   178 N  N   . ASN A 1 44  ? 7.512   15.267  3.627   1.00 37.42 ? 44  ASN A N   1 
ATOM   179 C  CA  . ASN A 1 44  ? 6.253   15.953  3.947   1.00 36.82 ? 44  ASN A CA  1 
ATOM   180 C  C   . ASN A 1 44  ? 5.142   14.905  4.083   1.00 35.81 ? 44  ASN A C   1 
ATOM   181 O  O   . ASN A 1 44  ? 3.970   15.143  3.706   1.00 36.36 ? 44  ASN A O   1 
ATOM   182 C  CB  . ASN A 1 44  ? 5.912   17.006  2.886   1.00 37.22 ? 44  ASN A CB  1 
ATOM   183 N  N   . GLY A 1 45  ? 5.550   13.739  4.599   1.00 34.04 ? 45  GLY A N   1 
ATOM   184 C  CA  . GLY A 1 45  ? 4.678   12.575  4.807   1.00 31.21 ? 45  GLY A CA  1 
ATOM   185 C  C   . GLY A 1 45  ? 3.974   12.052  3.557   1.00 29.25 ? 45  GLY A C   1 
ATOM   186 O  O   . GLY A 1 45  ? 2.809   11.667  3.625   1.00 28.14 ? 45  GLY A O   1 
ATOM   187 N  N   . ARG A 1 46  ? 4.671   12.038  2.419   1.00 26.57 ? 46  ARG A N   1 
ATOM   188 C  CA  . ARG A 1 46  ? 4.080   11.492  1.200   1.00 24.68 ? 46  ARG A CA  1 
ATOM   189 C  C   . ARG A 1 46  ? 4.980   10.431  0.554   1.00 22.17 ? 46  ARG A C   1 
ATOM   190 O  O   . ARG A 1 46  ? 6.191   10.379  0.803   1.00 21.82 ? 46  ARG A O   1 
ATOM   191 C  CB  . ARG A 1 46  ? 3.772   12.579  0.170   1.00 24.01 ? 46  ARG A CB  1 
ATOM   192 C  CG  . ARG A 1 46  ? 2.641   13.546  0.529   1.00 26.92 ? 46  ARG A CG  1 
ATOM   193 C  CD  . ARG A 1 46  ? 2.386   14.491  -0.663  1.00 27.44 ? 46  ARG A CD  1 
ATOM   194 N  NE  . ARG A 1 46  ? 1.473   15.580  -0.325  1.00 35.27 ? 46  ARG A NE  1 
ATOM   195 C  CZ  . ARG A 1 46  ? 1.846   16.734  0.230   1.00 38.57 ? 46  ARG A CZ  1 
ATOM   196 N  NH1 . ARG A 1 46  ? 3.127   16.959  0.522   1.00 38.83 ? 46  ARG A NH1 1 
ATOM   197 N  NH2 . ARG A 1 46  ? 0.934   17.667  0.502   1.00 38.79 ? 46  ARG A NH2 1 
ATOM   198 N  N   . LEU A 1 47  ? 4.372   9.593   -0.274  1.00 20.84 ? 47  LEU A N   1 
ATOM   199 C  CA  . LEU A 1 47  ? 5.138   8.628   -1.085  1.00 18.96 ? 47  LEU A CA  1 
ATOM   200 C  C   . LEU A 1 47  ? 4.444   8.445   -2.430  1.00 19.17 ? 47  LEU A C   1 
ATOM   201 O  O   . LEU A 1 47  ? 3.238   8.705   -2.555  1.00 18.97 ? 47  LEU A O   1 
ATOM   202 C  CB  . LEU A 1 47  ? 5.279   7.283   -0.343  1.00 18.49 ? 47  LEU A CB  1 
ATOM   203 C  CG  . LEU A 1 47  ? 4.010   6.465   -0.012  1.00 16.25 ? 47  LEU A CG  1 
ATOM   204 C  CD1 . LEU A 1 47  ? 3.373   5.761   -1.227  1.00 17.95 ? 47  LEU A CD1 1 
ATOM   205 C  CD2 . LEU A 1 47  ? 4.318   5.482   1.113   1.00 18.22 ? 47  LEU A CD2 1 
ATOM   206 N  N   . ASP A 1 48  ? 5.200   7.978   -3.421  1.00 18.42 ? 48  ASP A N   1 
ATOM   207 C  CA  . ASP A 1 48  ? 4.648   7.574   -4.718  1.00 19.29 ? 48  ASP A CA  1 
ATOM   208 C  C   . ASP A 1 48  ? 4.434   6.076   -4.634  1.00 18.46 ? 48  ASP A C   1 
ATOM   209 O  O   . ASP A 1 48  ? 5.351   5.342   -4.221  1.00 17.74 ? 48  ASP A O   1 
ATOM   210 C  CB  . ASP A 1 48  ? 5.657   7.804   -5.856  1.00 19.50 ? 48  ASP A CB  1 
ATOM   211 C  CG  . ASP A 1 48  ? 5.780   9.238   -6.251  1.00 25.26 ? 48  ASP A CG  1 
ATOM   212 O  OD1 . ASP A 1 48  ? 4.765   9.986   -6.150  1.00 27.25 ? 48  ASP A OD1 1 
ATOM   213 O  OD2 . ASP A 1 48  ? 6.909   9.617   -6.656  1.00 29.09 ? 48  ASP A OD2 1 
ATOM   214 N  N   . ALA A 1 49  ? 3.237   5.627   -4.985  1.00 17.15 ? 49  ALA A N   1 
ATOM   215 C  CA  . ALA A 1 49  ? 2.946   4.194   -5.040  1.00 17.01 ? 49  ALA A CA  1 
ATOM   216 C  C   . ALA A 1 49  ? 2.463   3.790   -6.431  1.00 16.36 ? 49  ALA A C   1 
ATOM   217 O  O   . ALA A 1 49  ? 1.659   4.513   -7.056  1.00 17.16 ? 49  ALA A O   1 
ATOM   218 C  CB  . ALA A 1 49  ? 1.899   3.815   -4.000  1.00 17.14 ? 49  ALA A CB  1 
ATOM   219 N  N   . TYR A 1 50  ? 2.961   2.667   -6.942  1.00 15.61 ? 50  TYR A N   1 
ATOM   220 C  CA  . TYR A 1 50  ? 2.339   2.062   -8.126  1.00 15.23 ? 50  TYR A CA  1 
ATOM   221 C  C   . TYR A 1 50  ? 1.209   1.140   -7.652  1.00 16.13 ? 50  TYR A C   1 
ATOM   222 O  O   . TYR A 1 50  ? 1.468   0.177   -6.922  1.00 15.08 ? 50  TYR A O   1 
ATOM   223 C  CB  . TYR A 1 50  ? 3.381   1.293   -8.976  1.00 16.23 ? 50  TYR A CB  1 
ATOM   224 C  CG  . TYR A 1 50  ? 2.694   0.520   -10.052 1.00 15.88 ? 50  TYR A CG  1 
ATOM   225 C  CD1 . TYR A 1 50  ? 2.246   1.177   -11.212 1.00 16.17 ? 50  TYR A CD1 1 
ATOM   226 C  CD2 . TYR A 1 50  ? 2.394   -0.840  -9.882  1.00 15.65 ? 50  TYR A CD2 1 
ATOM   227 C  CE1 . TYR A 1 50  ? 1.560   0.478   -12.219 1.00 17.74 ? 50  TYR A CE1 1 
ATOM   228 C  CE2 . TYR A 1 50  ? 1.677   -1.544  -10.873 1.00 17.33 ? 50  TYR A CE2 1 
ATOM   229 C  CZ  . TYR A 1 50  ? 1.273   -0.874  -12.025 1.00 17.54 ? 50  TYR A CZ  1 
ATOM   230 O  OH  . TYR A 1 50  ? 0.607   -1.586  -12.988 1.00 20.54 ? 50  TYR A OH  1 
ATOM   231 N  N   . CYS A 1 51  ? -0.048  1.439   -8.036  1.00 15.72 ? 51  CYS A N   1 
ATOM   232 C  CA  . CYS A 1 51  ? -1.178  0.658   -7.546  1.00 16.28 ? 51  CYS A CA  1 
ATOM   233 C  C   . CYS A 1 51  ? -1.517  -0.374  -8.610  1.00 16.52 ? 51  CYS A C   1 
ATOM   234 O  O   . CYS A 1 51  ? -1.329  -0.122  -9.807  1.00 17.32 ? 51  CYS A O   1 
ATOM   235 C  CB  . CYS A 1 51  ? -2.396  1.551   -7.199  1.00 16.72 ? 51  CYS A CB  1 
ATOM   236 S  SG  . CYS A 1 51  ? -1.962  2.820   -6.023  1.00 20.62 ? 51  CYS A SG  1 
ATOM   237 N  N   . PHE A 1 52  ? -1.984  -1.534  -8.175  1.00 17.42 ? 52  PHE A N   1 
ATOM   238 C  CA  . PHE A 1 52  ? -2.185  -2.642  -9.094  1.00 19.33 ? 52  PHE A CA  1 
ATOM   239 C  C   . PHE A 1 52  ? -3.416  -2.555  -9.993  1.00 20.79 ? 52  PHE A C   1 
ATOM   240 O  O   . PHE A 1 52  ? -3.688  -3.495  -10.741 1.00 22.73 ? 52  PHE A O   1 
ATOM   241 C  CB  . PHE A 1 52  ? -2.052  -3.992  -8.386  1.00 18.64 ? 52  PHE A CB  1 
ATOM   242 C  CG  . PHE A 1 52  ? -0.645  -4.247  -7.910  1.00 20.01 ? 52  PHE A CG  1 
ATOM   243 C  CD1 . PHE A 1 52  ? 0.336   -4.665  -8.818  1.00 19.80 ? 52  PHE A CD1 1 
ATOM   244 C  CD2 . PHE A 1 52  ? -0.298  -4.032  -6.589  1.00 21.87 ? 52  PHE A CD2 1 
ATOM   245 C  CE1 . PHE A 1 52  ? 1.657   -4.857  -8.404  1.00 21.11 ? 52  PHE A CE1 1 
ATOM   246 C  CE2 . PHE A 1 52  ? 1.039   -4.234  -6.155  1.00 21.53 ? 52  PHE A CE2 1 
ATOM   247 C  CZ  . PHE A 1 52  ? 1.999   -4.626  -7.073  1.00 18.90 ? 52  PHE A CZ  1 
ATOM   248 N  N   . ASP A 1 53  ? -4.145  -1.432  -9.917  1.00 21.96 ? 53  ASP A N   1 
ATOM   249 C  CA  . ASP A 1 53  ? -5.124  -1.065  -10.963 1.00 22.56 ? 53  ASP A CA  1 
ATOM   250 C  C   . ASP A 1 53  ? -4.440  -0.280  -12.104 1.00 22.94 ? 53  ASP A C   1 
ATOM   251 O  O   . ASP A 1 53  ? -5.105  0.229   -13.023 1.00 22.98 ? 53  ASP A O   1 
ATOM   252 C  CB  . ASP A 1 53  ? -6.333  -0.289  -10.359 1.00 22.30 ? 53  ASP A CB  1 
ATOM   253 C  CG  . ASP A 1 53  ? -5.954  1.080   -9.814  1.00 24.31 ? 53  ASP A CG  1 
ATOM   254 O  OD1 . ASP A 1 53  ? -4.801  1.267   -9.376  1.00 21.78 ? 53  ASP A OD1 1 
ATOM   255 O  OD2 . ASP A 1 53  ? -6.818  1.994   -9.780  1.00 24.45 ? 53  ASP A OD2 1 
ATOM   256 N  N   . GLY A 1 54  ? -3.107  -0.185  -12.058 1.00 21.68 ? 54  GLY A N   1 
ATOM   257 C  CA  . GLY A 1 54  ? -2.353  0.458   -13.112 1.00 22.28 ? 54  GLY A CA  1 
ATOM   258 C  C   . GLY A 1 54  ? -2.135  1.939   -12.950 1.00 23.53 ? 54  GLY A C   1 
ATOM   259 O  O   . GLY A 1 54  ? -1.679  2.601   -13.879 1.00 25.16 ? 54  GLY A O   1 
ATOM   260 N  N   . GLN A 1 55  ? -2.439  2.466   -11.765 1.00 23.35 ? 55  GLN A N   1 
ATOM   261 C  CA  . GLN A 1 55  ? -2.392  3.908   -11.531 1.00 23.51 ? 55  GLN A CA  1 
ATOM   262 C  C   . GLN A 1 55  ? -1.304  4.244   -10.513 1.00 22.26 ? 55  GLN A C   1 
ATOM   263 O  O   . GLN A 1 55  ? -1.247  3.633   -9.457  1.00 21.52 ? 55  GLN A O   1 
ATOM   264 C  CB  . GLN A 1 55  ? -3.766  4.351   -11.020 1.00 23.69 ? 55  GLN A CB  1 
ATOM   265 C  CG  . GLN A 1 55  ? -3.872  5.820   -10.610 1.00 28.60 ? 55  GLN A CG  1 
ATOM   266 C  CD  . GLN A 1 55  ? -3.801  6.772   -11.785 1.00 34.26 ? 55  GLN A CD  1 
ATOM   267 O  OE1 . GLN A 1 55  ? -4.245  6.439   -12.899 1.00 37.36 ? 55  GLN A OE1 1 
ATOM   268 N  NE2 . GLN A 1 55  ? -3.241  7.970   -11.551 1.00 34.43 ? 55  GLN A NE2 1 
ATOM   269 N  N   . LYS A 1 56  ? -0.436  5.190   -10.851 1.00 22.09 ? 56  LYS A N   1 
ATOM   270 C  CA  . LYS A 1 56  ? 0.474   5.780   -9.884  1.00 22.33 ? 56  LYS A CA  1 
ATOM   271 C  C   . LYS A 1 56  ? -0.306  6.774   -9.023  1.00 22.15 ? 56  LYS A C   1 
ATOM   272 O  O   . LYS A 1 56  ? -1.084  7.599   -9.534  1.00 22.75 ? 56  LYS A O   1 
ATOM   273 C  CB  . LYS A 1 56  ? 1.599   6.501   -10.609 1.00 24.00 ? 56  LYS A CB  1 
ATOM   274 C  CG  . LYS A 1 56  ? 2.465   5.560   -11.456 1.00 25.12 ? 56  LYS A CG  1 
ATOM   275 C  CD  . LYS A 1 56  ? 3.547   6.373   -12.154 1.00 30.87 ? 56  LYS A CD  1 
ATOM   276 N  N   . ARG A 1 57  ? -0.105  6.704   -7.720  1.00 20.20 ? 57  ARG A N   1 
ATOM   277 C  CA  . ARG A 1 57  ? -0.790  7.636   -6.816  1.00 19.12 ? 57  ARG A CA  1 
ATOM   278 C  C   . ARG A 1 57  ? 0.170   8.223   -5.813  1.00 19.71 ? 57  ARG A C   1 
ATOM   279 O  O   . ARG A 1 57  ? 1.039   7.512   -5.271  1.00 18.96 ? 57  ARG A O   1 
ATOM   280 C  CB  . ARG A 1 57  ? -1.951  6.945   -6.114  1.00 18.71 ? 57  ARG A CB  1 
ATOM   281 C  CG  . ARG A 1 57  ? -3.092  6.615   -7.051  1.00 18.41 ? 57  ARG A CG  1 
ATOM   282 C  CD  . ARG A 1 57  ? -4.329  6.093   -6.293  1.00 20.41 ? 57  ARG A CD  1 
ATOM   283 N  NE  . ARG A 1 57  ? -5.400  5.837   -7.252  1.00 24.35 ? 57  ARG A NE  1 
ATOM   284 C  CZ  . ARG A 1 57  ? -5.586  4.692   -7.916  1.00 25.41 ? 57  ARG A CZ  1 
ATOM   285 N  NH1 . ARG A 1 57  ? -4.777  3.644   -7.724  1.00 22.29 ? 57  ARG A NH1 1 
ATOM   286 N  NH2 . ARG A 1 57  ? -6.602  4.588   -8.770  1.00 25.24 ? 57  ARG A NH2 1 
ATOM   287 N  N   . LEU A 1 58  ? 0.051   9.541   -5.616  1.00 19.72 ? 58  LEU A N   1 
ATOM   288 C  CA  . LEU A 1 58  ? 0.838   10.280  -4.643  1.00 20.80 ? 58  LEU A CA  1 
ATOM   289 C  C   . LEU A 1 58  ? 0.021   10.218  -3.350  1.00 20.88 ? 58  LEU A C   1 
ATOM   290 O  O   . LEU A 1 58  ? -1.096  10.775  -3.271  1.00 20.11 ? 58  LEU A O   1 
ATOM   291 C  CB  . LEU A 1 58  ? 1.018   11.721  -5.143  1.00 20.95 ? 58  LEU A CB  1 
ATOM   292 C  CG  . LEU A 1 58  ? 2.268   12.541  -4.878  1.00 24.93 ? 58  LEU A CG  1 
ATOM   293 C  CD1 . LEU A 1 58  ? 1.996   14.069  -5.092  1.00 24.12 ? 58  LEU A CD1 1 
ATOM   294 C  CD2 . LEU A 1 58  ? 2.873   12.274  -3.515  1.00 25.59 ? 58  LEU A CD2 1 
ATOM   295 N  N   . CYS A 1 59  ? 0.563   9.515   -2.350  1.00 20.09 ? 59  CYS A N   1 
ATOM   296 C  CA  . CYS A 1 59  ? -0.186  9.113   -1.163  1.00 19.35 ? 59  CYS A CA  1 
ATOM   297 C  C   . CYS A 1 59  ? 0.280   9.765   0.147   1.00 19.26 ? 59  CYS A C   1 
ATOM   298 O  O   . CYS A 1 59  ? 1.468   9.814   0.455   1.00 18.90 ? 59  CYS A O   1 
ATOM   299 C  CB  . CYS A 1 59  ? -0.166  7.567   -0.995  1.00 19.41 ? 59  CYS A CB  1 
ATOM   300 S  SG  . CYS A 1 59  ? -0.892  6.676   -2.396  1.00 19.99 ? 59  CYS A SG  1 
ATOM   301 N  N   . HIS A 1 60  ? -0.699  10.250  0.922   1.00 19.36 ? 60  HIS A N   1 
ATOM   302 C  CA  . HIS A 1 60  ? -0.462  10.735  2.275   1.00 19.95 ? 60  HIS A CA  1 
ATOM   303 C  C   . HIS A 1 60  ? -0.206  9.569   3.227   1.00 19.88 ? 60  HIS A C   1 
ATOM   304 O  O   . HIS A 1 60  ? -0.940  8.583   3.223   1.00 20.47 ? 60  HIS A O   1 
ATOM   305 C  CB  . HIS A 1 60  ? -1.686  11.552  2.763   1.00 20.02 ? 60  HIS A CB  1 
ATOM   306 C  CG  . HIS A 1 60  ? -1.614  11.940  4.215   1.00 20.61 ? 60  HIS A CG  1 
ATOM   307 N  ND1 . HIS A 1 60  ? -0.704  12.864  4.692   1.00 22.64 ? 60  HIS A ND1 1 
ATOM   308 C  CD2 . HIS A 1 60  ? -2.333  11.527  5.293   1.00 19.13 ? 60  HIS A CD2 1 
ATOM   309 C  CE1 . HIS A 1 60  ? -0.858  12.993  6.000   1.00 21.56 ? 60  HIS A CE1 1 
ATOM   310 N  NE2 . HIS A 1 60  ? -1.839  12.192  6.389   1.00 20.35 ? 60  HIS A NE2 1 
ATOM   311 N  N   . ILE A 1 61  ? 0.845   9.694   4.039   1.00 20.52 ? 61  ILE A N   1 
ATOM   312 C  CA  . ILE A 1 61  ? 1.118   8.752   5.105   1.00 21.07 ? 61  ILE A CA  1 
ATOM   313 C  C   . ILE A 1 61  ? 0.681   9.327   6.455   1.00 22.33 ? 61  ILE A C   1 
ATOM   314 O  O   . ILE A 1 61  ? 1.067   10.446  6.826   1.00 21.74 ? 61  ILE A O   1 
ATOM   315 C  CB  . ILE A 1 61  ? 2.639   8.384   5.186   1.00 21.91 ? 61  ILE A CB  1 
ATOM   316 C  CG1 . ILE A 1 61  ? 3.203   8.141   3.784   1.00 21.26 ? 61  ILE A CG1 1 
ATOM   317 C  CG2 . ILE A 1 61  ? 2.827   7.182   6.120   1.00 21.65 ? 61  ILE A CG2 1 
ATOM   318 C  CD1 . ILE A 1 61  ? 4.769   8.134   3.720   1.00 21.65 ? 61  ILE A CD1 1 
ATOM   319 N  N   . ARG A 1 62  ? -0.112  8.550   7.181   1.00 21.88 ? 62  ARG A N   1 
ATOM   320 C  CA  . ARG A 1 62  ? -0.680  9.007   8.462   1.00 22.83 ? 62  ARG A CA  1 
ATOM   321 C  C   . ARG A 1 62  ? 0.325   8.973   9.604   1.00 23.88 ? 62  ARG A C   1 
ATOM   322 O  O   . ARG A 1 62  ? 1.165   8.064   9.677   1.00 24.01 ? 62  ARG A O   1 
ATOM   323 C  CB  . ARG A 1 62  ? -1.922  8.203   8.785   1.00 21.83 ? 62  ARG A CB  1 
ATOM   324 C  CG  . ARG A 1 62  ? -2.968  8.361   7.705   1.00 21.61 ? 62  ARG A CG  1 
ATOM   325 C  CD  . ARG A 1 62  ? -4.083  7.403   7.906   1.00 22.35 ? 62  ARG A CD  1 
ATOM   326 N  NE  . ARG A 1 62  ? -5.157  7.670   6.956   1.00 20.55 ? 62  ARG A NE  1 
ATOM   327 C  CZ  . ARG A 1 62  ? -6.221  6.891   6.795   1.00 22.47 ? 62  ARG A CZ  1 
ATOM   328 N  NH1 . ARG A 1 62  ? -6.358  5.770   7.504   1.00 22.94 ? 62  ARG A NH1 1 
ATOM   329 N  NH2 . ARG A 1 62  ? -7.149  7.246   5.922   1.00 22.13 ? 62  ARG A NH2 1 
ATOM   330 N  N   . GLY A 1 63  ? 0.259   9.981   10.478  1.00 24.29 ? 63  GLY A N   1 
ATOM   331 C  CA  . GLY A 1 63  ? 1.227   10.138  11.568  1.00 25.47 ? 63  GLY A CA  1 
ATOM   332 C  C   . GLY A 1 63  ? 1.408   8.913   12.442  1.00 26.58 ? 63  GLY A C   1 
ATOM   333 O  O   . GLY A 1 63  ? 2.535   8.581   12.800  1.00 27.02 ? 63  GLY A O   1 
ATOM   334 N  N   . LYS A 1 64  ? 0.303   8.244   12.776  1.00 26.67 ? 64  LYS A N   1 
ATOM   335 C  CA  . LYS A 1 64  ? 0.316   7.064   13.640  1.00 28.99 ? 64  LYS A CA  1 
ATOM   336 C  C   . LYS A 1 64  ? 1.132   5.932   13.016  1.00 29.95 ? 64  LYS A C   1 
ATOM   337 O  O   . LYS A 1 64  ? 1.916   5.266   13.711  1.00 29.91 ? 64  LYS A O   1 
ATOM   338 C  CB  . LYS A 1 64  ? -1.104  6.588   13.941  1.00 29.30 ? 64  LYS A CB  1 
ATOM   339 C  CG  . LYS A 1 64  ? -1.195  5.355   14.830  1.00 31.37 ? 64  LYS A CG  1 
ATOM   340 C  CD  . LYS A 1 64  ? -2.460  4.579   14.543  1.00 34.03 ? 64  LYS A CD  1 
HETATM 341 N  N   . MSE A 1 65  ? 0.948   5.735   11.713  1.00 30.16 ? 65  MSE A N   1 
HETATM 342 C  CA  . MSE A 1 65  ? 1.716   4.730   10.989  1.00 32.71 ? 65  MSE A CA  1 
HETATM 343 C  C   . MSE A 1 65  ? 3.213   5.025   10.976  1.00 31.79 ? 65  MSE A C   1 
HETATM 344 O  O   . MSE A 1 65  ? 4.005   4.140   11.292  1.00 32.29 ? 65  MSE A O   1 
HETATM 345 C  CB  . MSE A 1 65  ? 1.211   4.579   9.555   1.00 31.46 ? 65  MSE A CB  1 
HETATM 346 C  CG  . MSE A 1 65  ? 2.106   3.656   8.738   1.00 34.24 ? 65  MSE A CG  1 
HETATM 347 SE SE  . MSE A 1 65  ? 1.210   3.100   7.112   1.00 38.15 ? 65  MSE A SE  1 
HETATM 348 C  CE  . MSE A 1 65  ? -0.435  2.563   7.905   1.00 33.47 ? 65  MSE A CE  1 
ATOM   349 N  N   . ARG A 1 66  ? 3.578   6.245   10.586  1.00 32.04 ? 66  ARG A N   1 
ATOM   350 C  CA  . ARG A 1 66  ? 4.966   6.714   10.548  1.00 33.52 ? 66  ARG A CA  1 
ATOM   351 C  C   . ARG A 1 66  ? 5.715   6.434   11.858  1.00 33.42 ? 66  ARG A C   1 
ATOM   352 O  O   . ARG A 1 66  ? 6.885   6.031   11.851  1.00 32.69 ? 66  ARG A O   1 
ATOM   353 C  CB  . ARG A 1 66  ? 5.013   8.222   10.271  1.00 33.15 ? 66  ARG A CB  1 
ATOM   354 C  CG  . ARG A 1 66  ? 4.593   8.630   8.872   1.00 35.08 ? 66  ARG A CG  1 
ATOM   355 C  CD  . ARG A 1 66  ? 4.419   10.152  8.746   1.00 35.84 ? 66  ARG A CD  1 
ATOM   356 N  NE  . ARG A 1 66  ? 5.702   10.862  8.765   1.00 40.12 ? 66  ARG A NE  1 
ATOM   357 N  N   . LYS A 1 67  ? 5.026   6.650   12.978  1.00 32.91 ? 67  LYS A N   1 
ATOM   358 C  CA  . LYS A 1 67  ? 5.604   6.420   14.288  1.00 33.45 ? 67  LYS A CA  1 
ATOM   359 C  C   . LYS A 1 67  ? 5.872   4.944   14.577  1.00 32.92 ? 67  LYS A C   1 
ATOM   360 O  O   . LYS A 1 67  ? 6.894   4.627   15.187  1.00 33.95 ? 67  LYS A O   1 
ATOM   361 C  CB  . LYS A 1 67  ? 4.730   7.035   15.391  1.00 33.41 ? 67  LYS A CB  1 
ATOM   362 C  CG  . LYS A 1 67  ? 4.753   8.560   15.411  1.00 35.19 ? 67  LYS A CG  1 
ATOM   363 N  N   . LYS A 1 68  ? 4.982   4.049   14.155  1.00 32.52 ? 68  LYS A N   1 
ATOM   364 C  CA  . LYS A 1 68  ? 5.130   2.633   14.507  1.00 32.37 ? 68  LYS A CA  1 
ATOM   365 C  C   . LYS A 1 68  ? 5.927   1.764   13.529  1.00 31.46 ? 68  LYS A C   1 
ATOM   366 O  O   . LYS A 1 68  ? 6.513   0.759   13.939  1.00 31.08 ? 68  LYS A O   1 
ATOM   367 C  CB  . LYS A 1 68  ? 3.787   1.956   14.829  1.00 33.91 ? 68  LYS A CB  1 
ATOM   368 C  CG  . LYS A 1 68  ? 2.819   1.850   13.681  1.00 36.37 ? 68  LYS A CG  1 
ATOM   369 C  CD  . LYS A 1 68  ? 1.939   0.586   13.789  1.00 40.74 ? 68  LYS A CD  1 
ATOM   370 C  CE  . LYS A 1 68  ? 0.925   0.478   12.626  1.00 38.48 ? 68  LYS A CE  1 
ATOM   371 N  NZ  . LYS A 1 68  ? 1.491   0.860   11.298  1.00 40.38 ? 68  LYS A NZ  1 
ATOM   372 N  N   . VAL A 1 69  ? 5.930   2.124   12.245  1.00 29.88 ? 69  VAL A N   1 
ATOM   373 C  CA  . VAL A 1 69  ? 6.562   1.255   11.237  1.00 28.55 ? 69  VAL A CA  1 
ATOM   374 C  C   . VAL A 1 69  ? 7.420   2.037   10.262  1.00 27.31 ? 69  VAL A C   1 
ATOM   375 O  O   . VAL A 1 69  ? 7.225   3.238   10.081  1.00 27.61 ? 69  VAL A O   1 
ATOM   376 C  CB  . VAL A 1 69  ? 5.524   0.419   10.463  1.00 28.47 ? 69  VAL A CB  1 
ATOM   377 C  CG1 . VAL A 1 69  ? 4.723   -0.471  11.419  1.00 29.70 ? 69  VAL A CG1 1 
ATOM   378 C  CG2 . VAL A 1 69  ? 4.613   1.325   9.642   1.00 28.25 ? 69  VAL A CG2 1 
ATOM   379 N  N   . TRP A 1 70  ? 8.396   1.363   9.651   1.00 25.61 ? 70  TRP A N   1 
ATOM   380 C  CA  . TRP A 1 70  ? 9.140   1.970   8.566   1.00 24.54 ? 70  TRP A CA  1 
ATOM   381 C  C   . TRP A 1 70  ? 8.374   1.696   7.293   1.00 23.22 ? 70  TRP A C   1 
ATOM   382 O  O   . TRP A 1 70  ? 7.897   0.589   7.090   1.00 23.55 ? 70  TRP A O   1 
ATOM   383 C  CB  . TRP A 1 70  ? 10.558  1.386   8.436   1.00 25.50 ? 70  TRP A CB  1 
ATOM   384 C  CG  . TRP A 1 70  ? 11.436  1.810   9.540   1.00 25.11 ? 70  TRP A CG  1 
ATOM   385 C  CD1 . TRP A 1 70  ? 11.835  1.051   10.600  1.00 25.91 ? 70  TRP A CD1 1 
ATOM   386 C  CD2 . TRP A 1 70  ? 11.998  3.105   9.731   1.00 25.70 ? 70  TRP A CD2 1 
ATOM   387 N  NE1 . TRP A 1 70  ? 12.632  1.797   11.438  1.00 24.82 ? 70  TRP A NE1 1 
ATOM   388 C  CE2 . TRP A 1 70  ? 12.757  3.057   10.926  1.00 23.59 ? 70  TRP A CE2 1 
ATOM   389 C  CE3 . TRP A 1 70  ? 11.942  4.306   9.008   1.00 26.50 ? 70  TRP A CE3 1 
ATOM   390 C  CZ2 . TRP A 1 70  ? 13.432  4.162   11.420  1.00 25.99 ? 70  TRP A CZ2 1 
ATOM   391 C  CZ3 . TRP A 1 70  ? 12.625  5.407   9.496   1.00 27.43 ? 70  TRP A CZ3 1 
ATOM   392 C  CH2 . TRP A 1 70  ? 13.365  5.325   10.691  1.00 27.48 ? 70  TRP A CH2 1 
ATOM   393 N  N   . VAL A 1 71  ? 8.236   2.716   6.460   1.00 22.63 ? 71  VAL A N   1 
ATOM   394 C  CA  . VAL A 1 71  ? 7.662   2.526   5.125   1.00 21.50 ? 71  VAL A CA  1 
ATOM   395 C  C   . VAL A 1 71  ? 8.742   2.904   4.120   1.00 21.08 ? 71  VAL A C   1 
ATOM   396 O  O   . VAL A 1 71  ? 9.290   4.033   4.147   1.00 22.08 ? 71  VAL A O   1 
ATOM   397 C  CB  . VAL A 1 71  ? 6.393   3.387   4.888   1.00 22.18 ? 71  VAL A CB  1 
ATOM   398 C  CG1 . VAL A 1 71  ? 5.826   3.120   3.479   1.00 21.04 ? 71  VAL A CG1 1 
ATOM   399 C  CG2 . VAL A 1 71  ? 5.344   3.089   5.934   1.00 23.48 ? 71  VAL A CG2 1 
ATOM   400 N  N   . ASN A 1 72  ? 9.043   1.965   3.230   1.00 19.75 ? 72  ASN A N   1 
ATOM   401 C  CA  . ASN A 1 72  ? 10.185  2.088   2.319   1.00 18.80 ? 72  ASN A CA  1 
ATOM   402 C  C   . ASN A 1 72  ? 9.823   1.675   0.916   1.00 17.31 ? 72  ASN A C   1 
ATOM   403 O  O   . ASN A 1 72  ? 8.866   0.919   0.746   1.00 16.67 ? 72  ASN A O   1 
ATOM   404 C  CB  . ASN A 1 72  ? 11.311  1.150   2.764   1.00 19.40 ? 72  ASN A CB  1 
ATOM   405 C  CG  . ASN A 1 72  ? 12.024  1.666   3.980   1.00 19.88 ? 72  ASN A CG  1 
ATOM   406 O  OD1 . ASN A 1 72  ? 12.579  2.758   3.970   1.00 24.08 ? 72  ASN A OD1 1 
ATOM   407 N  ND2 . ASN A 1 72  ? 11.982  0.897   5.036   1.00 21.78 ? 72  ASN A ND2 1 
ATOM   408 N  N   . PRO A 1 73  ? 10.620  2.110   -0.076  1.00 17.40 ? 73  PRO A N   1 
ATOM   409 C  CA  . PRO A 1 73  ? 10.447  1.572   -1.430  1.00 16.99 ? 73  PRO A CA  1 
ATOM   410 C  C   . PRO A 1 73  ? 10.428  0.043   -1.483  1.00 16.91 ? 73  PRO A C   1 
ATOM   411 O  O   . PRO A 1 73  ? 11.212  -0.651  -0.768  1.00 15.97 ? 73  PRO A O   1 
ATOM   412 C  CB  . PRO A 1 73  ? 11.662  2.128   -2.179  1.00 17.55 ? 73  PRO A CB  1 
ATOM   413 C  CG  . PRO A 1 73  ? 11.993  3.410   -1.408  1.00 18.78 ? 73  PRO A CG  1 
ATOM   414 C  CD  . PRO A 1 73  ? 11.750  3.069   -0.004  1.00 17.82 ? 73  PRO A CD  1 
ATOM   415 N  N   . GLY A 1 74  ? 9.507   -0.476  -2.301  1.00 15.67 ? 74  GLY A N   1 
ATOM   416 C  CA  . GLY A 1 74  ? 9.238   -1.907  -2.396  1.00 14.57 ? 74  GLY A CA  1 
ATOM   417 C  C   . GLY A 1 74  ? 8.168   -2.448  -1.455  1.00 13.07 ? 74  GLY A C   1 
ATOM   418 O  O   . GLY A 1 74  ? 7.617   -3.503  -1.720  1.00 14.28 ? 74  GLY A O   1 
ATOM   419 N  N   . ASP A 1 75  ? 7.862   -1.739  -0.355  1.00 13.67 ? 75  ASP A N   1 
ATOM   420 C  CA  . ASP A 1 75  ? 6.804   -2.205  0.572   1.00 14.24 ? 75  ASP A CA  1 
ATOM   421 C  C   . ASP A 1 75  ? 5.427   -2.301  -0.114  1.00 13.57 ? 75  ASP A C   1 
ATOM   422 O  O   . ASP A 1 75  ? 5.137   -1.528  -0.999  1.00 13.41 ? 75  ASP A O   1 
ATOM   423 C  CB  . ASP A 1 75  ? 6.715   -1.312  1.812   1.00 14.54 ? 75  ASP A CB  1 
ATOM   424 C  CG  . ASP A 1 75  ? 7.900   -1.504  2.746   1.00 17.25 ? 75  ASP A CG  1 
ATOM   425 O  OD1 . ASP A 1 75  ? 8.608   -2.528  2.604   1.00 21.36 ? 75  ASP A OD1 1 
ATOM   426 O  OD2 . ASP A 1 75  ? 8.098   -0.639  3.611   1.00 20.40 ? 75  ASP A OD2 1 
ATOM   427 N  N   . ILE A 1 76  ? 4.622   -3.283  0.292   1.00 13.80 ? 76  ILE A N   1 
ATOM   428 C  CA  . ILE A 1 76  ? 3.250   -3.410  -0.169  1.00 13.51 ? 76  ILE A CA  1 
ATOM   429 C  C   . ILE A 1 76  ? 2.318   -2.745  0.821   1.00 14.13 ? 76  ILE A C   1 
ATOM   430 O  O   . ILE A 1 76  ? 2.435   -2.931  2.053   1.00 14.24 ? 76  ILE A O   1 
ATOM   431 C  CB  . ILE A 1 76  ? 2.813   -4.880  -0.361  1.00 14.74 ? 76  ILE A CB  1 
ATOM   432 C  CG1 . ILE A 1 76  ? 3.855   -5.627  -1.243  1.00 14.85 ? 76  ILE A CG1 1 
ATOM   433 C  CG2 . ILE A 1 76  ? 1.443   -4.946  -1.015  1.00 14.86 ? 76  ILE A CG2 1 
ATOM   434 C  CD1 . ILE A 1 76  ? 4.153   -4.935  -2.584  1.00 13.50 ? 76  ILE A CD1 1 
ATOM   435 N  N   . VAL A 1 77  ? 1.425   -1.949  0.260   1.00 14.09 ? 77  VAL A N   1 
ATOM   436 C  CA  . VAL A 1 77  ? 0.555   -1.073  1.059   1.00 14.18 ? 77  VAL A CA  1 
ATOM   437 C  C   . VAL A 1 77  ? -0.878  -1.220  0.561   1.00 15.25 ? 77  VAL A C   1 
ATOM   438 O  O   . VAL A 1 77  ? -1.121  -1.587  -0.596  1.00 14.66 ? 77  VAL A O   1 
ATOM   439 C  CB  . VAL A 1 77  ? 1.023   0.432   1.033   1.00 14.98 ? 77  VAL A CB  1 
ATOM   440 C  CG1 . VAL A 1 77  ? 2.336   0.647   1.852   1.00 13.97 ? 77  VAL A CG1 1 
ATOM   441 C  CG2 . VAL A 1 77  ? 1.151   0.989   -0.422  1.00 14.09 ? 77  VAL A CG2 1 
ATOM   442 N  N   . LEU A 1 78  ? -1.827  -0.913  1.450   1.00 15.31 ? 78  LEU A N   1 
ATOM   443 C  CA  . LEU A 1 78  ? -3.250  -0.783  1.073   1.00 15.62 ? 78  LEU A CA  1 
ATOM   444 C  C   . LEU A 1 78  ? -3.531  0.724   0.972   1.00 15.15 ? 78  LEU A C   1 
ATOM   445 O  O   . LEU A 1 78  ? -3.251  1.468   1.935   1.00 15.21 ? 78  LEU A O   1 
ATOM   446 C  CB  . LEU A 1 78  ? -4.150  -1.389  2.146   1.00 15.52 ? 78  LEU A CB  1 
ATOM   447 C  CG  . LEU A 1 78  ? -5.644  -1.476  1.749   1.00 15.69 ? 78  LEU A CG  1 
ATOM   448 C  CD1 . LEU A 1 78  ? -5.941  -2.227  0.451   1.00 15.68 ? 78  LEU A CD1 1 
ATOM   449 C  CD2 . LEU A 1 78  ? -6.419  -2.069  2.934   1.00 18.64 ? 78  LEU A CD2 1 
ATOM   450 N  N   . VAL A 1 79  ? -4.072  1.133   -0.173  1.00 16.44 ? 79  VAL A N   1 
ATOM   451 C  CA  . VAL A 1 79  ? -4.261  2.548   -0.544  1.00 17.58 ? 79  VAL A CA  1 
ATOM   452 C  C   . VAL A 1 79  ? -5.760  2.838   -0.579  1.00 18.23 ? 79  VAL A C   1 
ATOM   453 O  O   . VAL A 1 79  ? -6.496  2.138   -1.269  1.00 18.62 ? 79  VAL A O   1 
ATOM   454 C  CB  . VAL A 1 79  ? -3.672  2.859   -1.942  1.00 18.55 ? 79  VAL A CB  1 
ATOM   455 C  CG1 . VAL A 1 79  ? -3.868  4.354   -2.305  1.00 17.45 ? 79  VAL A CG1 1 
ATOM   456 C  CG2 . VAL A 1 79  ? -2.155  2.482   -2.014  1.00 17.93 ? 79  VAL A CG2 1 
ATOM   457 N  N   . SER A 1 80  ? -6.192  3.870   0.143   1.00 19.75 ? 80  SER A N   1 
ATOM   458 C  CA  . SER A 1 80  ? -7.572  4.365   0.012   1.00 20.48 ? 80  SER A CA  1 
ATOM   459 C  C   . SER A 1 80  ? -7.638  5.419   -1.097  1.00 19.81 ? 80  SER A C   1 
ATOM   460 O  O   . SER A 1 80  ? -6.902  6.392   -1.054  1.00 19.49 ? 80  SER A O   1 
ATOM   461 C  CB  . SER A 1 80  ? -8.070  4.992   1.325   1.00 21.70 ? 80  SER A CB  1 
ATOM   462 O  OG  . SER A 1 80  ? -9.420  5.362   1.142   1.00 23.36 ? 80  SER A OG  1 
ATOM   463 N  N   . LEU A 1 81  ? -8.504  5.217   -2.089  1.00 21.06 ? 81  LEU A N   1 
ATOM   464 C  CA  . LEU A 1 81  ? -8.631  6.141   -3.208  1.00 21.83 ? 81  LEU A CA  1 
ATOM   465 C  C   . LEU A 1 81  ? -9.323  7.457   -2.809  1.00 22.87 ? 81  LEU A C   1 
ATOM   466 O  O   . LEU A 1 81  ? -9.986  7.516   -1.791  1.00 23.06 ? 81  LEU A O   1 
ATOM   467 C  CB  . LEU A 1 81  ? -9.413  5.495   -4.353  1.00 22.18 ? 81  LEU A CB  1 
ATOM   468 C  CG  . LEU A 1 81  ? -8.867  4.188   -4.956  1.00 24.65 ? 81  LEU A CG  1 
ATOM   469 C  CD1 . LEU A 1 81  ? -9.579  3.867   -6.258  1.00 24.53 ? 81  LEU A CD1 1 
ATOM   470 C  CD2 . LEU A 1 81  ? -7.374  4.248   -5.169  1.00 25.78 ? 81  LEU A CD2 1 
ATOM   471 N  N   . ARG A 1 82  ? -9.132  8.488   -3.628  1.00 24.17 ? 82  ARG A N   1 
ATOM   472 C  CA  . ARG A 1 82  ? -9.837  9.756   -3.450  1.00 26.22 ? 82  ARG A CA  1 
ATOM   473 C  C   . ARG A 1 82  ? -10.731 9.977   -4.665  1.00 28.70 ? 82  ARG A C   1 
ATOM   474 O  O   . ARG A 1 82  ? -10.237 10.084  -5.790  1.00 29.02 ? 82  ARG A O   1 
ATOM   475 C  CB  . ARG A 1 82  ? -8.824  10.879  -3.308  1.00 24.62 ? 82  ARG A CB  1 
ATOM   476 C  CG  . ARG A 1 82  ? -8.047  10.802  -1.992  1.00 22.10 ? 82  ARG A CG  1 
ATOM   477 C  CD  . ARG A 1 82  ? -7.118  11.970  -1.876  1.00 19.67 ? 82  ARG A CD  1 
ATOM   478 N  NE  . ARG A 1 82  ? -6.293  11.863  -0.664  1.00 18.92 ? 82  ARG A NE  1 
ATOM   479 C  CZ  . ARG A 1 82  ? -5.342  12.733  -0.333  1.00 18.52 ? 82  ARG A CZ  1 
ATOM   480 N  NH1 . ARG A 1 82  ? -5.098  13.782  -1.108  1.00 19.14 ? 82  ARG A NH1 1 
ATOM   481 N  NH2 . ARG A 1 82  ? -4.621  12.548  0.758   1.00 20.00 ? 82  ARG A NH2 1 
ATOM   482 N  N   . ASP A 1 83  ? -12.042 10.008  -4.446  1.00 32.59 ? 83  ASP A N   1 
ATOM   483 C  CA  . ASP A 1 83  ? -13.004 10.174  -5.558  1.00 36.29 ? 83  ASP A CA  1 
ATOM   484 C  C   . ASP A 1 83  ? -12.748 11.342  -6.505  1.00 37.46 ? 83  ASP A C   1 
ATOM   485 O  O   . ASP A 1 83  ? -12.949 11.205  -7.713  1.00 38.54 ? 83  ASP A O   1 
ATOM   486 C  CB  . ASP A 1 83  ? -14.445 10.214  -5.041  1.00 37.19 ? 83  ASP A CB  1 
ATOM   487 C  CG  . ASP A 1 83  ? -14.985 8.838   -4.755  1.00 39.89 ? 83  ASP A CG  1 
ATOM   488 O  OD1 . ASP A 1 83  ? -14.708 7.908   -5.548  1.00 44.91 ? 83  ASP A OD1 1 
ATOM   489 O  OD2 . ASP A 1 83  ? -15.674 8.678   -3.734  1.00 45.01 ? 83  ASP A OD2 1 
ATOM   490 N  N   . PHE A 1 84  ? -12.287 12.475  -5.986  1.00 38.69 ? 84  PHE A N   1 
ATOM   491 C  CA  . PHE A 1 84  ? -12.075 13.632  -6.861  1.00 39.82 ? 84  PHE A CA  1 
ATOM   492 C  C   . PHE A 1 84  ? -10.654 13.804  -7.371  1.00 39.58 ? 84  PHE A C   1 
ATOM   493 O  O   . PHE A 1 84  ? -10.431 14.590  -8.294  1.00 39.61 ? 84  PHE A O   1 
ATOM   494 C  CB  . PHE A 1 84  ? -12.542 14.943  -6.210  1.00 40.88 ? 84  PHE A CB  1 
ATOM   495 C  CG  . PHE A 1 84  ? -13.821 14.818  -5.435  1.00 42.94 ? 84  PHE A CG  1 
ATOM   496 C  CD1 . PHE A 1 84  ? -14.959 14.242  -6.016  1.00 44.13 ? 84  PHE A CD1 1 
ATOM   497 C  CD2 . PHE A 1 84  ? -13.888 15.281  -4.119  1.00 45.29 ? 84  PHE A CD2 1 
ATOM   498 C  CE1 . PHE A 1 84  ? -16.144 14.126  -5.297  1.00 44.98 ? 84  PHE A CE1 1 
ATOM   499 C  CE2 . PHE A 1 84  ? -15.076 15.175  -3.387  1.00 45.92 ? 84  PHE A CE2 1 
ATOM   500 C  CZ  . PHE A 1 84  ? -16.204 14.597  -3.982  1.00 45.13 ? 84  PHE A CZ  1 
ATOM   501 N  N   . GLN A 1 85  ? -9.690  13.107  -6.768  1.00 38.94 ? 85  GLN A N   1 
ATOM   502 C  CA  . GLN A 1 85  ? -8.312  13.164  -7.264  1.00 38.39 ? 85  GLN A CA  1 
ATOM   503 C  C   . GLN A 1 85  ? -7.675  11.770  -7.392  1.00 37.42 ? 85  GLN A C   1 
ATOM   504 O  O   . GLN A 1 85  ? -7.021  11.302  -6.464  1.00 37.79 ? 85  GLN A O   1 
ATOM   505 C  CB  . GLN A 1 85  ? -7.430  14.191  -6.489  1.00 38.55 ? 85  GLN A CB  1 
ATOM   506 C  CG  . GLN A 1 85  ? -7.704  14.411  -4.957  1.00 39.13 ? 85  GLN A CG  1 
ATOM   507 C  CD  . GLN A 1 85  ? -6.816  15.523  -4.305  1.00 39.41 ? 85  GLN A CD  1 
ATOM   508 O  OE1 . GLN A 1 85  ? -6.769  15.690  -3.064  1.00 32.18 ? 85  GLN A OE1 1 
ATOM   509 N  NE2 . GLN A 1 85  ? -6.111  16.281  -5.150  1.00 41.77 ? 85  GLN A NE2 1 
ATOM   510 N  N   . ASP A 1 86  ? -7.869  11.125  -8.546  1.00 36.04 ? 86  ASP A N   1 
ATOM   511 C  CA  . ASP A 1 86  ? -7.371  9.759   -8.784  1.00 34.96 ? 86  ASP A CA  1 
ATOM   512 C  C   . ASP A 1 86  ? -5.848  9.620   -8.771  1.00 32.73 ? 86  ASP A C   1 
ATOM   513 O  O   . ASP A 1 86  ? -5.334  8.519   -8.588  1.00 32.49 ? 86  ASP A O   1 
ATOM   514 C  CB  . ASP A 1 86  ? -7.914  9.157   -10.084 1.00 35.86 ? 86  ASP A CB  1 
ATOM   515 C  CG  . ASP A 1 86  ? -7.786  7.622   -10.122 1.00 38.49 ? 86  ASP A CG  1 
ATOM   516 O  OD1 . ASP A 1 86  ? -8.341  6.928   -9.229  1.00 41.26 ? 86  ASP A OD1 1 
ATOM   517 O  OD2 . ASP A 1 86  ? -7.134  7.108   -11.053 1.00 41.48 ? 86  ASP A OD2 1 
ATOM   518 N  N   . SER A 1 87  ? -5.138  10.722  -8.978  1.00 30.39 ? 87  SER A N   1 
ATOM   519 C  CA  . SER A 1 87  ? -3.681  10.705  -8.930  1.00 28.70 ? 87  SER A CA  1 
ATOM   520 C  C   . SER A 1 87  ? -3.185  10.710  -7.475  1.00 26.20 ? 87  SER A C   1 
ATOM   521 O  O   . SER A 1 87  ? -1.970  10.714  -7.256  1.00 25.25 ? 87  SER A O   1 
ATOM   522 C  CB  . SER A 1 87  ? -3.114  11.921  -9.666  1.00 28.64 ? 87  SER A CB  1 
ATOM   523 O  OG  . SER A 1 87  ? -3.412  13.117  -8.950  1.00 32.15 ? 87  SER A OG  1 
ATOM   524 N  N   . LYS A 1 88  ? -4.121  10.748  -6.511  1.00 24.26 ? 88  LYS A N   1 
ATOM   525 C  CA  . LYS A 1 88  ? -3.787  10.828  -5.070  1.00 23.43 ? 88  LYS A CA  1 
ATOM   526 C  C   . LYS A 1 88  ? -4.418  9.724   -4.236  1.00 20.81 ? 88  LYS A C   1 
ATOM   527 O  O   . LYS A 1 88  ? -5.334  9.033   -4.676  1.00 21.82 ? 88  LYS A O   1 
ATOM   528 C  CB  . LYS A 1 88  ? -4.055  12.237  -4.448  1.00 23.24 ? 88  LYS A CB  1 
ATOM   529 C  CG  . LYS A 1 88  ? -3.053  13.303  -4.981  1.00 24.76 ? 88  LYS A CG  1 
ATOM   530 C  CD  . LYS A 1 88  ? -3.257  14.685  -4.400  1.00 26.44 ? 88  LYS A CD  1 
ATOM   531 C  CE  . LYS A 1 88  ? -2.852  15.762  -5.408  1.00 29.59 ? 88  LYS A CE  1 
ATOM   532 N  NZ  . LYS A 1 88  ? -1.403  15.784  -5.722  1.00 31.43 ? 88  LYS A NZ  1 
ATOM   533 N  N   . GLY A 1 89  ? -3.921  9.537   -3.022  1.00 19.37 ? 89  GLY A N   1 
ATOM   534 C  CA  . GLY A 1 89  ? -4.497  8.512   -2.172  1.00 17.64 ? 89  GLY A CA  1 
ATOM   535 C  C   . GLY A 1 89  ? -4.009  8.642   -0.765  1.00 17.11 ? 89  GLY A C   1 
ATOM   536 O  O   . GLY A 1 89  ? -3.282  9.574   -0.452  1.00 18.40 ? 89  GLY A O   1 
ATOM   537 N  N   . ASP A 1 90  ? -4.443  7.714   0.081   1.00 17.20 ? 90  ASP A N   1 
ATOM   538 C  CA  . ASP A 1 90  ? -4.081  7.679   1.502   1.00 18.01 ? 90  ASP A CA  1 
ATOM   539 C  C   . ASP A 1 90  ? -3.660  6.262   1.874   1.00 17.57 ? 90  ASP A C   1 
ATOM   540 O  O   . ASP A 1 90  ? -4.355  5.316   1.560   1.00 18.71 ? 90  ASP A O   1 
ATOM   541 C  CB  . ASP A 1 90  ? -5.274  8.089   2.365   1.00 18.02 ? 90  ASP A CB  1 
ATOM   542 C  CG  . ASP A 1 90  ? -5.708  9.514   2.090   1.00 18.01 ? 90  ASP A CG  1 
ATOM   543 O  OD1 . ASP A 1 90  ? -5.101  10.427  2.680   1.00 19.62 ? 90  ASP A OD1 1 
ATOM   544 O  OD2 . ASP A 1 90  ? -6.583  9.683   1.226   1.00 22.50 ? 90  ASP A OD2 1 
ATOM   545 N  N   . ILE A 1 91  ? -2.526  6.130   2.547   1.00 18.48 ? 91  ILE A N   1 
ATOM   546 C  CA  . ILE A 1 91  ? -2.054  4.804   2.948   1.00 19.21 ? 91  ILE A CA  1 
ATOM   547 C  C   . ILE A 1 91  ? -2.830  4.396   4.191   1.00 19.99 ? 91  ILE A C   1 
ATOM   548 O  O   . ILE A 1 91  ? -2.762  5.093   5.199   1.00 20.93 ? 91  ILE A O   1 
ATOM   549 C  CB  . ILE A 1 91  ? -0.527  4.805   3.251   1.00 18.85 ? 91  ILE A CB  1 
ATOM   550 C  CG1 . ILE A 1 91  ? 0.279   5.301   2.041   1.00 18.84 ? 91  ILE A CG1 1 
ATOM   551 C  CG2 . ILE A 1 91  ? -0.068  3.396   3.681   1.00 17.82 ? 91  ILE A CG2 1 
ATOM   552 C  CD1 . ILE A 1 91  ? -0.117  4.600   0.692   1.00 15.44 ? 91  ILE A CD1 1 
ATOM   553 N  N   A ILE A 1 92  ? -3.600  3.317   4.112   0.50 20.14 ? 92  ILE A N   1 
ATOM   554 N  N   B ILE A 1 92  ? -3.501  3.243   4.090   0.50 20.25 ? 92  ILE A N   1 
ATOM   555 C  CA  A ILE A 1 92  ? -4.286  2.830   5.300   0.50 20.49 ? 92  ILE A CA  1 
ATOM   556 C  CA  B ILE A 1 92  ? -4.424  2.650   5.084   0.50 20.70 ? 92  ILE A CA  1 
ATOM   557 C  C   A ILE A 1 92  ? -3.325  1.967   6.086   0.50 20.77 ? 92  ILE A C   1 
ATOM   558 C  C   B ILE A 1 92  ? -3.717  1.618   5.972   0.50 20.92 ? 92  ILE A C   1 
ATOM   559 O  O   A ILE A 1 92  ? -3.165  2.167   7.301   0.50 20.57 ? 92  ILE A O   1 
ATOM   560 O  O   B ILE A 1 92  ? -4.098  1.371   7.125   0.50 20.87 ? 92  ILE A O   1 
ATOM   561 C  CB  A ILE A 1 92  ? -5.536  1.991   4.996   0.50 20.59 ? 92  ILE A CB  1 
ATOM   562 C  CB  B ILE A 1 92  ? -5.612  1.976   4.322   0.50 20.91 ? 92  ILE A CB  1 
ATOM   563 C  CG1 A ILE A 1 92  ? -6.523  2.726   4.087   0.50 22.28 ? 92  ILE A CG1 1 
ATOM   564 C  CG1 B ILE A 1 92  ? -6.402  3.043   3.551   0.50 21.82 ? 92  ILE A CG1 1 
ATOM   565 C  CG2 A ILE A 1 92  ? -6.214  1.578   6.300   0.50 20.96 ? 92  ILE A CG2 1 
ATOM   566 C  CG2 B ILE A 1 92  ? -6.529  1.153   5.245   0.50 22.15 ? 92  ILE A CG2 1 
ATOM   567 C  CD1 A ILE A 1 92  ? -7.474  1.768   3.372   0.50 19.17 ? 92  ILE A CD1 1 
ATOM   568 C  CD1 B ILE A 1 92  ? -6.641  4.291   4.353   0.50 20.76 ? 92  ILE A CD1 1 
ATOM   569 N  N   . LEU A 1 93  ? -2.690  1.003   5.404   1.00 20.97 ? 93  LEU A N   1 
ATOM   570 C  CA  . LEU A 1 93  ? -1.839  0.057   6.118   1.00 20.76 ? 93  LEU A CA  1 
ATOM   571 C  C   . LEU A 1 93  ? -0.679  -0.442  5.280   1.00 19.50 ? 93  LEU A C   1 
ATOM   572 O  O   . LEU A 1 93  ? -0.673  -0.301  4.043   1.00 18.01 ? 93  LEU A O   1 
ATOM   573 C  CB  . LEU A 1 93  ? -2.620  -1.112  6.707   1.00 22.79 ? 93  LEU A CB  1 
ATOM   574 C  CG  . LEU A 1 93  ? -3.398  -2.081  5.844   1.00 24.49 ? 93  LEU A CG  1 
ATOM   575 C  CD1 . LEU A 1 93  ? -2.560  -3.320  5.580   1.00 29.75 ? 93  LEU A CD1 1 
ATOM   576 C  CD2 . LEU A 1 93  ? -4.654  -2.508  6.595   1.00 31.09 ? 93  LEU A CD2 1 
ATOM   577 N  N   . LYS A 1 94  ? 0.329   -0.933  5.991   1.00 18.21 ? 94  LYS A N   1 
ATOM   578 C  CA  . LYS A 1 94  ? 1.514   -1.522  5.340   1.00 17.78 ? 94  LYS A CA  1 
ATOM   579 C  C   . LYS A 1 94  ? 1.467   -3.006  5.664   1.00 17.92 ? 94  LYS A C   1 
ATOM   580 O  O   . LYS A 1 94  ? 1.249   -3.398  6.813   1.00 17.71 ? 94  LYS A O   1 
ATOM   581 C  CB  . LYS A 1 94  ? 2.813   -0.886  5.857   1.00 18.47 ? 94  LYS A CB  1 
ATOM   582 C  CG  . LYS A 1 94  ? 4.052   -1.718  5.501   1.00 19.70 ? 94  LYS A CG  1 
ATOM   583 C  CD  . LYS A 1 94  ? 5.191   -1.431  6.415   1.00 22.89 ? 94  LYS A CD  1 
ATOM   584 C  CE  . LYS A 1 94  ? 6.352   -2.394  6.113   1.00 25.72 ? 94  LYS A CE  1 
ATOM   585 N  NZ  . LYS A 1 94  ? 7.488   -2.107  7.034   1.00 28.86 ? 94  LYS A NZ  1 
ATOM   586 N  N   . TYR A 1 95  ? 1.660   -3.836  4.642   1.00 16.63 ? 95  TYR A N   1 
ATOM   587 C  CA  . TYR A 1 95  ? 1.702   -5.292  4.844   1.00 16.88 ? 95  TYR A CA  1 
ATOM   588 C  C   . TYR A 1 95  ? 3.091   -5.748  5.252   1.00 17.08 ? 95  TYR A C   1 
ATOM   589 O  O   . TYR A 1 95  ? 4.097   -5.213  4.748   1.00 17.18 ? 95  TYR A O   1 
ATOM   590 C  CB  . TYR A 1 95  ? 1.312   -6.010  3.549   1.00 16.48 ? 95  TYR A CB  1 
ATOM   591 C  CG  . TYR A 1 95  ? -0.151  -5.817  3.208   1.00 17.14 ? 95  TYR A CG  1 
ATOM   592 C  CD1 . TYR A 1 95  ? -1.130  -6.620  3.801   1.00 16.82 ? 95  TYR A CD1 1 
ATOM   593 C  CD2 . TYR A 1 95  ? -0.558  -4.825  2.320   1.00 17.89 ? 95  TYR A CD2 1 
ATOM   594 C  CE1 . TYR A 1 95  ? -2.517  -6.448  3.499   1.00 17.77 ? 95  TYR A CE1 1 
ATOM   595 C  CE2 . TYR A 1 95  ? -1.941  -4.634  2.005   1.00 16.71 ? 95  TYR A CE2 1 
ATOM   596 C  CZ  . TYR A 1 95  ? -2.902  -5.446  2.610   1.00 17.75 ? 95  TYR A CZ  1 
ATOM   597 O  OH  . TYR A 1 95  ? -4.232  -5.276  2.309   1.00 18.69 ? 95  TYR A OH  1 
ATOM   598 N  N   . THR A 1 96  ? 3.167   -6.713  6.171   1.00 17.67 ? 96  THR A N   1 
ATOM   599 C  CA  . THR A 1 96  ? 4.469   -7.311  6.512   1.00 17.17 ? 96  THR A CA  1 
ATOM   600 C  C   . THR A 1 96  ? 4.914   -8.154  5.324   1.00 16.78 ? 96  THR A C   1 
ATOM   601 O  O   . THR A 1 96  ? 4.090   -8.512  4.474   1.00 14.49 ? 96  THR A O   1 
ATOM   602 C  CB  . THR A 1 96  ? 4.372   -8.263  7.753   1.00 17.72 ? 96  THR A CB  1 
ATOM   603 O  OG1 . THR A 1 96  ? 3.559   -9.397  7.395   1.00 17.43 ? 96  THR A OG1 1 
ATOM   604 C  CG2 . THR A 1 96  ? 3.829   -7.492  8.990   1.00 18.79 ? 96  THR A CG2 1 
ATOM   605 N  N   . PRO A 1 97  ? 6.222   -8.478  5.237   1.00 17.21 ? 97  PRO A N   1 
ATOM   606 C  CA  . PRO A 1 97  ? 6.661   -9.369  4.166   1.00 17.72 ? 97  PRO A CA  1 
ATOM   607 C  C   . PRO A 1 97  ? 5.857   -10.657 4.102   1.00 17.25 ? 97  PRO A C   1 
ATOM   608 O  O   . PRO A 1 97  ? 5.445   -11.066 3.024   1.00 16.37 ? 97  PRO A O   1 
ATOM   609 C  CB  . PRO A 1 97  ? 8.128   -9.631  4.523   1.00 18.72 ? 97  PRO A CB  1 
ATOM   610 C  CG  . PRO A 1 97  ? 8.554   -8.323  5.160   1.00 18.46 ? 97  PRO A CG  1 
ATOM   611 C  CD  . PRO A 1 97  ? 7.358   -7.986  6.036   1.00 17.95 ? 97  PRO A CD  1 
ATOM   612 N  N   . ASP A 1 98  ? 5.639   -11.300 5.247   1.00 17.80 ? 98  ASP A N   1 
ATOM   613 C  CA  . ASP A 1 98  ? 4.841   -12.520 5.259   1.00 18.49 ? 98  ASP A CA  1 
ATOM   614 C  C   . ASP A 1 98  ? 3.436   -12.299 4.725   1.00 16.96 ? 98  ASP A C   1 
ATOM   615 O  O   . ASP A 1 98  ? 2.925   -13.105 3.967   1.00 16.33 ? 98  ASP A O   1 
ATOM   616 C  CB  . ASP A 1 98  ? 4.771   -13.126 6.663   1.00 19.45 ? 98  ASP A CB  1 
ATOM   617 C  CG  . ASP A 1 98  ? 6.054   -13.857 7.053   1.00 23.07 ? 98  ASP A CG  1 
ATOM   618 O  OD1 . ASP A 1 98  ? 6.859   -14.200 6.172   1.00 25.80 ? 98  ASP A OD1 1 
ATOM   619 O  OD2 . ASP A 1 98  ? 6.252   -14.083 8.262   1.00 28.08 ? 98  ASP A OD2 1 
ATOM   620 N  N   . GLU A 1 99  ? 2.801   -11.210 5.150   1.00 15.66 ? 99  GLU A N   1 
ATOM   621 C  CA  . GLU A 1 99  ? 1.471   -10.898 4.654   1.00 16.63 ? 99  GLU A CA  1 
ATOM   622 C  C   . GLU A 1 99  ? 1.455   -10.627 3.155   1.00 15.11 ? 99  GLU A C   1 
ATOM   623 O  O   . GLU A 1 99  ? 0.542   -11.097 2.427   1.00 15.50 ? 99  GLU A O   1 
ATOM   624 C  CB  . GLU A 1 99  ? 0.924   -9.673  5.386   1.00 17.09 ? 99  GLU A CB  1 
ATOM   625 C  CG  . GLU A 1 99  ? 0.575   -9.954  6.830   1.00 19.08 ? 99  GLU A CG  1 
ATOM   626 C  CD  . GLU A 1 99  ? 0.103   -8.697  7.566   1.00 24.08 ? 99  GLU A CD  1 
ATOM   627 O  OE1 . GLU A 1 99  ? 0.546   -7.576  7.237   1.00 19.94 ? 99  GLU A OE1 1 
ATOM   628 O  OE2 . GLU A 1 99  ? -0.709  -8.851  8.486   1.00 28.15 ? 99  GLU A OE2 1 
ATOM   629 N  N   . ALA A 1 100 ? 2.451   -9.876  2.680   1.00 14.86 ? 100 ALA A N   1 
ATOM   630 C  CA  . ALA A 1 100 ? 2.585   -9.639  1.241   1.00 15.62 ? 100 ALA A CA  1 
ATOM   631 C  C   . ALA A 1 100 ? 2.722   -10.952 0.454   1.00 15.36 ? 100 ALA A C   1 
ATOM   632 O  O   . ALA A 1 100 ? 2.050   -11.140 -0.563  1.00 15.63 ? 100 ALA A O   1 
ATOM   633 C  CB  . ALA A 1 100 ? 3.749   -8.690  0.951   1.00 14.87 ? 100 ALA A CB  1 
ATOM   634 N  N   . ARG A 1 101 ? 3.541   -11.890 0.937   1.00 16.50 ? 101 ARG A N   1 
ATOM   635 C  CA  . ARG A 1 101 ? 3.616   -13.201 0.269   1.00 16.83 ? 101 ARG A CA  1 
ATOM   636 C  C   . ARG A 1 101 ? 2.282   -13.961 0.336   1.00 17.69 ? 101 ARG A C   1 
ATOM   637 O  O   . ARG A 1 101 ? 1.914   -14.664 -0.616  1.00 17.20 ? 101 ARG A O   1 
ATOM   638 C  CB  . ARG A 1 101 ? 4.761   -14.063 0.813   1.00 18.21 ? 101 ARG A CB  1 
ATOM   639 C  CG  . ARG A 1 101 ? 6.148   -13.483 0.620   1.00 19.55 ? 101 ARG A CG  1 
ATOM   640 C  CD  . ARG A 1 101 ? 7.173   -14.317 1.392   1.00 24.43 ? 101 ARG A CD  1 
ATOM   641 N  NE  . ARG A 1 101 ? 8.323   -13.469 1.634   1.00 31.02 ? 101 ARG A NE  1 
ATOM   642 C  CZ  . ARG A 1 101 ? 8.738   -13.047 2.815   1.00 32.78 ? 101 ARG A CZ  1 
ATOM   643 N  NH1 . ARG A 1 101 ? 8.151   -13.435 3.944   1.00 32.75 ? 101 ARG A NH1 1 
ATOM   644 N  NH2 . ARG A 1 101 ? 9.804   -12.256 2.857   1.00 36.09 ? 101 ARG A NH2 1 
ATOM   645 N  N   . ALA A 1 102 ? 1.552   -13.811 1.451   1.00 17.49 ? 102 ALA A N   1 
ATOM   646 C  CA  . ALA A 1 102 ? 0.206   -14.418 1.567   1.00 18.03 ? 102 ALA A CA  1 
ATOM   647 C  C   . ALA A 1 102 ? -0.730  -13.822 0.511   1.00 17.60 ? 102 ALA A C   1 
ATOM   648 O  O   . ALA A 1 102 ? -1.440  -14.562 -0.198  1.00 17.47 ? 102 ALA A O   1 
ATOM   649 C  CB  . ALA A 1 102 ? -0.373  -14.231 2.980   1.00 16.97 ? 102 ALA A CB  1 
ATOM   650 N  N   . LEU A 1 103 ? -0.724  -12.493 0.373   1.00 18.06 ? 103 LEU A N   1 
ATOM   651 C  CA  . LEU A 1 103 ? -1.476  -11.855 -0.715  1.00 18.05 ? 103 LEU A CA  1 
ATOM   652 C  C   . LEU A 1 103 ? -1.134  -12.465 -2.070  1.00 17.76 ? 103 LEU A C   1 
ATOM   653 O  O   . LEU A 1 103 ? -2.019  -12.753 -2.863  1.00 17.48 ? 103 LEU A O   1 
ATOM   654 C  CB  . LEU A 1 103 ? -1.233  -10.344 -0.758  1.00 17.05 ? 103 LEU A CB  1 
ATOM   655 C  CG  . LEU A 1 103 ? -1.838  -9.538  0.385   1.00 17.77 ? 103 LEU A CG  1 
ATOM   656 C  CD1 . LEU A 1 103 ? -1.366  -8.074  0.249   1.00 16.17 ? 103 LEU A CD1 1 
ATOM   657 C  CD2 . LEU A 1 103 ? -3.375  -9.661  0.345   1.00 20.27 ? 103 LEU A CD2 1 
ATOM   658 N  N   . LYS A 1 104 ? 0.152   -12.665 -2.334  1.00 18.25 ? 104 LYS A N   1 
ATOM   659 C  CA  . LYS A 1 104 ? 0.589   -13.211 -3.624  1.00 19.28 ? 104 LYS A CA  1 
ATOM   660 C  C   . LYS A 1 104 ? 0.119   -14.653 -3.765  1.00 20.20 ? 104 LYS A C   1 
ATOM   661 O  O   . LYS A 1 104 ? -0.393  -15.052 -4.828  1.00 19.47 ? 104 LYS A O   1 
ATOM   662 C  CB  . LYS A 1 104 ? 2.112   -13.126 -3.761  1.00 20.22 ? 104 LYS A CB  1 
ATOM   663 C  CG  . LYS A 1 104 ? 2.665   -13.790 -5.031  1.00 22.41 ? 104 LYS A CG  1 
ATOM   664 C  CD  . LYS A 1 104 ? 4.184   -13.919 -4.941  1.00 24.75 ? 104 LYS A CD  1 
ATOM   665 C  CE  . LYS A 1 104 ? 4.832   -12.584 -5.162  1.00 21.85 ? 104 LYS A CE  1 
ATOM   666 N  NZ  . LYS A 1 104 ? 6.287   -12.805 -5.418  1.00 21.48 ? 104 LYS A NZ  1 
ATOM   667 N  N   . SER A 1 105 ? 0.285   -15.436 -2.703  1.00 20.82 ? 105 SER A N   1 
ATOM   668 C  CA  . SER A 1 105 ? -0.091  -16.856 -2.755  1.00 22.70 ? 105 SER A CA  1 
ATOM   669 C  C   . SER A 1 105 ? -1.600  -16.956 -3.009  1.00 23.08 ? 105 SER A C   1 
ATOM   670 O  O   . SER A 1 105 ? -2.066  -17.829 -3.751  1.00 23.66 ? 105 SER A O   1 
ATOM   671 C  CB  . SER A 1 105 ? 0.322   -17.578 -1.456  1.00 22.11 ? 105 SER A CB  1 
ATOM   672 O  OG  . SER A 1 105 ? -0.203  -18.898 -1.451  1.00 27.56 ? 105 SER A OG  1 
ATOM   673 N  N   . LYS A 1 106 ? -2.362  -16.021 -2.433  1.00 23.24 ? 106 LYS A N   1 
ATOM   674 C  CA  . LYS A 1 106 ? -3.809  -15.976 -2.619  1.00 24.30 ? 106 LYS A CA  1 
ATOM   675 C  C   . LYS A 1 106 ? -4.307  -15.298 -3.927  1.00 23.95 ? 106 LYS A C   1 
ATOM   676 O  O   . LYS A 1 106 ? -5.515  -15.202 -4.161  1.00 24.75 ? 106 LYS A O   1 
ATOM   677 C  CB  . LYS A 1 106 ? -4.486  -15.367 -1.379  1.00 24.27 ? 106 LYS A CB  1 
ATOM   678 C  CG  . LYS A 1 106 ? -4.288  -16.163 -0.074  1.00 25.68 ? 106 LYS A CG  1 
ATOM   679 C  CD  . LYS A 1 106 ? -4.608  -15.287 1.125   1.00 27.13 ? 106 LYS A CD  1 
ATOM   680 C  CE  . LYS A 1 106 ? -4.294  -15.956 2.449   1.00 31.21 ? 106 LYS A CE  1 
ATOM   681 N  NZ  . LYS A 1 106 ? -5.249  -17.080 2.638   1.00 34.07 ? 106 LYS A NZ  1 
ATOM   682 N  N   . GLY A 1 107 ? -3.389  -14.838 -4.779  1.00 23.63 ? 107 GLY A N   1 
ATOM   683 C  CA  . GLY A 1 107 ? -3.756  -14.253 -6.065  1.00 22.78 ? 107 GLY A CA  1 
ATOM   684 C  C   . GLY A 1 107 ? -4.217  -12.799 -6.039  1.00 22.73 ? 107 GLY A C   1 
ATOM   685 O  O   . GLY A 1 107 ? -4.689  -12.271 -7.052  1.00 22.31 ? 107 GLY A O   1 
ATOM   686 N  N   . GLU A 1 108 ? -4.028  -12.144 -4.894  1.00 21.76 ? 108 GLU A N   1 
ATOM   687 C  CA  . GLU A 1 108 ? -4.457  -10.754 -4.689  1.00 20.84 ? 108 GLU A CA  1 
ATOM   688 C  C   . GLU A 1 108 ? -3.520  -9.755  -5.372  1.00 20.02 ? 108 GLU A C   1 
ATOM   689 O  O   . GLU A 1 108 ? -3.951  -8.689  -5.792  1.00 19.01 ? 108 GLU A O   1 
ATOM   690 C  CB  . GLU A 1 108 ? -4.535  -10.442 -3.189  1.00 21.87 ? 108 GLU A CB  1 
ATOM   691 C  CG  . GLU A 1 108 ? -5.727  -11.100 -2.469  1.00 22.62 ? 108 GLU A CG  1 
ATOM   692 C  CD  . GLU A 1 108 ? -7.062  -10.592 -2.989  1.00 26.36 ? 108 GLU A CD  1 
ATOM   693 O  OE1 . GLU A 1 108 ? -7.414  -9.420  -2.713  1.00 24.60 ? 108 GLU A OE1 1 
ATOM   694 O  OE2 . GLU A 1 108 ? -7.757  -11.365 -3.680  1.00 28.05 ? 108 GLU A OE2 1 
ATOM   695 N  N   . ILE A 1 109 ? -2.227  -10.095 -5.471  1.00 18.57 ? 109 ILE A N   1 
ATOM   696 C  CA  . ILE A 1 109 ? -1.273  -9.256  -6.196  1.00 16.76 ? 109 ILE A CA  1 
ATOM   697 C  C   . ILE A 1 109 ? -0.475  -10.176 -7.150  1.00 16.33 ? 109 ILE A C   1 
ATOM   698 O  O   . ILE A 1 109 ? -0.493  -11.374 -6.971  1.00 15.37 ? 109 ILE A O   1 
ATOM   699 C  CB  . ILE A 1 109 ? -0.328  -8.452  -5.218  1.00 16.33 ? 109 ILE A CB  1 
ATOM   700 C  CG1 . ILE A 1 109 ? 0.481   -9.409  -4.334  1.00 16.10 ? 109 ILE A CG1 1 
ATOM   701 C  CG2 . ILE A 1 109 ? -1.129  -7.461  -4.341  1.00 13.79 ? 109 ILE A CG2 1 
ATOM   702 C  CD1 . ILE A 1 109 ? 1.606   -8.714  -3.499  1.00 16.32 ? 109 ILE A CD1 1 
ATOM   703 N  N   . PRO A 1 110 ? 0.178   -9.622  -8.186  1.00 16.35 ? 110 PRO A N   1 
ATOM   704 C  CA  . PRO A 1 110 ? 0.793   -10.558 -9.176  1.00 16.60 ? 110 PRO A CA  1 
ATOM   705 C  C   . PRO A 1 110 ? 1.904   -11.435 -8.625  1.00 16.65 ? 110 PRO A C   1 
ATOM   706 O  O   . PRO A 1 110 ? 2.660   -10.999 -7.728  1.00 15.35 ? 110 PRO A O   1 
ATOM   707 C  CB  . PRO A 1 110 ? 1.337   -9.623  -10.257 1.00 16.29 ? 110 PRO A CB  1 
ATOM   708 C  CG  . PRO A 1 110 ? 0.478   -8.329  -10.096 1.00 16.68 ? 110 PRO A CG  1 
ATOM   709 C  CD  . PRO A 1 110 ? 0.311   -8.211  -8.607  1.00 16.33 ? 110 PRO A CD  1 
ATOM   710 N  N   . GLU A 1 111 ? 2.016   -12.650 -9.179  1.00 17.49 ? 111 GLU A N   1 
ATOM   711 C  CA  . GLU A 1 111 ? 3.044   -13.619 -8.740  1.00 19.26 ? 111 GLU A CA  1 
ATOM   712 C  C   . GLU A 1 111 ? 4.480   -13.096 -8.883  1.00 17.19 ? 111 GLU A C   1 
ATOM   713 O  O   . GLU A 1 111 ? 5.385   -13.459 -8.113  1.00 18.06 ? 111 GLU A O   1 
ATOM   714 C  CB  . GLU A 1 111 ? 2.904   -14.948 -9.488  1.00 20.12 ? 111 GLU A CB  1 
ATOM   715 C  CG  . GLU A 1 111 ? 2.915   -16.145 -8.496  1.00 29.13 ? 111 GLU A CG  1 
ATOM   716 C  CD  . GLU A 1 111 ? 4.155   -17.021 -8.550  1.00 36.37 ? 111 GLU A CD  1 
ATOM   717 O  OE1 . GLU A 1 111 ? 4.152   -18.000 -9.347  1.00 42.54 ? 111 GLU A OE1 1 
ATOM   718 O  OE2 . GLU A 1 111 ? 5.112   -16.785 -7.769  1.00 37.84 ? 111 GLU A OE2 1 
ATOM   719 N  N   . THR A 1 112 ? 4.685   -12.203 -9.845  1.00 16.43 ? 112 THR A N   1 
ATOM   720 C  CA  . THR A 1 112 ? 6.015   -11.650 -10.111 1.00 16.45 ? 112 THR A CA  1 
ATOM   721 C  C   . THR A 1 112 ? 6.357   -10.421 -9.241  1.00 16.59 ? 112 THR A C   1 
ATOM   722 O  O   . THR A 1 112 ? 7.424   -9.811  -9.422  1.00 17.10 ? 112 THR A O   1 
ATOM   723 C  CB  . THR A 1 112 ? 6.182   -11.273 -11.613 1.00 17.08 ? 112 THR A CB  1 
ATOM   724 O  OG1 . THR A 1 112 ? 5.119   -10.399 -11.980 1.00 17.68 ? 112 THR A OG1 1 
ATOM   725 C  CG2 . THR A 1 112 ? 6.130   -12.533 -12.502 1.00 15.36 ? 112 THR A CG2 1 
ATOM   726 N  N   . THR A 1 113 ? 5.463   -10.035 -8.325  1.00 16.08 ? 113 THR A N   1 
ATOM   727 C  CA  . THR A 1 113 ? 5.730   -8.847  -7.493  1.00 15.50 ? 113 THR A CA  1 
ATOM   728 C  C   . THR A 1 113 ? 6.952   -9.134  -6.635  1.00 15.97 ? 113 THR A C   1 
ATOM   729 O  O   . THR A 1 113 ? 7.041   -10.216 -6.033  1.00 16.95 ? 113 THR A O   1 
ATOM   730 C  CB  . THR A 1 113 ? 4.536   -8.519  -6.597  1.00 14.75 ? 113 THR A CB  1 
ATOM   731 O  OG1 . THR A 1 113 ? 3.381   -8.345  -7.428  1.00 15.73 ? 113 THR A OG1 1 
ATOM   732 C  CG2 . THR A 1 113 ? 4.815   -7.236  -5.763  1.00 14.62 ? 113 THR A CG2 1 
ATOM   733 N  N   . LYS A 1 114 ? 7.882   -8.183  -6.608  1.00 16.03 ? 114 LYS A N   1 
ATOM   734 C  CA  . LYS A 1 114 ? 9.109   -8.321  -5.840  1.00 18.04 ? 114 LYS A CA  1 
ATOM   735 C  C   . LYS A 1 114 ? 8.801   -7.985  -4.402  1.00 18.93 ? 114 LYS A C   1 
ATOM   736 O  O   . LYS A 1 114 ? 8.457   -6.843  -4.130  1.00 19.87 ? 114 LYS A O   1 
ATOM   737 C  CB  . LYS A 1 114 ? 10.145  -7.312  -6.348  1.00 18.46 ? 114 LYS A CB  1 
ATOM   738 C  CG  . LYS A 1 114 ? 11.515  -7.518  -5.681  1.00 22.74 ? 114 LYS A CG  1 
ATOM   739 C  CD  . LYS A 1 114 ? 12.631  -6.878  -6.532  1.00 30.27 ? 114 LYS A CD  1 
ATOM   740 C  CE  . LYS A 1 114 ? 12.326  -5.413  -6.867  1.00 33.30 ? 114 LYS A CE  1 
ATOM   741 N  NZ  . LYS A 1 114 ? 13.294  -4.847  -7.845  1.00 36.87 ? 114 LYS A NZ  1 
ATOM   742 N  N   . ILE A 1 115 ? 8.932   -8.938  -3.480  1.00 19.28 ? 115 ILE A N   1 
ATOM   743 C  CA  . ILE A 1 115 ? 8.623   -8.650  -2.070  1.00 21.59 ? 115 ILE A CA  1 
ATOM   744 C  C   . ILE A 1 115 ? 9.881   -8.250  -1.294  1.00 23.86 ? 115 ILE A C   1 
ATOM   745 O  O   . ILE A 1 115 ? 10.743  -9.102  -1.113  1.00 26.01 ? 115 ILE A O   1 
ATOM   746 C  CB  . ILE A 1 115 ? 7.865   -9.834  -1.341  1.00 21.65 ? 115 ILE A CB  1 
ATOM   747 C  CG1 . ILE A 1 115 ? 6.594   -10.212 -2.111  1.00 21.67 ? 115 ILE A CG1 1 
ATOM   748 C  CG2 . ILE A 1 115 ? 7.507   -9.432  0.113   1.00 23.75 ? 115 ILE A CG2 1 
ATOM   749 C  CD1 . ILE A 1 115 ? 5.717   -8.993  -2.437  1.00 20.62 ? 115 ILE A CD1 1 
HETATM 750 S  S   . SO4 B 2 .   ? -2.222  15.382  0.803   1.00 24.21 ? 201 SO4 A S   1 
HETATM 751 O  O1  . SO4 B 2 .   ? -3.055  14.716  1.786   1.00 23.09 ? 201 SO4 A O1  1 
HETATM 752 O  O2  . SO4 B 2 .   ? -1.784  16.686  1.278   1.00 25.39 ? 201 SO4 A O2  1 
HETATM 753 O  O3  . SO4 B 2 .   ? -0.995  14.565  0.684   1.00 28.46 ? 201 SO4 A O3  1 
HETATM 754 O  O4  . SO4 B 2 .   ? -2.905  15.469  -0.492  1.00 24.63 ? 201 SO4 A O4  1 
HETATM 755 O  O   . HOH C 3 .   ? 0.120   -0.659  9.202   1.00 22.46 ? 202 HOH A O   1 
HETATM 756 O  O   . HOH C 3 .   ? 7.530   -5.643  -7.931  1.00 18.84 ? 203 HOH A O   1 
HETATM 757 O  O   . HOH C 3 .   ? 7.106   -10.654 7.758   1.00 19.92 ? 204 HOH A O   1 
HETATM 758 O  O   . HOH C 3 .   ? -0.277  -13.467 -11.035 1.00 21.67 ? 205 HOH A O   1 
HETATM 759 O  O   . HOH C 3 .   ? 5.550   -4.948  2.428   1.00 19.62 ? 206 HOH A O   1 
HETATM 760 O  O   . HOH C 3 .   ? 3.714   -16.229 -2.135  1.00 20.88 ? 207 HOH A O   1 
HETATM 761 O  O   . HOH C 3 .   ? 1.099   -20.881 -3.318  1.00 23.06 ? 208 HOH A O   1 
HETATM 762 O  O   . HOH C 3 .   ? -5.403  10.052  5.369   1.00 23.67 ? 209 HOH A O   1 
HETATM 763 O  O   . HOH C 3 .   ? -0.623  5.874   6.684   1.00 24.94 ? 210 HOH A O   1 
HETATM 764 O  O   . HOH C 3 .   ? -0.691  -13.937 -7.590  1.00 28.21 ? 211 HOH A O   1 
HETATM 765 O  O   . HOH C 3 .   ? -9.279  4.477   6.449   1.00 34.46 ? 212 HOH A O   1 
HETATM 766 O  O   . HOH C 3 .   ? 0.722   14.350  2.951   1.00 31.56 ? 213 HOH A O   1 
HETATM 767 O  O   . HOH C 3 .   ? -0.674  -11.248 9.657   1.00 30.95 ? 214 HOH A O   1 
HETATM 768 O  O   . HOH C 3 .   ? -9.883  -3.401  3.699   1.00 30.92 ? 215 HOH A O   1 
HETATM 769 O  O   . HOH C 3 .   ? 10.671  -1.549  4.731   1.00 32.60 ? 216 HOH A O   1 
HETATM 770 O  O   . HOH C 3 .   ? -5.178  -3.468  -6.330  1.00 25.79 ? 217 HOH A O   1 
HETATM 771 O  O   . HOH C 3 .   ? 3.196   -16.951 -4.830  1.00 25.95 ? 218 HOH A O   1 
HETATM 772 O  O   . HOH C 3 .   ? 5.458   3.672   -11.276 1.00 22.63 ? 219 HOH A O   1 
HETATM 773 O  O   . HOH C 3 .   ? -8.891  8.454   0.974   1.00 27.89 ? 220 HOH A O   1 
HETATM 774 O  O   . HOH C 3 .   ? 13.875  -0.473  -0.165  1.00 26.04 ? 221 HOH A O   1 
HETATM 775 O  O   . HOH C 3 .   ? -8.352  18.213  -1.506  1.00 26.75 ? 222 HOH A O   1 
HETATM 776 O  O   . HOH C 3 .   ? -0.733  6.250   -13.533 1.00 31.50 ? 223 HOH A O   1 
HETATM 777 O  O   . HOH C 3 .   ? -3.998  17.422  -2.025  1.00 24.91 ? 224 HOH A O   1 
HETATM 778 O  O   . HOH C 3 .   ? 10.907  -16.182 0.278   1.00 31.77 ? 225 HOH A O   1 
HETATM 779 O  O   . HOH C 3 .   ? 2.944   -3.538  9.221   1.00 26.71 ? 226 HOH A O   1 
HETATM 780 O  O   . HOH C 3 .   ? 3.633   -11.047 9.586   1.00 29.50 ? 227 HOH A O   1 
HETATM 781 O  O   . HOH C 3 .   ? -7.384  8.045   -5.870  1.00 27.24 ? 228 HOH A O   1 
HETATM 782 O  O   . HOH C 3 .   ? -11.860 5.463   -0.796  1.00 30.57 ? 229 HOH A O   1 
HETATM 783 O  O   . HOH C 3 .   ? 5.553   -3.729  9.313   1.00 34.47 ? 230 HOH A O   1 
HETATM 784 O  O   . HOH C 3 .   ? 11.043  -8.267  2.135   1.00 36.97 ? 231 HOH A O   1 
HETATM 785 O  O   . HOH C 3 .   ? 7.306   -13.884 -3.155  1.00 29.20 ? 232 HOH A O   1 
HETATM 786 O  O   . HOH C 3 .   ? -10.998 3.295   2.592   1.00 32.02 ? 233 HOH A O   1 
HETATM 787 O  O   . HOH C 3 .   ? -10.366 -7.990  4.962   1.00 34.44 ? 234 HOH A O   1 
HETATM 788 O  O   . HOH C 3 .   ? 10.969  -11.786 4.943   1.00 38.44 ? 235 HOH A O   1 
HETATM 789 O  O   . HOH C 3 .   ? 7.423   -5.875  -0.109  1.00 29.39 ? 236 HOH A O   1 
HETATM 790 O  O   . HOH C 3 .   ? -11.185 -2.659  -4.512  1.00 33.17 ? 237 HOH A O   1 
HETATM 791 O  O   . HOH C 3 .   ? 11.911  4.959   5.229   1.00 32.61 ? 238 HOH A O   1 
HETATM 792 O  O   . HOH C 3 .   ? 9.054   -14.986 7.180   1.00 31.74 ? 239 HOH A O   1 
HETATM 793 O  O   . HOH C 3 .   ? 8.133   10.447  2.843   1.00 32.69 ? 240 HOH A O   1 
HETATM 794 O  O   . HOH C 3 .   ? 10.296  -11.420 -4.281  1.00 45.36 ? 241 HOH A O   1 
HETATM 795 O  O   . HOH C 3 .   ? 0.269   10.421  -8.910  1.00 30.37 ? 242 HOH A O   1 
HETATM 796 O  O   . HOH C 3 .   ? -0.763  13.174  -1.697  1.00 38.26 ? 243 HOH A O   1 
HETATM 797 O  O   . HOH C 3 .   ? -6.387  -9.190  13.725  1.00 43.23 ? 244 HOH A O   1 
HETATM 798 O  O   . HOH C 3 .   ? -3.308  -7.246  -8.546  1.00 29.68 ? 245 HOH A O   1 
HETATM 799 O  O   . HOH C 3 .   ? 9.104   -1.106  10.536  1.00 42.69 ? 246 HOH A O   1 
HETATM 800 O  O   . HOH C 3 .   ? -4.296  3.953   8.764   1.00 28.29 ? 247 HOH A O   1 
HETATM 801 O  O   . HOH C 3 .   ? 8.393   -4.737  4.050   1.00 34.54 ? 248 HOH A O   1 
HETATM 802 O  O   . HOH C 3 .   ? -6.041  13.589  -10.260 1.00 51.85 ? 249 HOH A O   1 
HETATM 803 O  O   . HOH C 3 .   ? -5.608  -5.408  -8.007  1.00 34.22 ? 250 HOH A O   1 
HETATM 804 O  O   . HOH C 3 .   ? 0.462   -10.637 13.592  1.00 46.42 ? 251 HOH A O   1 
HETATM 805 O  O   . HOH C 3 .   ? 2.661   9.223   -8.350  1.00 39.26 ? 252 HOH A O   1 
HETATM 806 O  O   . HOH C 3 .   ? -6.475  -8.171  -6.722  1.00 37.74 ? 253 HOH A O   1 
HETATM 807 O  O   . HOH C 3 .   ? -15.939 -4.282  -0.821  1.00 50.66 ? 254 HOH A O   1 
HETATM 808 O  O   . HOH C 3 .   ? 7.282   10.505  6.030   1.00 44.28 ? 255 HOH A O   1 
HETATM 809 O  O   . HOH C 3 .   ? -3.326  -7.421  7.375   1.00 38.83 ? 256 HOH A O   1 
HETATM 810 O  O   . HOH C 3 .   ? 5.762   6.247   -9.729  1.00 37.57 ? 257 HOH A O   1 
HETATM 811 O  O   . HOH C 3 .   ? -5.939  -7.419  10.924  1.00 35.55 ? 258 HOH A O   1 
HETATM 812 O  O   . HOH C 3 .   ? -6.673  -15.030 4.945   1.00 44.99 ? 259 HOH A O   1 
HETATM 813 O  O   . HOH C 3 .   ? -17.911 13.367  -1.926  1.00 36.29 ? 260 HOH A O   1 
HETATM 814 O  O   . HOH C 3 .   ? 6.915   -5.499  8.384   1.00 37.08 ? 261 HOH A O   1 
HETATM 815 O  O   . HOH C 3 .   ? 0.554   11.517  14.795  1.00 46.77 ? 262 HOH A O   1 
HETATM 816 O  O   . HOH C 3 .   ? 3.895   -6.857  -9.650  1.00 33.44 ? 263 HOH A O   1 
HETATM 817 O  O   . HOH C 3 .   ? 5.320   -2.594  -8.737  1.00 35.64 ? 264 HOH A O   1 
HETATM 818 O  O   . HOH C 3 .   ? 13.248  6.666   -7.653  1.00 47.88 ? 265 HOH A O   1 
HETATM 819 O  O   . HOH C 3 .   ? -12.903 2.980   0.292   1.00 46.63 ? 266 HOH A O   1 
HETATM 820 O  O   . HOH C 3 .   ? -0.058  15.892  -3.062  1.00 45.98 ? 267 HOH A O   1 
HETATM 821 O  O   . HOH C 3 .   ? 9.568   -11.762 7.538   1.00 35.72 ? 268 HOH A O   1 
HETATM 822 O  O   . HOH C 3 .   ? 7.632   -6.558  2.416   1.00 34.44 ? 269 HOH A O   1 
HETATM 823 O  O   . HOH C 3 .   ? 7.872   5.275   7.999   1.00 44.59 ? 270 HOH A O   1 
HETATM 824 O  O   . HOH C 3 .   ? -13.393 5.861   -3.439  1.00 44.26 ? 271 HOH A O   1 
HETATM 825 O  O   . HOH C 3 .   ? 5.884   -5.675  -10.092 0.50 48.51 ? 272 HOH A O   1 
HETATM 826 O  O   . HOH C 3 .   ? -5.595  -5.099  -11.187 1.00 37.95 ? 273 HOH A O   1 
HETATM 827 O  O   . HOH C 3 .   ? -1.525  2.654   11.934  1.00 50.85 ? 274 HOH A O   1 
HETATM 828 O  O   . HOH C 3 .   ? 3.567   6.732   -8.297  1.00 46.47 ? 275 HOH A O   1 
HETATM 829 O  O   . HOH C 3 .   ? 10.638  -4.940  -3.502  1.00 37.81 ? 276 HOH A O   1 
HETATM 830 O  O   . HOH C 3 .   ? -7.433  -13.593 -5.181  1.00 39.21 ? 277 HOH A O   1 
HETATM 831 O  O   . HOH C 3 .   ? -2.894  -10.061 -9.157  1.00 41.42 ? 278 HOH A O   1 
HETATM 832 O  O   . HOH C 3 .   ? -15.752 11.353  -1.865  1.00 49.06 ? 279 HOH A O   1 
HETATM 833 O  O   . HOH C 3 .   ? -9.481  1.663   -9.639  1.00 40.98 ? 280 HOH A O   1 
HETATM 834 O  O   . HOH C 3 .   ? -0.479  17.277  3.461   1.00 43.04 ? 281 HOH A O   1 
HETATM 835 O  O   . HOH C 3 .   ? 13.089  4.404   -5.179  1.00 40.11 ? 282 HOH A O   1 
HETATM 836 O  O   . HOH C 3 .   ? -7.530  -3.878  -9.522  1.00 41.01 ? 283 HOH A O   1 
HETATM 837 O  O   . HOH C 3 .   ? 2.103   5.187   16.497  1.00 42.02 ? 284 HOH A O   1 
HETATM 838 O  O   . HOH C 3 .   ? 7.960   11.530  -7.787  1.00 48.92 ? 285 HOH A O   1 
HETATM 839 O  O   . HOH C 3 .   ? -12.780 -4.629  -3.970  1.00 47.23 ? 286 HOH A O   1 
HETATM 840 O  O   . HOH C 3 .   ? 9.549   -13.205 -0.887  1.00 46.47 ? 287 HOH A O   1 
HETATM 841 O  O   . HOH C 3 .   ? 8.528   6.734   15.944  1.00 44.88 ? 288 HOH A O   1 
HETATM 842 O  O   . HOH C 3 .   ? -13.116 -0.024  -5.545  1.00 49.02 ? 289 HOH A O   1 
HETATM 843 O  O   . HOH C 3 .   ? -3.818  -19.146 8.086   1.00 44.76 ? 290 HOH A O   1 
HETATM 844 O  O   . HOH C 3 .   ? -2.538  2.822   -16.972 1.00 44.13 ? 291 HOH A O   1 
HETATM 845 O  O   . HOH C 3 .   ? -9.967  15.536  -3.451  1.00 56.02 ? 292 HOH A O   1 
HETATM 846 O  O   . HOH C 3 .   ? 12.146  -12.019 0.212   1.00 51.07 ? 293 HOH A O   1 
HETATM 847 O  O   . HOH C 3 .   ? -11.634 -7.537  -5.160  1.00 55.19 ? 294 HOH A O   1 
HETATM 848 O  O   . HOH C 3 .   ? -10.424 7.828   -7.511  1.00 45.73 ? 295 HOH A O   1 
HETATM 849 O  O   . HOH C 3 .   ? -0.537  14.019  -7.745  1.00 50.04 ? 296 HOH A O   1 
HETATM 850 O  O   . HOH C 3 .   ? 7.280   -8.714  10.170  1.00 43.44 ? 297 HOH A O   1 
HETATM 851 O  O   . HOH C 3 .   ? -10.168 17.519  -5.449  1.00 60.41 ? 298 HOH A O   1 
HETATM 852 O  O   . HOH C 3 .   ? 13.295  -6.834  -2.491  1.00 45.26 ? 299 HOH A O   1 
HETATM 853 O  O   . HOH C 3 .   ? 8.774   9.138   14.401  1.00 66.56 ? 300 HOH A O   1 
HETATM 854 O  O   . HOH C 3 .   ? -2.098  -19.310 0.536   1.00 46.52 ? 301 HOH A O   1 
HETATM 855 O  O   . HOH C 3 .   ? -5.163  2.463   -14.804 1.00 47.97 ? 302 HOH A O   1 
HETATM 856 O  O   . HOH C 3 .   ? -2.358  1.125   9.736   1.00 40.96 ? 303 HOH A O   1 
HETATM 857 O  O   . HOH C 3 .   ? 1.400   3.912   -14.275 1.00 46.50 ? 304 HOH A O   1 
HETATM 858 O  O   . HOH C 3 .   ? 1.206   8.050   17.448  1.00 66.37 ? 305 HOH A O   1 
HETATM 859 O  O   . HOH C 3 .   ? 7.755   18.945  1.750   1.00 59.63 ? 306 HOH A O   1 
HETATM 860 O  O   . HOH C 3 .   ? -12.537 -7.346  0.905   1.00 63.29 ? 307 HOH A O   1 
HETATM 861 O  O   . HOH C 3 .   ? 11.027  15.065  -2.104  1.00 50.85 ? 308 HOH A O   1 
HETATM 862 O  O   . HOH C 3 .   ? 11.789  2.140   -5.857  1.00 53.38 ? 309 HOH A O   1 
HETATM 863 O  O   . HOH C 3 .   ? -5.628  -14.879 12.003  1.00 48.69 ? 310 HOH A O   1 
HETATM 864 O  O   . HOH C 3 .   ? 10.568  -5.885  1.456   1.00 51.20 ? 311 HOH A O   1 
HETATM 865 O  O   . HOH C 3 .   ? 8.400   -19.141 -5.575  1.00 46.13 ? 312 HOH A O   1 
HETATM 866 O  O   . HOH C 3 .   ? -7.653  2.905   -12.124 1.00 42.70 ? 313 HOH A O   1 
HETATM 867 O  O   . HOH C 3 .   ? 0.336   10.159  -11.853 1.00 57.52 ? 314 HOH A O   1 
HETATM 868 O  O   . HOH C 3 .   ? 12.655  10.259  -3.595  1.00 56.46 ? 315 HOH A O   1 
HETATM 869 O  O   . HOH C 3 .   ? 6.414   -12.392 10.329  1.00 54.46 ? 316 HOH A O   1 
HETATM 870 O  O   . HOH C 3 .   ? -9.423  0.972   -13.410 1.00 57.80 ? 317 HOH A O   1 
HETATM 871 O  O   . HOH C 3 .   ? -5.468  -12.589 15.224  1.00 48.64 ? 318 HOH A O   1 
HETATM 872 O  O   . HOH C 3 .   ? 12.210  -2.535  -4.696  1.00 55.85 ? 319 HOH A O   1 
HETATM 873 O  O   . HOH C 3 .   ? 2.547   9.021   -15.355 1.00 68.59 ? 320 HOH A O   1 
HETATM 874 O  O   . HOH C 3 .   ? -15.604 4.575   -2.760  1.00 53.59 ? 321 HOH A O   1 
HETATM 875 O  O   . HOH C 3 .   ? -10.979 0.950   -6.618  1.00 58.41 ? 322 HOH A O   1 
HETATM 876 O  O   . HOH C 3 .   ? 9.164   15.651  -3.810  1.00 53.69 ? 323 HOH A O   1 
HETATM 877 O  O   . HOH C 3 .   ? -9.417  6.338   4.515   1.00 51.12 ? 324 HOH A O   1 
HETATM 878 O  O   . HOH C 3 .   ? -15.744 3.025   -4.604  1.00 62.21 ? 325 HOH A O   1 
HETATM 879 O  O   . HOH C 3 .   ? -10.456 4.392   -9.631  1.00 52.45 ? 326 HOH A O   1 
HETATM 880 O  O   . HOH C 3 .   ? 14.394  5.640   -3.122  1.00 40.77 ? 327 HOH A O   1 
HETATM 881 O  O   . HOH C 3 .   ? -4.923  -17.977 5.664   1.00 76.03 ? 328 HOH A O   1 
HETATM 882 O  O   . HOH C 3 .   ? -10.102 -0.323  -11.301 1.00 59.65 ? 329 HOH A O   1 
HETATM 883 O  O   . HOH C 3 .   ? 5.009   -8.812  12.957  1.00 67.42 ? 330 HOH A O   1 
HETATM 884 O  O   . HOH C 3 .   ? -12.933 3.643   -6.871  1.00 56.00 ? 331 HOH A O   1 
HETATM 885 O  O   . HOH C 3 .   ? 2.651   -7.197  12.601  1.00 66.38 ? 332 HOH A O   1 
HETATM 886 O  O   . HOH C 3 .   ? 7.535   7.639   6.885   1.00 64.96 ? 333 HOH A O   1 
HETATM 887 O  O   . HOH C 3 .   ? -8.067  12.683  -11.581 1.00 71.62 ? 334 HOH A O   1 
HETATM 888 O  O   . HOH C 3 .   ? 13.150  -9.479  -1.010  1.00 53.40 ? 335 HOH A O   1 
HETATM 889 O  O   . HOH C 3 .   ? 6.915   -3.641  12.094  1.00 54.24 ? 336 HOH A O   1 
HETATM 890 O  O   . HOH C 3 .   ? 12.571  11.830  0.421   1.00 53.03 ? 337 HOH A O   1 
HETATM 891 O  O   . HOH C 3 .   ? -3.979  -17.340 -7.366  1.00 57.67 ? 338 HOH A O   1 
HETATM 892 O  O   . HOH C 3 .   ? 5.713   15.781  -0.392  1.00 45.52 ? 339 HOH A O   1 
HETATM 893 O  O   . HOH C 3 .   ? 1.303   -11.511 11.008  1.00 53.92 ? 340 HOH A O   1 
HETATM 894 O  O   . HOH C 3 .   ? -7.868  -14.259 -2.201  1.00 65.52 ? 341 HOH A O   1 
HETATM 895 O  O   . HOH C 3 .   ? -2.012  -20.671 -3.254  1.00 50.10 ? 342 HOH A O   1 
HETATM 896 O  O   . HOH C 3 .   ? 7.500   -15.142 -6.556  1.00 47.75 ? 343 HOH A O   1 
HETATM 897 O  O   . HOH C 3 .   ? -8.465  -16.220 2.320   1.00 58.52 ? 344 HOH A O   1 
HETATM 898 O  O   . HOH C 3 .   ? 6.693   -16.808 -4.649  1.00 47.30 ? 345 HOH A O   1 
HETATM 899 O  O   . HOH C 3 .   ? 10.694  -3.123  0.714   1.00 27.40 ? 346 HOH A O   1 
HETATM 900 O  O   . HOH C 3 .   ? -13.597 9.559   0.222   1.00 62.02 ? 347 HOH A O   1 
HETATM 901 O  O   . HOH C 3 .   ? -13.055 8.599   -2.384  1.00 60.22 ? 348 HOH A O   1 
HETATM 902 O  O   . HOH C 3 .   ? -10.434 12.387  -10.281 1.00 55.70 ? 349 HOH A O   1 
# 
